data_9OMF
#
_entry.id   9OMF
#
_cell.length_a   1.00
_cell.length_b   1.00
_cell.length_c   1.00
_cell.angle_alpha   90.00
_cell.angle_beta   90.00
_cell.angle_gamma   90.00
#
_symmetry.space_group_name_H-M   'P 1'
#
loop_
_entity.id
_entity.type
_entity.pdbx_description
1 polymer 'Protein-L-isoaspartate O-methyltransferase domain-containing protein 1'
2 polymer Cullin-5
3 polymer 'RING-box protein 2'
4 polymer Elongin-B
5 polymer Elongin-C
#
loop_
_entity_poly.entity_id
_entity_poly.type
_entity_poly.pdbx_seq_one_letter_code
_entity_poly.pdbx_strand_id
1 'polypeptide(L)'
;SMGGAVSAGEDNDDLIDNLKEAQYIRTERVEQAFRAIDRGDYYLEGYRDNAYKDLAWKHGNIHLSAPCIYSEVMEALKLQ
PGLSFLNLGSGTGYLSTMVGLILGPFGINHGIELHSDVVEYAKEKLESFIKNSDSFDKFEFCEPAFVVGNCLQIASDSHQ
YDRIYCGAGVQKDHENYMKILLKVGGILVMPIEDQLTQIMRTGQNTWESKNILAVSFAPLVQPSKNDNGKPDSVGLPPCA
VRNLQDLARIYIRRTLRNFINDEMQAKGIPQRAPPKRKRKRVKQRINTYVFVGNQLIPQPLDSEEDEKMEEDIKEEEEKD
HNEAMKPEEPPQNLLREKIMKLPLPESLKAYLTYFRDK
;
A
2 'polypeptide(L)'
;GEFMATSNLLKNKGSLQFEDKWDFMRPIVLKLLRQESVTKQQWFDLFSDVHAVCLWDDKGPAKIHQALKEDILEFIKQAQ
ARVLSHQDDTALLKAYIVEWRKFFTQCDILPKPFCQLEITLMGKQGSNKKSNVEDSIVRKLMLDTWNESIFSNIKNRLQD
SAMKLVHAERLGEAFDSQLVIGVRESYVNLCSNPEDKLQIYRDNFEKAYLDSTERFYRTQAPSYLQQNGVQNYMKYADAK
LKEEEKRALRYLETRRECNSVEALMECCVNALVTSFKETILAECQGMIKRNETEKLHLMFSLMDKVPNGIEPMLKDLEEH
IISAGLADMVAAAETITTDSEKYVEQLLTLFNRFSKLVKEAFQDDPRFLTARDKAYKAVVNDATIFKLELPLKQKGVGLK
TQPESKCPELLANYCDMLLRKTPLSKKLTSEEIEAKLKEVLLVLKYVQNKDVFMRYHKAHLTRRLILDISADSEIEENMV
EWLREVGMPADYVNKLARMFQDIKVSEDLNQAFKEMHKNNKLALPADSVNIKILNAGAWSRSSEKVFVSLPTELEDLIPE
VEEFYKKNHYGRKLHWHHLMSNGIITFKNEVGQYDLEVTTFQLAVLFAWNQRPREKISFENVKLATELPDAELRRTLWSL
VAFPKLKRQVLLYEPQVNSPKDFTEGTLFSVNQEFSLIKNAKVQKRGKINLIGRLQLTTERMREEENEGIVQLRILRTQE
AIIQIMKMRKKISNAQLQTELVEILKNMFLPQKKMIKEQIEWLIEHKYILRDESDINTFIYMA
;
B
3 'polypeptide(L)'
;MADVEDGEEPCVLSSHSGSAGSKSGGDKMFSLKKWNAVAMWSWDVECDTCAICRVQVMDACLRCQAENKQEDCVVVWGEC
NHSFHNCCMSLWVKQNNRCPLCQQDWVVQRIGK
;
C
4 'polypeptide(L)'
;MDVFLMIRRHKTTIFTDAKESSTVFELKRIVEGILKRPPDEQRLYKDDQLLDDGKTLGECGFTSQTARPQAPATVGLAFR
ADDTFEALCIEPFSSPPELPDVMKPQDSGSSANEQAVQ
;
D
5 'polypeptide(L)'
;MYVKLISSDGHEFIVKREHALTSGTIKAMLSGPGQFAENETNEVNFREIPSHVLSKVCMYFTYKVRYTNSSTEIPEFPIA
PEIALELLMAANFLDC
;
E
#
# COMPACT_ATOMS: atom_id res chain seq x y z
N ASP A 11 47.36 -36.60 -6.51
CA ASP A 11 45.94 -36.76 -6.91
C ASP A 11 45.06 -37.09 -5.72
N ASN A 12 43.75 -37.24 -5.96
CA ASN A 12 42.83 -37.47 -4.85
C ASN A 12 42.66 -38.94 -4.56
N ASP A 13 43.38 -39.79 -5.28
CA ASP A 13 43.27 -41.23 -5.04
C ASP A 13 43.82 -41.59 -3.67
N ASP A 14 44.88 -40.91 -3.22
CA ASP A 14 45.48 -41.20 -1.93
C ASP A 14 44.50 -40.97 -0.80
N LEU A 15 43.69 -39.93 -0.91
CA LEU A 15 42.69 -39.67 0.11
C LEU A 15 41.62 -40.75 0.11
N ILE A 16 41.15 -41.14 -1.07
CA ILE A 16 40.11 -42.16 -1.16
C ILE A 16 40.62 -43.48 -0.57
N ASP A 17 41.88 -43.81 -0.88
CA ASP A 17 42.47 -45.02 -0.29
C ASP A 17 42.63 -44.89 1.22
N ASN A 18 42.96 -43.70 1.70
CA ASN A 18 43.08 -43.51 3.14
C ASN A 18 41.74 -43.74 3.84
N LEU A 19 40.64 -43.33 3.20
CA LEU A 19 39.32 -43.58 3.73
C LEU A 19 38.96 -45.05 3.75
N LYS A 20 39.40 -45.81 2.74
CA LYS A 20 39.14 -47.24 2.73
C LYS A 20 40.04 -47.94 3.73
N GLU A 21 41.31 -47.56 3.78
CA GLU A 21 42.27 -48.17 4.68
C GLU A 21 41.94 -47.85 6.13
N ALA A 22 41.25 -46.74 6.37
CA ALA A 22 40.80 -46.40 7.71
C ALA A 22 39.65 -47.27 8.18
N GLN A 23 39.15 -48.18 7.33
CA GLN A 23 38.06 -49.08 7.69
C GLN A 23 36.81 -48.30 8.08
N TYR A 24 36.43 -47.36 7.22
CA TYR A 24 35.21 -46.62 7.45
C TYR A 24 33.99 -47.32 6.89
N ILE A 25 34.17 -48.18 5.87
CA ILE A 25 33.07 -48.86 5.24
C ILE A 25 32.85 -50.24 5.86
N ARG A 26 33.87 -51.09 5.84
CA ARG A 26 33.85 -52.38 6.54
C ARG A 26 32.86 -53.37 5.94
N THR A 27 31.62 -52.95 5.72
CA THR A 27 30.55 -53.83 5.31
C THR A 27 30.60 -54.13 3.82
N GLU A 28 29.78 -55.10 3.41
CA GLU A 28 29.59 -55.41 2.00
C GLU A 28 28.25 -54.90 1.47
N ARG A 29 27.47 -54.22 2.32
CA ARG A 29 26.14 -53.79 1.89
C ARG A 29 26.22 -52.91 0.65
N VAL A 30 27.27 -52.10 0.56
CA VAL A 30 27.45 -51.21 -0.59
C VAL A 30 27.63 -52.03 -1.86
N GLU A 31 28.42 -53.10 -1.79
CA GLU A 31 28.62 -53.93 -2.98
C GLU A 31 27.32 -54.64 -3.36
N GLN A 32 26.52 -55.00 -2.37
CA GLN A 32 25.25 -55.66 -2.64
C GLN A 32 24.32 -54.74 -3.43
N ALA A 33 24.32 -53.45 -3.10
CA ALA A 33 23.49 -52.53 -3.87
C ALA A 33 23.96 -52.47 -5.33
N PHE A 34 25.28 -52.51 -5.54
CA PHE A 34 25.79 -52.54 -6.90
C PHE A 34 25.51 -53.85 -7.60
N ARG A 35 25.41 -54.96 -6.87
CA ARG A 35 25.03 -56.18 -7.56
C ARG A 35 23.53 -56.25 -7.80
N ALA A 36 22.73 -55.62 -6.93
CA ALA A 36 21.29 -55.77 -7.04
C ALA A 36 20.71 -54.82 -8.09
N ILE A 37 21.18 -53.58 -8.13
CA ILE A 37 20.64 -52.55 -9.01
C ILE A 37 21.47 -52.51 -10.28
N ASP A 38 20.80 -52.53 -11.43
CA ASP A 38 21.52 -52.55 -12.70
C ASP A 38 21.92 -51.14 -13.11
N ARG A 39 23.21 -50.98 -13.42
CA ARG A 39 23.72 -49.70 -13.88
C ARG A 39 23.03 -49.32 -15.19
N GLY A 40 22.64 -48.05 -15.28
CA GLY A 40 22.12 -47.51 -16.52
C GLY A 40 20.61 -47.46 -16.56
N ASP A 41 19.94 -48.18 -15.65
CA ASP A 41 18.48 -48.24 -15.70
C ASP A 41 17.88 -47.00 -15.06
N TYR A 42 18.73 -46.07 -14.63
CA TYR A 42 18.32 -44.77 -14.13
C TYR A 42 18.80 -43.64 -15.02
N TYR A 43 19.31 -43.95 -16.19
CA TYR A 43 19.83 -42.93 -17.08
C TYR A 43 18.79 -42.67 -18.16
N LEU A 44 19.02 -41.63 -18.95
CA LEU A 44 18.12 -41.26 -20.02
C LEU A 44 18.11 -42.29 -21.13
N GLU A 45 16.92 -42.50 -21.72
CA GLU A 45 16.75 -43.51 -22.76
C GLU A 45 17.62 -43.26 -23.98
N GLY A 46 18.02 -42.01 -24.23
CA GLY A 46 18.88 -41.73 -25.37
C GLY A 46 20.30 -42.25 -25.22
N TYR A 47 20.70 -42.70 -24.04
CA TYR A 47 22.06 -43.17 -23.86
C TYR A 47 22.07 -44.56 -23.22
N ARG A 48 21.46 -44.66 -22.05
CA ARG A 48 21.48 -45.88 -21.24
C ARG A 48 22.89 -46.48 -21.17
N ASP A 49 23.91 -45.63 -21.07
CA ASP A 49 25.29 -46.13 -21.14
C ASP A 49 26.25 -45.44 -20.17
N ASN A 50 25.99 -44.19 -19.81
CA ASN A 50 26.97 -43.44 -19.02
C ASN A 50 27.18 -43.98 -17.62
N ALA A 51 26.35 -44.91 -17.14
CA ALA A 51 26.61 -45.47 -15.83
C ALA A 51 27.90 -46.28 -15.81
N TYR A 52 28.42 -46.63 -16.98
CA TYR A 52 29.59 -47.48 -17.12
C TYR A 52 30.83 -46.70 -17.53
N LYS A 53 30.71 -45.38 -17.64
CA LYS A 53 31.78 -44.53 -18.14
C LYS A 53 31.92 -43.31 -17.24
N ASP A 54 33.14 -42.79 -17.13
CA ASP A 54 33.39 -41.58 -16.36
C ASP A 54 33.42 -40.41 -17.32
N LEU A 55 32.43 -39.53 -17.20
CA LEU A 55 32.31 -38.37 -18.08
C LEU A 55 31.34 -37.40 -17.42
N ALA A 56 30.82 -36.46 -18.19
CA ALA A 56 29.75 -35.60 -17.72
C ALA A 56 28.44 -36.36 -17.76
N TRP A 57 27.80 -36.53 -16.60
CA TRP A 57 26.63 -37.35 -16.48
C TRP A 57 25.36 -36.52 -16.50
N LYS A 58 25.51 -35.20 -16.53
CA LYS A 58 24.38 -34.29 -16.44
C LYS A 58 23.76 -34.10 -17.82
N HIS A 59 22.46 -34.35 -17.94
CA HIS A 59 21.79 -34.22 -19.23
C HIS A 59 20.32 -33.93 -18.97
N GLY A 60 19.78 -32.92 -19.65
CA GLY A 60 18.40 -32.56 -19.39
C GLY A 60 18.25 -32.22 -17.91
N ASN A 61 17.31 -32.88 -17.26
CA ASN A 61 17.04 -32.69 -15.85
C ASN A 61 17.59 -33.82 -14.98
N ILE A 62 18.44 -34.66 -15.55
CA ILE A 62 19.00 -35.82 -14.87
C ILE A 62 20.31 -35.43 -14.21
N HIS A 63 20.40 -35.64 -12.89
CA HIS A 63 21.48 -35.10 -12.09
C HIS A 63 22.28 -36.22 -11.41
N LEU A 64 22.17 -37.44 -11.93
CA LEU A 64 22.86 -38.55 -11.29
C LEU A 64 24.28 -38.69 -11.84
N SER A 65 25.10 -39.46 -11.13
CA SER A 65 26.45 -39.76 -11.59
C SER A 65 26.92 -41.12 -11.07
N ALA A 66 26.46 -42.19 -11.71
CA ALA A 66 26.55 -43.52 -11.09
C ALA A 66 27.99 -43.91 -10.76
N PRO A 67 28.99 -43.57 -11.56
CA PRO A 67 30.35 -44.09 -11.31
C PRO A 67 30.99 -43.55 -10.05
N CYS A 68 32.28 -43.21 -10.13
CA CYS A 68 33.05 -42.79 -8.96
C CYS A 68 32.33 -41.77 -8.10
N ILE A 69 31.58 -40.85 -8.69
CA ILE A 69 31.01 -39.76 -7.91
C ILE A 69 30.01 -40.31 -6.90
N TYR A 70 29.01 -41.05 -7.38
CA TYR A 70 28.01 -41.60 -6.48
C TYR A 70 28.56 -42.80 -5.74
N SER A 71 29.56 -43.47 -6.28
CA SER A 71 30.09 -44.65 -5.61
C SER A 71 30.71 -44.25 -4.27
N GLU A 72 31.43 -43.14 -4.26
CA GLU A 72 32.05 -42.65 -3.04
C GLU A 72 31.00 -42.13 -2.08
N VAL A 73 29.91 -41.59 -2.60
CA VAL A 73 28.81 -41.18 -1.73
C VAL A 73 28.22 -42.37 -1.00
N MET A 74 27.99 -43.48 -1.72
CA MET A 74 27.43 -44.65 -1.09
C MET A 74 28.34 -45.17 0.01
N GLU A 75 29.66 -45.07 -0.21
CA GLU A 75 30.59 -45.49 0.83
C GLU A 75 30.73 -44.41 1.89
N ALA A 76 30.60 -43.15 1.51
CA ALA A 76 30.76 -42.08 2.48
C ALA A 76 29.75 -42.21 3.60
N LEU A 77 28.56 -42.70 3.29
CA LEU A 77 27.53 -42.95 4.28
C LEU A 77 27.64 -44.37 4.79
N LYS A 78 27.79 -44.52 6.10
CA LYS A 78 27.84 -45.86 6.68
C LYS A 78 26.54 -46.63 6.50
N LEU A 79 25.39 -45.94 6.52
CA LEU A 79 24.12 -46.55 6.17
C LEU A 79 23.88 -47.84 6.95
N GLN A 80 23.80 -47.72 8.26
CA GLN A 80 23.39 -48.85 9.07
C GLN A 80 21.94 -49.20 8.73
N PRO A 81 21.62 -50.48 8.57
CA PRO A 81 20.25 -50.82 8.17
C PRO A 81 19.23 -50.24 9.13
N GLY A 82 18.10 -49.81 8.58
CA GLY A 82 17.02 -49.25 9.36
C GLY A 82 17.06 -47.76 9.59
N LEU A 83 18.13 -47.09 9.21
CA LEU A 83 18.21 -45.65 9.43
C LEU A 83 17.40 -44.91 8.37
N SER A 84 17.10 -43.65 8.67
CA SER A 84 16.34 -42.81 7.75
C SER A 84 17.26 -41.98 6.86
N PHE A 85 17.04 -42.09 5.54
CA PHE A 85 17.87 -41.46 4.53
C PHE A 85 17.14 -40.26 3.94
N LEU A 86 17.85 -39.14 3.82
CA LEU A 86 17.31 -37.94 3.18
C LEU A 86 18.19 -37.56 1.99
N ASN A 87 17.55 -37.35 0.85
CA ASN A 87 18.23 -37.10 -0.42
C ASN A 87 17.69 -35.82 -1.03
N LEU A 88 18.51 -34.76 -1.03
CA LEU A 88 18.14 -33.50 -1.66
C LEU A 88 18.94 -33.36 -2.95
N GLY A 89 18.25 -33.53 -4.08
CA GLY A 89 18.92 -33.68 -5.35
C GLY A 89 18.86 -35.11 -5.82
N SER A 90 17.68 -35.73 -5.69
CA SER A 90 17.59 -37.18 -5.87
C SER A 90 17.74 -37.59 -7.32
N GLY A 91 17.63 -36.65 -8.26
CA GLY A 91 17.70 -37.00 -9.66
C GLY A 91 16.65 -38.02 -10.06
N THR A 92 17.10 -39.12 -10.65
CA THR A 92 16.20 -40.19 -11.07
C THR A 92 16.06 -41.30 -10.03
N GLY A 93 16.67 -41.16 -8.86
CA GLY A 93 16.56 -42.16 -7.81
C GLY A 93 17.66 -43.18 -7.77
N TYR A 94 18.76 -42.96 -8.48
CA TYR A 94 19.85 -43.92 -8.50
C TYR A 94 20.32 -44.22 -7.08
N LEU A 95 20.69 -43.18 -6.34
CA LEU A 95 21.14 -43.36 -4.97
C LEU A 95 19.97 -43.72 -4.05
N SER A 96 18.81 -43.12 -4.26
CA SER A 96 17.71 -43.31 -3.32
C SER A 96 17.29 -44.78 -3.28
N THR A 97 17.35 -45.45 -4.42
CA THR A 97 17.07 -46.88 -4.48
C THR A 97 18.22 -47.70 -3.93
N MET A 98 19.44 -47.38 -4.36
CA MET A 98 20.58 -48.20 -3.94
C MET A 98 20.92 -47.99 -2.48
N VAL A 99 20.78 -46.76 -1.99
CA VAL A 99 20.91 -46.51 -0.55
C VAL A 99 19.76 -47.18 0.20
N GLY A 100 18.54 -47.10 -0.35
CA GLY A 100 17.45 -47.82 0.25
C GLY A 100 17.71 -49.31 0.31
N LEU A 101 18.39 -49.86 -0.69
CA LEU A 101 18.81 -51.25 -0.59
C LEU A 101 19.79 -51.47 0.54
N ILE A 102 20.81 -50.63 0.66
CA ILE A 102 21.78 -50.74 1.74
C ILE A 102 21.11 -50.61 3.10
N LEU A 103 20.16 -49.70 3.24
CA LEU A 103 19.50 -49.55 4.54
C LEU A 103 18.43 -50.60 4.79
N GLY A 104 18.18 -51.48 3.82
CA GLY A 104 17.07 -52.41 3.94
C GLY A 104 15.87 -52.01 3.12
N PRO A 105 15.24 -53.00 2.47
CA PRO A 105 14.08 -52.70 1.63
C PRO A 105 13.00 -51.91 2.32
N PHE A 106 12.89 -52.00 3.64
CA PHE A 106 11.88 -51.28 4.39
C PHE A 106 12.48 -50.16 5.24
N GLY A 107 13.60 -49.59 4.79
CA GLY A 107 14.12 -48.37 5.36
C GLY A 107 13.36 -47.16 4.85
N ILE A 108 13.77 -46.00 5.34
CA ILE A 108 13.12 -44.73 5.02
C ILE A 108 14.00 -43.98 4.04
N ASN A 109 13.45 -43.64 2.88
CA ASN A 109 14.20 -43.01 1.81
C ASN A 109 13.30 -41.93 1.19
N HIS A 110 13.57 -40.67 1.56
CA HIS A 110 12.75 -39.53 1.15
C HIS A 110 13.56 -38.57 0.29
N GLY A 111 13.26 -38.54 -1.00
CA GLY A 111 14.01 -37.74 -1.95
C GLY A 111 13.23 -36.54 -2.43
N ILE A 112 13.96 -35.46 -2.70
CA ILE A 112 13.41 -34.29 -3.39
C ILE A 112 14.32 -33.90 -4.54
N GLU A 113 13.73 -33.42 -5.64
CA GLU A 113 14.48 -32.94 -6.80
C GLU A 113 13.83 -31.69 -7.36
N LEU A 114 14.62 -30.89 -8.09
CA LEU A 114 14.19 -29.57 -8.53
C LEU A 114 13.07 -29.60 -9.57
N HIS A 115 13.00 -30.61 -10.43
CA HIS A 115 12.15 -30.59 -11.62
C HIS A 115 11.20 -31.78 -11.58
N SER A 116 9.97 -31.59 -12.04
CA SER A 116 9.04 -32.71 -12.11
C SER A 116 9.30 -33.62 -13.31
N ASP A 117 10.03 -33.13 -14.32
CA ASP A 117 10.32 -33.96 -15.47
C ASP A 117 11.24 -35.12 -15.11
N VAL A 118 12.21 -34.88 -14.24
CA VAL A 118 13.12 -35.95 -13.86
C VAL A 118 12.51 -36.84 -12.79
N VAL A 119 11.66 -36.28 -11.92
CA VAL A 119 10.91 -37.15 -11.01
C VAL A 119 9.89 -37.96 -11.79
N GLU A 120 9.20 -37.33 -12.73
CA GLU A 120 8.32 -38.09 -13.61
C GLU A 120 9.10 -39.20 -14.31
N TYR A 121 10.31 -38.86 -14.78
CA TYR A 121 11.18 -39.86 -15.38
C TYR A 121 11.65 -40.88 -14.34
N ALA A 122 11.94 -40.43 -13.12
CA ALA A 122 12.32 -41.35 -12.06
C ALA A 122 11.28 -42.43 -11.85
N LYS A 123 10.00 -42.06 -11.90
CA LYS A 123 8.96 -43.08 -11.80
C LYS A 123 8.98 -44.00 -13.02
N GLU A 124 9.21 -43.43 -14.20
CA GLU A 124 9.36 -44.27 -15.39
C GLU A 124 10.52 -45.23 -15.24
N LYS A 125 11.64 -44.76 -14.66
CA LYS A 125 12.80 -45.62 -14.47
C LYS A 125 12.58 -46.68 -13.40
N LEU A 126 11.86 -46.35 -12.32
CA LEU A 126 11.55 -47.38 -11.33
C LEU A 126 10.59 -48.41 -11.89
N GLU A 127 9.61 -47.97 -12.66
CA GLU A 127 8.73 -48.94 -13.30
C GLU A 127 9.48 -49.72 -14.37
N SER A 128 10.34 -49.05 -15.12
CA SER A 128 11.10 -49.72 -16.17
C SER A 128 12.08 -50.72 -15.60
N PHE A 129 12.72 -50.36 -14.49
CA PHE A 129 13.60 -51.31 -13.81
C PHE A 129 12.85 -52.55 -13.36
N ILE A 130 11.72 -52.38 -12.67
CA ILE A 130 10.96 -53.55 -12.24
C ILE A 130 10.49 -54.34 -13.45
N LYS A 131 10.06 -53.66 -14.50
CA LYS A 131 9.60 -54.37 -15.68
C LYS A 131 10.71 -55.05 -16.47
N ASN A 132 11.81 -54.38 -16.75
CA ASN A 132 12.74 -54.89 -17.75
C ASN A 132 14.18 -55.01 -17.31
N SER A 133 14.48 -54.87 -16.02
CA SER A 133 15.87 -55.01 -15.61
C SER A 133 16.27 -56.49 -15.53
N ASP A 134 17.58 -56.70 -15.36
CA ASP A 134 18.16 -58.02 -15.35
C ASP A 134 18.35 -58.59 -13.95
N SER A 135 18.65 -57.74 -12.98
CA SER A 135 18.91 -58.20 -11.63
C SER A 135 17.69 -58.14 -10.72
N PHE A 136 16.57 -57.61 -11.20
CA PHE A 136 15.42 -57.41 -10.33
C PHE A 136 14.98 -58.72 -9.68
N ASP A 137 14.86 -59.79 -10.47
CA ASP A 137 14.26 -61.02 -9.98
C ASP A 137 15.15 -61.77 -8.99
N LYS A 138 16.33 -61.25 -8.68
CA LYS A 138 17.26 -61.89 -7.78
C LYS A 138 17.26 -61.27 -6.39
N PHE A 139 16.85 -60.00 -6.25
CA PHE A 139 17.10 -59.24 -5.05
C PHE A 139 15.84 -58.54 -4.56
N GLU A 140 15.89 -58.16 -3.28
CA GLU A 140 14.91 -57.25 -2.68
C GLU A 140 15.33 -55.83 -3.02
N PHE A 141 14.36 -54.94 -3.10
CA PHE A 141 14.64 -53.54 -3.39
C PHE A 141 13.76 -52.62 -2.56
N CYS A 142 14.24 -51.40 -2.31
CA CYS A 142 13.44 -50.33 -1.73
C CYS A 142 13.01 -49.38 -2.85
N GLU A 143 11.72 -49.06 -2.89
CA GLU A 143 11.22 -48.04 -3.80
C GLU A 143 11.20 -46.67 -3.14
N PRO A 144 12.00 -45.72 -3.62
CA PRO A 144 12.07 -44.41 -2.96
C PRO A 144 10.88 -43.54 -3.26
N ALA A 145 10.68 -42.55 -2.39
CA ALA A 145 9.63 -41.55 -2.54
C ALA A 145 10.23 -40.27 -3.10
N PHE A 146 9.42 -39.51 -3.84
CA PHE A 146 9.86 -38.23 -4.35
C PHE A 146 8.85 -37.12 -4.09
N VAL A 147 9.38 -35.91 -3.95
CA VAL A 147 8.63 -34.67 -4.08
C VAL A 147 9.42 -33.73 -4.98
N VAL A 148 8.74 -32.74 -5.54
CA VAL A 148 9.39 -31.74 -6.40
C VAL A 148 9.37 -30.40 -5.68
N GLY A 149 10.51 -29.72 -5.69
CA GLY A 149 10.63 -28.40 -5.10
C GLY A 149 12.08 -27.99 -5.06
N ASN A 150 12.30 -26.75 -4.64
CA ASN A 150 13.66 -26.22 -4.56
C ASN A 150 14.36 -26.70 -3.30
N CYS A 151 15.45 -27.46 -3.49
CA CYS A 151 16.11 -28.12 -2.37
C CYS A 151 16.74 -27.14 -1.39
N LEU A 152 16.94 -25.89 -1.78
CA LEU A 152 17.56 -24.88 -0.94
C LEU A 152 16.54 -24.12 -0.10
N GLN A 153 15.25 -24.43 -0.24
CA GLN A 153 14.26 -23.68 0.50
C GLN A 153 13.61 -24.53 1.59
N ILE A 154 14.29 -24.64 2.74
CA ILE A 154 13.93 -25.59 3.77
C ILE A 154 12.97 -24.94 4.76
N ALA A 155 11.78 -25.52 4.92
CA ALA A 155 10.75 -24.92 5.76
C ALA A 155 10.91 -25.36 7.21
N SER A 156 10.26 -24.65 8.12
CA SER A 156 10.29 -25.04 9.54
C SER A 156 9.65 -26.39 9.81
N ASP A 157 8.94 -26.98 8.85
CA ASP A 157 8.35 -28.30 9.04
C ASP A 157 9.32 -29.45 8.76
N SER A 158 10.59 -29.15 8.50
CA SER A 158 11.59 -30.20 8.34
C SER A 158 11.87 -30.89 9.66
N HIS A 159 12.43 -32.10 9.58
CA HIS A 159 12.68 -32.86 10.80
C HIS A 159 14.17 -33.10 10.97
N GLN A 160 14.54 -34.35 11.27
CA GLN A 160 15.92 -34.78 11.49
C GLN A 160 16.08 -36.11 10.77
N TYR A 161 17.25 -36.35 10.20
CA TYR A 161 17.51 -37.64 9.57
C TYR A 161 18.86 -38.18 10.01
N ASP A 162 19.08 -39.46 9.74
CA ASP A 162 20.26 -40.15 10.23
C ASP A 162 21.40 -40.10 9.22
N ARG A 163 21.07 -40.27 7.95
CA ARG A 163 22.04 -40.25 6.87
C ARG A 163 21.47 -39.38 5.76
N ILE A 164 22.20 -38.33 5.41
CA ILE A 164 21.70 -37.28 4.54
C ILE A 164 22.67 -37.06 3.40
N TYR A 165 22.16 -36.93 2.19
CA TYR A 165 22.99 -36.59 1.04
C TYR A 165 22.33 -35.54 0.18
N CYS A 166 23.15 -34.62 -0.36
CA CYS A 166 22.73 -33.67 -1.36
C CYS A 166 23.27 -34.09 -2.73
N GLY A 167 22.39 -34.19 -3.70
CA GLY A 167 22.73 -34.65 -5.03
C GLY A 167 23.05 -33.55 -6.02
N ALA A 168 23.24 -32.32 -5.54
CA ALA A 168 23.56 -31.22 -6.43
C ALA A 168 24.41 -30.21 -5.67
N GLY A 169 25.04 -29.31 -6.42
CA GLY A 169 26.04 -28.42 -5.87
C GLY A 169 25.47 -27.49 -4.81
N VAL A 170 26.19 -27.32 -3.71
CA VAL A 170 25.75 -26.49 -2.59
C VAL A 170 26.75 -25.35 -2.39
N GLN A 171 26.22 -24.15 -2.18
CA GLN A 171 27.04 -23.01 -1.81
C GLN A 171 27.40 -23.07 -0.33
N LYS A 172 28.65 -22.77 -0.03
CA LYS A 172 29.12 -22.81 1.34
C LYS A 172 28.28 -21.89 2.24
N ASP A 173 27.86 -20.74 1.74
CA ASP A 173 27.09 -19.84 2.57
C ASP A 173 25.71 -20.40 2.97
N HIS A 174 25.21 -21.41 2.28
CA HIS A 174 23.89 -21.97 2.58
C HIS A 174 23.97 -23.39 3.12
N GLU A 175 25.16 -23.87 3.49
CA GLU A 175 25.31 -25.30 3.78
C GLU A 175 24.44 -25.68 4.97
N ASN A 176 24.09 -24.68 5.78
CA ASN A 176 23.37 -24.96 7.02
C ASN A 176 21.96 -25.46 6.76
N TYR A 177 21.47 -25.29 5.52
CA TYR A 177 20.10 -25.70 5.22
C TYR A 177 19.93 -27.19 5.40
N MET A 178 21.03 -27.95 5.35
CA MET A 178 20.96 -29.38 5.61
C MET A 178 21.79 -29.78 6.82
N LYS A 179 22.83 -29.03 7.16
CA LYS A 179 23.56 -29.31 8.39
C LYS A 179 22.62 -29.34 9.59
N ILE A 180 21.66 -28.43 9.62
CA ILE A 180 20.69 -28.38 10.71
C ILE A 180 19.80 -29.61 10.74
N LEU A 181 19.73 -30.37 9.65
CA LEU A 181 18.83 -31.50 9.55
C LEU A 181 19.44 -32.81 10.03
N LEU A 182 20.71 -32.81 10.42
CA LEU A 182 21.39 -34.03 10.79
C LEU A 182 21.29 -34.26 12.28
N LYS A 183 20.87 -35.45 12.67
CA LYS A 183 20.77 -35.82 14.08
C LYS A 183 22.13 -36.24 14.60
N VAL A 184 22.31 -36.13 15.93
CA VAL A 184 23.58 -36.47 16.53
C VAL A 184 23.91 -37.92 16.23
N GLY A 185 25.13 -38.15 15.75
CA GLY A 185 25.57 -39.47 15.35
C GLY A 185 25.39 -39.79 13.88
N GLY A 186 24.74 -38.93 13.10
CA GLY A 186 24.53 -39.18 11.69
C GLY A 186 25.68 -38.70 10.83
N ILE A 187 25.51 -38.88 9.52
CA ILE A 187 26.49 -38.45 8.53
C ILE A 187 25.76 -37.66 7.45
N LEU A 188 26.28 -36.48 7.16
CA LEU A 188 25.78 -35.64 6.07
C LEU A 188 26.86 -35.47 5.02
N VAL A 189 26.50 -35.74 3.77
CA VAL A 189 27.43 -35.70 2.66
C VAL A 189 26.90 -34.68 1.65
N MET A 190 27.75 -33.70 1.30
CA MET A 190 27.27 -32.75 0.30
C MET A 190 28.39 -32.31 -0.62
N PRO A 191 28.14 -32.22 -1.93
CA PRO A 191 29.13 -31.68 -2.88
C PRO A 191 29.17 -30.16 -2.82
N ILE A 192 29.71 -29.64 -1.73
CA ILE A 192 29.56 -28.21 -1.46
C ILE A 192 30.52 -27.47 -2.39
N GLU A 193 29.96 -26.69 -3.31
CA GLU A 193 30.76 -26.04 -4.34
C GLU A 193 31.73 -27.05 -4.96
N ASP A 194 31.20 -28.24 -5.28
CA ASP A 194 31.96 -29.29 -5.93
C ASP A 194 33.06 -29.83 -5.03
N GLN A 195 32.99 -29.54 -3.73
CA GLN A 195 33.82 -30.17 -2.72
C GLN A 195 32.95 -31.12 -1.93
N LEU A 196 33.13 -32.41 -2.16
CA LEU A 196 32.31 -33.44 -1.56
C LEU A 196 32.86 -33.77 -0.16
N THR A 197 32.09 -33.48 0.88
CA THR A 197 32.59 -33.61 2.24
C THR A 197 31.67 -34.52 3.07
N GLN A 198 32.29 -35.10 4.11
CA GLN A 198 31.60 -35.94 5.09
C GLN A 198 31.45 -35.18 6.39
N ILE A 199 30.22 -34.75 6.68
CA ILE A 199 29.90 -33.91 7.82
C ILE A 199 29.25 -34.79 8.87
N MET A 200 29.84 -34.81 10.07
CA MET A 200 29.40 -35.65 11.16
C MET A 200 29.06 -34.78 12.37
N ARG A 201 27.99 -35.14 13.06
CA ARG A 201 27.57 -34.47 14.28
C ARG A 201 27.91 -35.38 15.46
N THR A 202 28.81 -34.91 16.31
CA THR A 202 29.26 -35.70 17.46
C THR A 202 28.63 -35.25 18.78
N GLY A 203 27.77 -34.25 18.76
CA GLY A 203 27.15 -33.75 19.96
C GLY A 203 26.16 -32.65 19.64
N GLN A 204 25.65 -32.00 20.69
CA GLN A 204 24.63 -30.98 20.47
C GLN A 204 25.19 -29.79 19.69
N ASN A 205 26.43 -29.40 19.95
CA ASN A 205 27.03 -28.27 19.25
C ASN A 205 28.47 -28.58 18.86
N THR A 206 28.77 -29.85 18.59
CA THR A 206 30.12 -30.27 18.24
C THR A 206 30.07 -31.03 16.92
N TRP A 207 30.87 -30.59 15.97
CA TRP A 207 30.82 -31.12 14.61
C TRP A 207 32.21 -31.53 14.18
N GLU A 208 32.27 -32.50 13.27
CA GLU A 208 33.52 -32.87 12.65
C GLU A 208 33.27 -33.15 11.18
N SER A 209 34.25 -32.88 10.32
CA SER A 209 34.12 -33.13 8.89
C SER A 209 35.42 -33.64 8.29
N LYS A 210 35.27 -34.43 7.23
CA LYS A 210 36.40 -34.90 6.41
C LYS A 210 36.06 -34.68 4.94
N ASN A 211 37.10 -34.57 4.12
CA ASN A 211 36.91 -34.53 2.69
C ASN A 211 36.63 -35.93 2.16
N ILE A 212 35.85 -36.01 1.09
CA ILE A 212 35.59 -37.27 0.41
C ILE A 212 36.28 -37.26 -0.94
N LEU A 213 35.88 -36.33 -1.81
CA LEU A 213 36.25 -36.37 -3.20
C LEU A 213 36.06 -34.99 -3.82
N ALA A 214 36.93 -34.64 -4.77
CA ALA A 214 36.68 -33.51 -5.65
C ALA A 214 35.76 -33.96 -6.78
N VAL A 215 34.64 -33.27 -6.94
CA VAL A 215 33.54 -33.72 -7.79
C VAL A 215 33.16 -32.60 -8.76
N SER A 216 32.17 -32.89 -9.60
CA SER A 216 31.57 -31.90 -10.50
C SER A 216 30.06 -32.10 -10.48
N PHE A 217 29.34 -31.15 -9.89
CA PHE A 217 27.90 -31.18 -9.86
C PHE A 217 27.33 -29.92 -10.50
N ALA A 218 26.12 -30.06 -11.05
CA ALA A 218 25.30 -28.89 -11.33
C ALA A 218 24.84 -28.25 -10.03
N PRO A 219 25.02 -26.93 -9.89
CA PRO A 219 24.59 -26.28 -8.64
C PRO A 219 23.09 -26.34 -8.47
N LEU A 220 22.65 -26.31 -7.22
CA LEU A 220 21.26 -26.02 -6.92
C LEU A 220 20.93 -24.57 -7.24
N VAL A 221 19.67 -24.34 -7.61
CA VAL A 221 19.22 -23.01 -8.02
C VAL A 221 19.02 -22.16 -6.78
N GLN A 222 19.86 -21.13 -6.63
CA GLN A 222 19.84 -20.32 -5.42
C GLN A 222 18.57 -19.49 -5.33
N PRO A 223 17.92 -19.48 -4.17
CA PRO A 223 16.68 -18.71 -4.03
C PRO A 223 16.91 -17.24 -4.36
N SER A 224 15.95 -16.68 -5.10
CA SER A 224 15.97 -15.27 -5.46
C SER A 224 14.60 -14.62 -5.31
N LYS A 225 13.63 -15.30 -4.72
CA LYS A 225 12.28 -14.78 -4.61
C LYS A 225 12.17 -13.89 -3.38
N ASN A 226 11.39 -12.83 -3.52
CA ASN A 226 11.16 -11.88 -2.43
C ASN A 226 9.69 -11.48 -2.43
N ASP A 227 9.23 -11.06 -1.26
CA ASP A 227 7.89 -10.48 -1.11
C ASP A 227 6.82 -11.47 -1.55
N ASN A 228 7.05 -12.76 -1.26
CA ASN A 228 6.06 -13.79 -1.53
C ASN A 228 6.35 -14.99 -0.63
N GLY A 229 5.54 -16.03 -0.78
CA GLY A 229 5.70 -17.24 -0.02
C GLY A 229 6.35 -18.37 -0.78
N LYS A 230 7.44 -18.09 -1.49
CA LYS A 230 8.29 -19.16 -1.97
C LYS A 230 9.44 -19.44 -1.00
N PRO A 231 10.11 -18.40 -0.47
CA PRO A 231 11.29 -18.62 0.37
C PRO A 231 11.06 -19.49 1.58
N ASP A 232 11.87 -20.56 1.72
CA ASP A 232 11.80 -21.47 2.87
C ASP A 232 10.41 -22.05 3.05
N SER A 233 9.77 -22.37 1.92
CA SER A 233 8.40 -22.96 1.98
C SER A 233 8.36 -24.30 1.23
N VAL A 234 9.53 -24.90 0.95
CA VAL A 234 9.51 -26.22 0.31
C VAL A 234 9.78 -27.31 1.34
N GLY A 235 10.88 -27.21 2.07
CA GLY A 235 11.14 -28.17 3.11
C GLY A 235 11.49 -29.54 2.57
N LEU A 236 11.10 -30.57 3.31
CA LEU A 236 11.48 -31.92 2.95
C LEU A 236 10.29 -32.69 2.40
N PRO A 237 10.52 -33.83 1.75
CA PRO A 237 9.42 -34.66 1.25
C PRO A 237 8.48 -35.07 2.38
N PRO A 238 7.20 -35.31 2.07
CA PRO A 238 6.29 -35.82 3.10
C PRO A 238 6.82 -37.07 3.79
N CYS A 239 6.77 -37.07 5.11
CA CYS A 239 7.30 -38.18 5.87
C CYS A 239 6.20 -39.21 6.08
N ALA A 240 6.08 -40.15 5.14
CA ALA A 240 4.86 -40.92 4.99
C ALA A 240 5.20 -42.34 4.60
N VAL A 241 4.25 -43.23 4.81
CA VAL A 241 4.42 -44.65 4.55
C VAL A 241 4.31 -44.89 3.05
N ARG A 242 5.16 -45.75 2.50
CA ARG A 242 5.18 -45.98 1.07
C ARG A 242 3.96 -46.80 0.64
N ASN A 243 3.94 -47.14 -0.64
CA ASN A 243 2.78 -47.72 -1.28
C ASN A 243 2.72 -49.23 -1.06
N LEU A 244 1.64 -49.83 -1.54
CA LEU A 244 1.41 -51.25 -1.30
C LEU A 244 2.15 -52.15 -2.28
N GLN A 245 2.33 -51.73 -3.53
CA GLN A 245 3.08 -52.59 -4.44
C GLN A 245 4.49 -52.86 -3.91
N ASP A 246 5.16 -51.85 -3.38
CA ASP A 246 6.51 -52.07 -2.87
C ASP A 246 6.49 -52.89 -1.59
N LEU A 247 5.50 -52.65 -0.72
CA LEU A 247 5.36 -53.47 0.49
C LEU A 247 5.20 -54.95 0.14
N ALA A 248 4.25 -55.25 -0.74
CA ALA A 248 4.00 -56.64 -1.11
C ALA A 248 5.16 -57.20 -1.92
N ARG A 249 5.67 -56.40 -2.86
CA ARG A 249 6.73 -56.87 -3.74
C ARG A 249 7.94 -57.29 -2.93
N ILE A 250 8.28 -56.51 -1.91
CA ILE A 250 9.42 -56.87 -1.06
C ILE A 250 9.15 -58.17 -0.30
N TYR A 251 7.95 -58.30 0.27
CA TYR A 251 7.66 -59.54 0.98
C TYR A 251 7.49 -60.72 0.02
N ILE A 252 7.13 -60.46 -1.23
CA ILE A 252 7.19 -61.53 -2.22
C ILE A 252 8.63 -61.98 -2.43
N ARG A 253 9.56 -61.04 -2.59
CA ARG A 253 10.95 -61.43 -2.80
C ARG A 253 11.53 -62.10 -1.56
N ARG A 254 11.17 -61.60 -0.37
CA ARG A 254 11.62 -62.22 0.88
C ARG A 254 11.11 -63.62 1.01
N THR A 255 9.83 -63.82 0.69
CA THR A 255 9.23 -65.14 0.78
C THR A 255 10.01 -66.14 -0.06
N LEU A 256 10.22 -65.80 -1.33
CA LEU A 256 10.97 -66.73 -2.18
C LEU A 256 12.43 -66.82 -1.75
N ARG A 257 13.08 -65.68 -1.51
CA ARG A 257 14.50 -65.72 -1.15
C ARG A 257 14.73 -66.49 0.15
N ASN A 258 13.83 -66.34 1.13
CA ASN A 258 13.99 -67.06 2.39
C ASN A 258 13.81 -68.55 2.19
N PHE A 259 12.98 -68.94 1.23
CA PHE A 259 12.80 -70.37 1.00
C PHE A 259 14.03 -70.96 0.34
N ILE A 260 14.52 -70.32 -0.73
CA ILE A 260 15.64 -70.91 -1.45
C ILE A 260 16.89 -70.94 -0.59
N ASN A 261 16.97 -70.04 0.41
CA ASN A 261 18.11 -70.08 1.32
C ASN A 261 18.18 -71.41 2.04
N ASP A 262 17.04 -72.08 2.21
CA ASP A 262 17.09 -73.41 2.83
C ASP A 262 17.08 -74.51 1.77
N GLU A 263 16.40 -74.28 0.66
CA GLU A 263 16.31 -75.30 -0.38
C GLU A 263 17.64 -75.49 -1.09
N MET A 264 18.50 -74.47 -1.06
CA MET A 264 19.83 -74.59 -1.63
C MET A 264 20.78 -75.33 -0.69
N GLN A 265 20.30 -75.77 0.46
CA GLN A 265 21.09 -76.56 1.39
C GLN A 265 20.71 -78.03 1.31
N GLN A 332 16.21 -71.36 -9.70
CA GLN A 332 16.21 -70.07 -10.37
C GLN A 332 14.94 -69.30 -10.05
N ASN A 333 15.10 -68.06 -9.60
CA ASN A 333 13.95 -67.25 -9.21
C ASN A 333 13.03 -66.99 -10.40
N LEU A 334 13.60 -66.85 -11.60
CA LEU A 334 12.77 -66.54 -12.76
C LEU A 334 11.78 -67.67 -13.01
N LEU A 335 12.22 -68.91 -12.86
CA LEU A 335 11.34 -70.05 -13.11
C LEU A 335 10.41 -70.30 -11.94
N ARG A 336 10.89 -70.12 -10.72
CA ARG A 336 10.03 -70.31 -9.55
C ARG A 336 8.87 -69.34 -9.55
N GLU A 337 9.11 -68.09 -9.94
CA GLU A 337 8.03 -67.11 -9.97
C GLU A 337 7.00 -67.43 -11.04
N LYS A 338 7.30 -68.36 -11.95
CA LYS A 338 6.30 -68.71 -12.95
C LYS A 338 5.18 -69.57 -12.39
N ILE A 339 5.38 -70.25 -11.27
CA ILE A 339 4.35 -71.09 -10.66
C ILE A 339 3.93 -70.40 -9.37
N MET A 340 3.13 -69.32 -9.48
CA MET A 340 2.54 -68.76 -8.27
C MET A 340 1.02 -68.64 -8.29
N LYS A 341 0.33 -69.31 -9.22
CA LYS A 341 -1.11 -69.13 -9.40
C LYS A 341 -1.48 -67.70 -9.76
N LEU A 342 -0.53 -66.91 -10.26
CA LEU A 342 -0.83 -65.60 -10.81
C LEU A 342 -0.65 -65.53 -12.32
N PRO A 343 -1.49 -64.76 -13.01
CA PRO A 343 -1.38 -64.67 -14.47
C PRO A 343 -0.02 -64.13 -14.88
N LEU A 344 0.46 -64.58 -16.04
CA LEU A 344 1.69 -64.02 -16.61
C LEU A 344 1.63 -62.52 -16.86
N PRO A 345 0.55 -61.95 -17.40
CA PRO A 345 0.55 -60.49 -17.63
C PRO A 345 0.95 -59.73 -16.39
N GLU A 346 0.58 -60.21 -15.21
CA GLU A 346 1.05 -59.60 -13.98
C GLU A 346 2.45 -60.08 -13.62
N SER A 347 2.72 -61.37 -13.72
CA SER A 347 4.02 -61.86 -13.26
C SER A 347 5.12 -61.35 -14.19
N LEU A 348 4.81 -61.20 -15.47
CA LEU A 348 5.81 -60.75 -16.43
C LEU A 348 6.39 -59.39 -16.04
N LYS A 349 5.55 -58.48 -15.55
CA LYS A 349 6.07 -57.18 -15.11
C LYS A 349 6.44 -57.18 -13.65
N ALA A 350 5.70 -57.94 -12.85
CA ALA A 350 5.83 -57.86 -11.40
C ALA A 350 7.00 -58.68 -10.91
N TYR A 351 7.27 -59.82 -11.55
CA TYR A 351 8.25 -60.75 -11.02
C TYR A 351 9.24 -61.21 -12.07
N LEU A 352 8.80 -61.44 -13.31
CA LEU A 352 9.60 -62.21 -14.23
C LEU A 352 10.48 -61.38 -15.15
N THR A 353 10.45 -60.06 -15.06
CA THR A 353 11.19 -59.22 -15.99
C THR A 353 10.94 -59.66 -17.43
N TYR A 354 9.71 -60.08 -17.69
CA TYR A 354 9.32 -60.59 -19.01
C TYR A 354 10.28 -61.67 -19.50
N PHE A 355 10.77 -62.47 -18.56
CA PHE A 355 11.69 -63.54 -18.89
C PHE A 355 12.93 -63.01 -19.58
N GLU B 19 -2.72 -53.01 -28.59
CA GLU B 19 -2.30 -51.59 -28.67
C GLU B 19 -3.31 -50.82 -29.49
N ASP B 20 -4.52 -51.37 -29.56
CA ASP B 20 -5.67 -50.77 -30.23
C ASP B 20 -6.85 -51.72 -30.04
N LYS B 21 -6.97 -52.29 -28.84
CA LYS B 21 -7.78 -53.47 -28.64
C LYS B 21 -8.65 -53.32 -27.41
N TRP B 22 -9.39 -52.21 -27.30
CA TRP B 22 -10.26 -51.97 -26.15
C TRP B 22 -11.70 -52.33 -26.51
N ASP B 23 -11.86 -53.60 -26.89
CA ASP B 23 -13.14 -54.13 -27.37
C ASP B 23 -14.18 -54.05 -26.26
N PHE B 24 -13.72 -53.97 -25.02
CA PHE B 24 -14.61 -54.00 -23.86
C PHE B 24 -14.68 -52.64 -23.19
N MET B 25 -13.76 -51.74 -23.52
CA MET B 25 -13.68 -50.48 -22.82
C MET B 25 -13.99 -49.29 -23.72
N ARG B 26 -13.94 -49.47 -25.04
CA ARG B 26 -14.29 -48.35 -25.92
C ARG B 26 -15.70 -47.84 -25.57
N PRO B 27 -16.66 -48.72 -25.32
CA PRO B 27 -18.00 -48.23 -24.97
C PRO B 27 -17.97 -47.20 -23.88
N ILE B 28 -17.01 -47.25 -22.96
CA ILE B 28 -16.97 -46.19 -21.97
C ILE B 28 -16.09 -45.04 -22.44
N VAL B 29 -14.92 -45.33 -23.05
CA VAL B 29 -14.01 -44.26 -23.41
C VAL B 29 -14.61 -43.41 -24.53
N LEU B 30 -15.16 -44.06 -25.55
CA LEU B 30 -15.69 -43.28 -26.68
C LEU B 30 -16.90 -42.46 -26.26
N LYS B 31 -17.78 -43.01 -25.43
CA LYS B 31 -18.91 -42.21 -24.97
C LYS B 31 -18.47 -41.04 -24.13
N LEU B 32 -17.43 -41.21 -23.29
CA LEU B 32 -16.96 -40.08 -22.52
C LEU B 32 -16.30 -39.04 -23.40
N LEU B 33 -15.54 -39.48 -24.40
CA LEU B 33 -14.86 -38.52 -25.27
C LEU B 33 -15.85 -37.58 -25.95
N ARG B 34 -17.02 -38.07 -26.31
CA ARG B 34 -18.07 -37.26 -26.89
C ARG B 34 -18.99 -36.61 -25.85
N GLN B 35 -18.69 -36.78 -24.56
CA GLN B 35 -19.52 -36.26 -23.48
C GLN B 35 -20.95 -36.77 -23.58
N GLU B 36 -21.08 -38.05 -23.84
CA GLU B 36 -22.37 -38.72 -23.77
C GLU B 36 -22.64 -39.11 -22.32
N SER B 37 -23.90 -39.39 -22.03
CA SER B 37 -24.26 -39.84 -20.69
C SER B 37 -23.58 -41.17 -20.39
N VAL B 38 -22.75 -41.19 -19.35
CA VAL B 38 -22.07 -42.40 -18.92
C VAL B 38 -22.29 -42.55 -17.42
N THR B 39 -22.54 -43.78 -16.99
CA THR B 39 -22.88 -44.02 -15.60
C THR B 39 -21.65 -43.81 -14.72
N LYS B 40 -21.86 -43.22 -13.55
CA LYS B 40 -20.76 -43.03 -12.63
C LYS B 40 -20.08 -44.34 -12.32
N GLN B 41 -20.85 -45.42 -12.21
CA GLN B 41 -20.28 -46.72 -11.89
C GLN B 41 -19.42 -47.23 -13.02
N GLN B 42 -19.80 -46.94 -14.26
CA GLN B 42 -19.09 -47.46 -15.41
C GLN B 42 -17.67 -46.91 -15.47
N TRP B 43 -17.54 -45.59 -15.27
CA TRP B 43 -16.24 -44.96 -15.22
C TRP B 43 -15.42 -45.51 -14.05
N PHE B 44 -16.04 -45.65 -12.89
CA PHE B 44 -15.38 -46.24 -11.75
C PHE B 44 -14.92 -47.67 -12.05
N ASP B 45 -15.82 -48.50 -12.60
CA ASP B 45 -15.46 -49.87 -12.96
C ASP B 45 -14.32 -49.93 -13.96
N LEU B 46 -14.19 -48.89 -14.77
CA LEU B 46 -13.08 -48.82 -15.71
C LEU B 46 -11.74 -48.98 -15.00
N PHE B 47 -11.64 -48.58 -13.73
CA PHE B 47 -10.40 -48.76 -12.98
C PHE B 47 -10.12 -50.23 -12.75
N SER B 48 -11.16 -51.01 -12.47
CA SER B 48 -11.02 -52.46 -12.31
C SER B 48 -10.95 -53.19 -13.64
N ASP B 49 -11.43 -52.56 -14.72
CA ASP B 49 -11.25 -53.15 -16.04
C ASP B 49 -9.82 -53.03 -16.56
N VAL B 50 -9.20 -51.87 -16.35
CA VAL B 50 -7.80 -51.71 -16.75
C VAL B 50 -6.89 -52.56 -15.87
N HIS B 51 -7.29 -52.77 -14.62
CA HIS B 51 -6.64 -53.80 -13.82
C HIS B 51 -6.82 -55.16 -14.45
N ALA B 52 -8.06 -55.46 -14.85
CA ALA B 52 -8.31 -56.74 -15.51
C ALA B 52 -7.50 -56.84 -16.80
N VAL B 53 -7.36 -55.73 -17.52
CA VAL B 53 -6.55 -55.76 -18.74
C VAL B 53 -5.09 -56.07 -18.43
N CYS B 54 -4.51 -55.44 -17.42
CA CYS B 54 -3.13 -55.78 -17.07
C CYS B 54 -3.02 -57.09 -16.30
N LEU B 55 -4.13 -57.64 -15.82
CA LEU B 55 -4.07 -58.91 -15.11
C LEU B 55 -4.51 -60.10 -15.97
N TRP B 56 -5.38 -59.89 -16.94
CA TRP B 56 -5.94 -60.98 -17.74
C TRP B 56 -5.79 -60.70 -19.23
N ASP B 57 -4.54 -60.64 -19.68
CA ASP B 57 -4.27 -60.37 -21.09
C ASP B 57 -2.88 -60.86 -21.43
N ASP B 58 -2.51 -60.65 -22.70
CA ASP B 58 -1.18 -60.93 -23.20
C ASP B 58 -0.32 -59.69 -23.30
N LYS B 59 -0.91 -58.54 -23.61
CA LYS B 59 -0.18 -57.30 -23.79
C LYS B 59 -0.61 -56.20 -22.82
N GLY B 60 -1.47 -56.49 -21.86
CA GLY B 60 -2.05 -55.48 -21.02
C GLY B 60 -1.07 -54.40 -20.63
N PRO B 61 0.00 -54.78 -19.93
CA PRO B 61 0.99 -53.79 -19.47
C PRO B 61 1.58 -52.94 -20.58
N ALA B 62 1.54 -53.42 -21.81
CA ALA B 62 2.12 -52.67 -22.92
C ALA B 62 1.07 -52.01 -23.81
N LYS B 63 -0.13 -52.59 -23.94
CA LYS B 63 -1.12 -52.09 -24.88
C LYS B 63 -1.99 -50.98 -24.33
N ILE B 64 -2.09 -50.84 -23.01
CA ILE B 64 -3.11 -49.92 -22.49
C ILE B 64 -2.81 -48.52 -22.98
N HIS B 65 -1.55 -48.08 -22.85
CA HIS B 65 -1.26 -46.71 -23.25
C HIS B 65 -1.18 -46.54 -24.76
N GLN B 66 -0.93 -47.60 -25.53
CA GLN B 66 -0.94 -47.45 -26.98
C GLN B 66 -2.37 -47.56 -27.52
N ALA B 67 -3.18 -48.43 -26.92
CA ALA B 67 -4.58 -48.50 -27.31
C ALA B 67 -5.29 -47.17 -27.01
N LEU B 68 -4.88 -46.49 -25.94
CA LEU B 68 -5.37 -45.15 -25.69
C LEU B 68 -5.01 -44.20 -26.83
N LYS B 69 -3.74 -44.21 -27.24
CA LYS B 69 -3.33 -43.33 -28.31
C LYS B 69 -4.18 -43.55 -29.55
N GLU B 70 -4.40 -44.82 -29.92
CA GLU B 70 -5.10 -45.08 -31.18
C GLU B 70 -6.57 -44.72 -31.09
N ASP B 71 -7.21 -44.99 -29.96
CA ASP B 71 -8.60 -44.57 -29.79
C ASP B 71 -8.73 -43.04 -29.72
N ILE B 72 -7.77 -42.37 -29.09
CA ILE B 72 -7.80 -40.92 -29.08
C ILE B 72 -7.57 -40.39 -30.49
N LEU B 73 -6.58 -40.95 -31.18
CA LEU B 73 -6.26 -40.46 -32.51
C LEU B 73 -7.49 -40.52 -33.42
N GLU B 74 -8.28 -41.60 -33.32
CA GLU B 74 -9.50 -41.65 -34.13
C GLU B 74 -10.48 -40.54 -33.74
N PHE B 75 -10.69 -40.35 -32.44
CA PHE B 75 -11.53 -39.23 -32.02
C PHE B 75 -10.94 -37.90 -32.50
N ILE B 76 -9.63 -37.72 -32.34
CA ILE B 76 -9.01 -36.45 -32.67
C ILE B 76 -9.22 -36.14 -34.15
N LYS B 77 -9.03 -37.12 -35.02
CA LYS B 77 -9.25 -36.86 -36.45
C LYS B 77 -10.71 -36.56 -36.73
N GLN B 78 -11.62 -37.24 -36.03
CA GLN B 78 -13.04 -36.94 -36.22
C GLN B 78 -13.33 -35.52 -35.76
N ALA B 79 -12.75 -35.12 -34.63
CA ALA B 79 -12.90 -33.76 -34.14
C ALA B 79 -12.36 -32.74 -35.13
N GLN B 80 -11.22 -33.03 -35.76
CA GLN B 80 -10.72 -32.10 -36.78
C GLN B 80 -11.75 -31.90 -37.87
N ALA B 81 -12.36 -32.98 -38.34
CA ALA B 81 -13.36 -32.81 -39.40
C ALA B 81 -14.53 -31.99 -38.88
N ARG B 82 -14.92 -32.21 -37.62
CA ARG B 82 -16.06 -31.49 -37.08
C ARG B 82 -15.70 -30.04 -36.75
N VAL B 83 -14.41 -29.69 -36.77
CA VAL B 83 -14.02 -28.28 -36.65
C VAL B 83 -13.79 -27.68 -38.02
N LEU B 84 -12.88 -28.26 -38.79
CA LEU B 84 -12.42 -27.62 -40.00
C LEU B 84 -13.46 -27.62 -41.11
N SER B 85 -14.44 -28.51 -41.06
CA SER B 85 -15.47 -28.50 -42.09
C SER B 85 -16.32 -27.24 -42.07
N HIS B 86 -16.28 -26.48 -40.98
CA HIS B 86 -17.03 -25.24 -40.85
C HIS B 86 -16.30 -24.12 -41.59
N GLN B 87 -17.06 -23.18 -42.15
CA GLN B 87 -16.47 -22.11 -42.94
C GLN B 87 -16.55 -20.75 -42.25
N ASP B 88 -17.56 -20.52 -41.41
CA ASP B 88 -17.72 -19.26 -40.73
C ASP B 88 -16.74 -19.14 -39.56
N ASP B 89 -16.40 -17.90 -39.21
CA ASP B 89 -15.54 -17.66 -38.06
C ASP B 89 -16.20 -18.15 -36.77
N THR B 90 -17.51 -17.95 -36.64
CA THR B 90 -18.20 -18.37 -35.42
C THR B 90 -18.28 -19.89 -35.33
N ALA B 91 -18.68 -20.54 -36.43
CA ALA B 91 -18.77 -22.00 -36.42
C ALA B 91 -17.41 -22.64 -36.28
N LEU B 92 -16.40 -22.08 -36.93
CA LEU B 92 -15.04 -22.63 -36.84
C LEU B 92 -14.49 -22.49 -35.43
N LEU B 93 -14.60 -21.28 -34.86
CA LEU B 93 -14.10 -21.07 -33.51
C LEU B 93 -14.91 -21.86 -32.49
N LYS B 94 -16.24 -21.83 -32.62
CA LYS B 94 -17.09 -22.48 -31.62
C LYS B 94 -16.98 -24.00 -31.71
N ALA B 95 -16.90 -24.53 -32.94
CA ALA B 95 -16.75 -25.98 -33.09
C ALA B 95 -15.49 -26.47 -32.41
N TYR B 96 -14.39 -25.72 -32.54
CA TYR B 96 -13.20 -26.13 -31.80
C TYR B 96 -13.43 -26.03 -30.32
N ILE B 97 -14.07 -24.94 -29.89
CA ILE B 97 -14.28 -24.75 -28.45
C ILE B 97 -15.14 -25.88 -27.89
N VAL B 98 -16.20 -26.24 -28.59
CA VAL B 98 -17.08 -27.33 -28.12
C VAL B 98 -16.33 -28.65 -28.14
N GLU B 99 -15.63 -28.94 -29.24
CA GLU B 99 -14.94 -30.21 -29.36
C GLU B 99 -13.84 -30.33 -28.31
N TRP B 100 -13.12 -29.22 -28.07
CA TRP B 100 -12.05 -29.24 -27.09
C TRP B 100 -12.61 -29.36 -25.69
N ARG B 101 -13.62 -28.55 -25.36
CA ARG B 101 -14.19 -28.58 -24.02
C ARG B 101 -14.65 -29.99 -23.64
N LYS B 102 -15.27 -30.70 -24.58
CA LYS B 102 -15.62 -32.09 -24.31
C LYS B 102 -14.36 -32.93 -24.11
N PHE B 103 -13.36 -32.72 -24.94
CA PHE B 103 -12.16 -33.54 -24.88
C PHE B 103 -11.39 -33.20 -23.60
N PHE B 104 -11.20 -31.92 -23.34
CA PHE B 104 -10.40 -31.52 -22.19
C PHE B 104 -11.09 -31.91 -20.90
N THR B 105 -12.40 -31.71 -20.81
CA THR B 105 -13.10 -32.19 -19.62
C THR B 105 -12.70 -33.63 -19.30
N GLN B 106 -12.65 -34.47 -20.32
CA GLN B 106 -12.25 -35.87 -20.10
C GLN B 106 -10.76 -36.03 -19.86
N CYS B 107 -9.94 -35.03 -20.17
CA CYS B 107 -8.50 -35.13 -19.92
C CYS B 107 -8.17 -35.13 -18.45
N ASP B 108 -9.16 -34.87 -17.59
CA ASP B 108 -9.03 -35.07 -16.16
C ASP B 108 -9.93 -36.20 -15.66
N ILE B 109 -10.55 -36.93 -16.58
CA ILE B 109 -11.40 -38.06 -16.22
C ILE B 109 -10.95 -39.37 -16.86
N LEU B 110 -10.82 -39.42 -18.19
CA LEU B 110 -10.42 -40.67 -18.83
C LEU B 110 -9.04 -41.14 -18.41
N PRO B 111 -8.06 -40.23 -18.25
CA PRO B 111 -6.70 -40.64 -17.89
C PRO B 111 -6.48 -40.79 -16.40
N LYS B 112 -7.54 -40.98 -15.61
CA LYS B 112 -7.40 -41.33 -14.20
C LYS B 112 -7.11 -42.81 -14.07
N PRO B 113 -7.93 -43.71 -14.63
CA PRO B 113 -7.51 -45.10 -14.70
C PRO B 113 -6.37 -45.20 -15.70
N PHE B 114 -5.99 -46.42 -16.02
CA PHE B 114 -4.84 -46.68 -16.87
C PHE B 114 -3.53 -46.41 -16.13
N CYS B 115 -3.09 -47.29 -15.25
CA CYS B 115 -2.01 -46.96 -14.33
C CYS B 115 -0.79 -47.85 -14.57
N GLN B 116 0.35 -47.39 -14.07
CA GLN B 116 1.62 -48.12 -14.10
C GLN B 116 2.07 -48.46 -15.52
N LEU B 117 1.98 -47.49 -16.42
CA LEU B 117 2.20 -47.76 -17.84
C LEU B 117 3.51 -47.21 -18.36
N GLU B 118 4.42 -46.80 -17.48
CA GLU B 118 5.71 -46.30 -17.90
C GLU B 118 6.82 -46.90 -17.04
N GLU B 134 -2.74 -35.00 -14.13
CA GLU B 134 -1.57 -35.46 -13.40
C GLU B 134 -0.35 -35.52 -14.33
N ASP B 135 0.27 -36.70 -14.45
CA ASP B 135 1.45 -36.88 -15.27
C ASP B 135 1.47 -38.25 -15.93
N SER B 136 0.30 -38.87 -16.07
CA SER B 136 0.22 -40.18 -16.66
C SER B 136 0.48 -40.12 -18.17
N ILE B 137 0.89 -41.26 -18.71
CA ILE B 137 1.13 -41.35 -20.15
C ILE B 137 -0.16 -41.14 -20.92
N VAL B 138 -1.28 -41.63 -20.38
CA VAL B 138 -2.53 -41.51 -21.11
C VAL B 138 -2.99 -40.08 -21.17
N ARG B 139 -2.76 -39.31 -20.12
CA ARG B 139 -3.11 -37.90 -20.17
C ARG B 139 -2.20 -37.13 -21.12
N LYS B 140 -0.89 -37.45 -21.10
CA LYS B 140 0.02 -36.83 -22.06
C LYS B 140 -0.37 -37.18 -23.48
N LEU B 141 -0.77 -38.43 -23.71
CA LEU B 141 -1.15 -38.85 -25.06
C LEU B 141 -2.39 -38.11 -25.53
N MET B 142 -3.37 -37.95 -24.65
CA MET B 142 -4.57 -37.20 -24.99
C MET B 142 -4.24 -35.78 -25.39
N LEU B 143 -3.47 -35.08 -24.55
CA LEU B 143 -3.18 -33.68 -24.85
C LEU B 143 -2.21 -33.55 -26.02
N ASP B 144 -1.20 -34.42 -26.11
CA ASP B 144 -0.22 -34.26 -27.18
C ASP B 144 -0.78 -34.72 -28.52
N THR B 145 -1.60 -35.78 -28.53
CA THR B 145 -2.16 -36.25 -29.79
C THR B 145 -3.02 -35.17 -30.45
N TRP B 146 -3.84 -34.46 -29.67
CA TRP B 146 -4.59 -33.34 -30.22
C TRP B 146 -3.66 -32.33 -30.87
N ASN B 147 -2.63 -31.92 -30.14
CA ASN B 147 -1.75 -30.85 -30.62
C ASN B 147 -0.91 -31.32 -31.79
N GLU B 148 -0.39 -32.54 -31.71
CA GLU B 148 0.48 -33.00 -32.77
C GLU B 148 -0.28 -33.45 -34.01
N SER B 149 -1.48 -33.99 -33.86
CA SER B 149 -2.16 -34.59 -35.01
C SER B 149 -2.87 -33.57 -35.87
N ILE B 150 -3.64 -32.65 -35.28
CA ILE B 150 -4.59 -31.82 -36.01
C ILE B 150 -4.36 -30.35 -35.72
N PHE B 151 -3.83 -29.99 -34.54
CA PHE B 151 -3.63 -28.57 -34.16
C PHE B 151 -2.54 -27.96 -35.04
N SER B 152 -1.79 -28.79 -35.76
CA SER B 152 -0.71 -28.31 -36.67
C SER B 152 -1.30 -27.44 -37.79
N ASN B 153 -2.59 -27.60 -38.09
CA ASN B 153 -3.27 -26.81 -39.17
C ASN B 153 -4.46 -26.04 -38.60
N ILE B 154 -5.13 -26.57 -37.57
CA ILE B 154 -6.37 -25.92 -37.02
C ILE B 154 -6.01 -24.61 -36.30
N LYS B 155 -4.84 -24.49 -35.67
CA LYS B 155 -4.50 -23.29 -34.86
C LYS B 155 -4.35 -22.00 -35.68
N ASN B 156 -4.07 -22.05 -36.98
CA ASN B 156 -3.87 -20.86 -37.80
C ASN B 156 -5.20 -20.23 -38.15
N ARG B 157 -6.22 -21.05 -38.34
CA ARG B 157 -7.58 -20.61 -38.53
C ARG B 157 -8.24 -20.14 -37.25
N LEU B 158 -7.92 -20.77 -36.12
CA LEU B 158 -8.40 -20.26 -34.83
C LEU B 158 -7.85 -18.88 -34.52
N GLN B 159 -6.55 -18.68 -34.74
CA GLN B 159 -5.97 -17.36 -34.56
C GLN B 159 -6.48 -16.35 -35.58
N ASP B 160 -6.56 -16.73 -36.86
CA ASP B 160 -7.04 -15.80 -37.88
C ASP B 160 -8.48 -15.37 -37.61
N SER B 161 -9.35 -16.32 -37.29
CA SER B 161 -10.74 -16.00 -37.01
C SER B 161 -10.88 -15.26 -35.68
N ALA B 162 -10.13 -15.68 -34.67
CA ALA B 162 -10.22 -15.01 -33.37
C ALA B 162 -9.65 -13.60 -33.44
N MET B 163 -8.59 -13.41 -34.23
CA MET B 163 -8.05 -12.08 -34.42
C MET B 163 -8.99 -11.20 -35.24
N LYS B 164 -9.58 -11.76 -36.29
CA LYS B 164 -10.55 -10.99 -37.06
C LYS B 164 -11.74 -10.60 -36.19
N LEU B 165 -12.13 -11.47 -35.25
CA LEU B 165 -13.25 -11.13 -34.37
C LEU B 165 -12.99 -9.83 -33.64
N VAL B 166 -11.83 -9.72 -32.97
CA VAL B 166 -11.57 -8.54 -32.15
C VAL B 166 -11.28 -7.35 -33.05
N HIS B 167 -10.67 -7.59 -34.20
CA HIS B 167 -10.44 -6.51 -35.16
C HIS B 167 -11.74 -5.86 -35.57
N ALA B 168 -12.79 -6.68 -35.75
CA ALA B 168 -14.09 -6.14 -36.11
C ALA B 168 -14.85 -5.68 -34.87
N GLU B 169 -14.70 -6.43 -33.76
CA GLU B 169 -15.39 -6.05 -32.54
C GLU B 169 -14.94 -4.68 -32.05
N ARG B 170 -13.64 -4.38 -32.19
CA ARG B 170 -13.13 -3.08 -31.79
C ARG B 170 -13.77 -1.96 -32.61
N LEU B 171 -14.37 -2.29 -33.74
CA LEU B 171 -15.05 -1.32 -34.59
C LEU B 171 -16.54 -1.22 -34.30
N GLY B 172 -17.05 -1.98 -33.33
CA GLY B 172 -18.44 -1.92 -32.95
C GLY B 172 -19.29 -3.07 -33.45
N GLU B 173 -18.67 -4.12 -33.98
CA GLU B 173 -19.40 -5.29 -34.47
C GLU B 173 -19.69 -6.20 -33.29
N ALA B 174 -20.96 -6.56 -33.11
CA ALA B 174 -21.40 -7.29 -31.93
C ALA B 174 -21.13 -8.78 -32.13
N PHE B 175 -19.86 -9.15 -31.98
CA PHE B 175 -19.47 -10.55 -32.07
C PHE B 175 -19.71 -11.26 -30.74
N ASP B 176 -19.81 -12.58 -30.81
CA ASP B 176 -19.96 -13.40 -29.60
C ASP B 176 -18.61 -13.46 -28.88
N SER B 177 -18.52 -12.77 -27.75
CA SER B 177 -17.25 -12.68 -27.04
C SER B 177 -16.79 -14.02 -26.49
N GLN B 178 -17.68 -15.01 -26.43
CA GLN B 178 -17.29 -16.32 -25.92
C GLN B 178 -16.39 -17.06 -26.89
N LEU B 179 -16.31 -16.60 -28.14
CA LEU B 179 -15.45 -17.25 -29.13
C LEU B 179 -13.98 -17.04 -28.81
N VAL B 180 -13.58 -15.81 -28.44
CA VAL B 180 -12.20 -15.57 -28.04
C VAL B 180 -11.95 -16.02 -26.60
N ILE B 181 -12.96 -16.04 -25.75
CA ILE B 181 -12.82 -16.62 -24.42
C ILE B 181 -12.54 -18.12 -24.53
N GLY B 182 -13.32 -18.81 -25.37
CA GLY B 182 -13.11 -20.24 -25.54
C GLY B 182 -11.75 -20.56 -26.13
N VAL B 183 -11.26 -19.74 -27.05
CA VAL B 183 -9.92 -19.97 -27.57
C VAL B 183 -8.90 -19.73 -26.47
N ARG B 184 -9.09 -18.64 -25.72
CA ARG B 184 -8.25 -18.40 -24.55
C ARG B 184 -8.27 -19.60 -23.62
N GLU B 185 -9.46 -20.09 -23.29
CA GLU B 185 -9.53 -21.27 -22.43
C GLU B 185 -8.88 -22.48 -23.11
N SER B 186 -9.04 -22.60 -24.43
CA SER B 186 -8.45 -23.76 -25.09
C SER B 186 -6.94 -23.70 -25.06
N TYR B 187 -6.37 -22.54 -25.39
CA TYR B 187 -4.93 -22.52 -25.63
C TYR B 187 -4.16 -22.62 -24.32
N VAL B 188 -4.79 -22.17 -23.23
CA VAL B 188 -4.14 -22.33 -21.89
C VAL B 188 -4.28 -23.81 -21.49
N ASN B 189 -5.30 -24.50 -22.01
CA ASN B 189 -5.47 -25.92 -21.70
C ASN B 189 -4.76 -26.80 -22.71
N LEU B 190 -4.46 -26.29 -23.89
CA LEU B 190 -3.76 -27.10 -24.87
C LEU B 190 -2.30 -27.29 -24.50
N CYS B 191 -1.83 -26.46 -23.57
CA CYS B 191 -0.42 -26.57 -23.08
C CYS B 191 -0.34 -27.86 -22.26
N SER B 192 0.51 -28.81 -22.67
CA SER B 192 0.53 -30.09 -21.99
C SER B 192 1.65 -30.17 -20.97
N ASN B 193 2.61 -29.25 -21.03
CA ASN B 193 3.71 -29.28 -20.10
C ASN B 193 3.22 -28.96 -18.70
N PRO B 194 3.37 -29.87 -17.74
CA PRO B 194 2.80 -29.64 -16.39
C PRO B 194 3.62 -28.68 -15.56
N GLU B 195 4.84 -28.35 -16.01
CA GLU B 195 5.76 -27.53 -15.25
C GLU B 195 5.90 -26.13 -15.82
N ASP B 196 5.79 -25.98 -17.14
CA ASP B 196 5.93 -24.65 -17.76
C ASP B 196 4.80 -24.53 -18.79
N LYS B 197 3.69 -23.88 -18.43
CA LYS B 197 2.51 -23.86 -19.33
C LYS B 197 2.54 -22.66 -20.30
N LEU B 198 3.65 -21.92 -20.35
CA LEU B 198 3.76 -20.80 -21.33
C LEU B 198 4.16 -21.36 -22.70
N GLN B 199 3.20 -21.93 -23.44
CA GLN B 199 3.52 -22.55 -24.75
C GLN B 199 2.43 -22.23 -25.79
N ILE B 200 1.54 -23.18 -26.08
CA ILE B 200 0.53 -22.96 -27.16
C ILE B 200 -0.13 -21.58 -26.97
N TYR B 201 -0.59 -21.27 -25.77
CA TYR B 201 -1.29 -19.98 -25.53
C TYR B 201 -0.30 -18.83 -25.72
N ARG B 202 0.88 -18.95 -25.11
CA ARG B 202 1.87 -17.85 -25.16
C ARG B 202 2.24 -17.49 -26.61
N ASP B 203 2.40 -18.49 -27.48
CA ASP B 203 2.87 -18.21 -28.87
C ASP B 203 1.69 -18.09 -29.84
N ASN B 204 0.75 -19.05 -29.83
CA ASN B 204 -0.33 -19.03 -30.85
C ASN B 204 -1.46 -18.06 -30.46
N PHE B 205 -1.28 -17.27 -29.39
CA PHE B 205 -2.38 -16.38 -28.94
C PHE B 205 -1.82 -15.13 -28.27
N GLU B 206 -1.30 -15.27 -27.05
CA GLU B 206 -0.80 -14.10 -26.28
C GLU B 206 -0.11 -13.08 -27.20
N LYS B 207 1.08 -13.43 -27.72
CA LYS B 207 1.87 -12.46 -28.53
C LYS B 207 1.02 -11.92 -29.68
N ALA B 208 0.34 -12.80 -30.44
CA ALA B 208 -0.41 -12.35 -31.59
C ALA B 208 -1.37 -11.23 -31.23
N TYR B 209 -2.02 -11.32 -30.07
CA TYR B 209 -2.94 -10.26 -29.67
C TYR B 209 -2.19 -9.03 -29.18
N LEU B 210 -1.08 -9.26 -28.47
CA LEU B 210 -0.27 -8.12 -27.96
C LEU B 210 0.28 -7.31 -29.14
N ASP B 211 0.83 -7.98 -30.15
CA ASP B 211 1.40 -7.29 -31.30
C ASP B 211 0.32 -6.73 -32.20
N SER B 212 -0.77 -7.48 -32.41
CA SER B 212 -1.78 -7.05 -33.36
C SER B 212 -2.63 -5.92 -32.81
N THR B 213 -2.91 -5.93 -31.50
CA THR B 213 -3.70 -4.86 -30.91
C THR B 213 -2.94 -3.55 -30.89
N GLU B 214 -1.63 -3.61 -30.55
CA GLU B 214 -0.81 -2.42 -30.65
C GLU B 214 -0.75 -1.90 -32.07
N ARG B 215 -0.56 -2.78 -33.05
CA ARG B 215 -0.54 -2.34 -34.44
C ARG B 215 -1.91 -1.83 -34.86
N PHE B 216 -2.97 -2.52 -34.42
CA PHE B 216 -4.33 -2.07 -34.71
C PHE B 216 -4.54 -0.65 -34.19
N TYR B 217 -4.18 -0.40 -32.93
CA TYR B 217 -4.41 0.93 -32.38
C TYR B 217 -3.46 1.96 -32.96
N ARG B 218 -2.20 1.57 -33.22
CA ARG B 218 -1.28 2.49 -33.88
C ARG B 218 -1.73 2.81 -35.30
N THR B 219 -2.31 1.83 -35.99
CA THR B 219 -2.81 2.10 -37.33
C THR B 219 -4.26 2.56 -37.36
N GLN B 220 -4.99 2.43 -36.25
CA GLN B 220 -6.30 3.06 -36.14
C GLN B 220 -6.21 4.54 -35.76
N ALA B 221 -5.27 4.90 -34.89
CA ALA B 221 -5.14 6.29 -34.47
C ALA B 221 -5.17 7.28 -35.62
N PRO B 222 -4.49 7.04 -36.75
CA PRO B 222 -4.55 8.01 -37.86
C PRO B 222 -5.95 8.36 -38.32
N SER B 223 -6.95 7.54 -38.00
CA SER B 223 -8.32 7.90 -38.32
C SER B 223 -8.88 8.99 -37.42
N TYR B 224 -8.20 9.28 -36.30
CA TYR B 224 -8.58 10.34 -35.39
C TYR B 224 -7.51 11.39 -35.18
N LEU B 225 -6.25 11.08 -35.50
CA LEU B 225 -5.14 11.96 -35.13
C LEU B 225 -5.30 13.33 -35.77
N GLN B 226 -5.75 13.39 -37.02
CA GLN B 226 -5.77 14.63 -37.80
C GLN B 226 -7.18 15.04 -38.18
N GLN B 227 -8.19 14.27 -37.76
CA GLN B 227 -9.57 14.49 -38.17
C GLN B 227 -10.38 15.26 -37.13
N ASN B 228 -9.89 15.39 -35.91
CA ASN B 228 -10.68 15.97 -34.83
C ASN B 228 -9.74 16.61 -33.82
N GLY B 229 -10.32 17.18 -32.77
CA GLY B 229 -9.55 17.75 -31.69
C GLY B 229 -8.96 16.71 -30.76
N VAL B 230 -8.02 17.17 -29.94
CA VAL B 230 -7.33 16.27 -29.02
C VAL B 230 -8.30 15.75 -27.96
N GLN B 231 -9.16 16.62 -27.43
CA GLN B 231 -10.21 16.16 -26.52
C GLN B 231 -11.01 15.02 -27.14
N ASN B 232 -11.41 15.17 -28.39
CA ASN B 232 -12.23 14.14 -29.03
C ASN B 232 -11.40 12.92 -29.39
N TYR B 233 -10.13 13.12 -29.77
CA TYR B 233 -9.23 11.99 -29.92
C TYR B 233 -9.09 11.22 -28.61
N MET B 234 -8.88 11.93 -27.50
CA MET B 234 -8.70 11.28 -26.22
C MET B 234 -9.97 10.54 -25.80
N LYS B 235 -11.13 11.04 -26.22
CA LYS B 235 -12.38 10.30 -26.01
C LYS B 235 -12.33 8.95 -26.72
N TYR B 236 -11.78 8.93 -27.93
CA TYR B 236 -11.59 7.68 -28.66
C TYR B 236 -10.48 6.84 -28.05
N ALA B 237 -9.37 7.48 -27.67
CA ALA B 237 -8.27 6.75 -27.05
C ALA B 237 -8.69 6.15 -25.72
N ASP B 238 -9.45 6.89 -24.92
CA ASP B 238 -9.88 6.38 -23.62
C ASP B 238 -10.99 5.34 -23.79
N ALA B 239 -11.95 5.60 -24.68
CA ALA B 239 -13.05 4.66 -24.87
C ALA B 239 -12.54 3.32 -25.39
N LYS B 240 -11.58 3.36 -26.33
CA LYS B 240 -11.07 2.12 -26.90
C LYS B 240 -10.17 1.39 -25.91
N LEU B 241 -9.43 2.13 -25.09
CA LEU B 241 -8.59 1.50 -24.08
C LEU B 241 -9.44 0.85 -22.99
N LYS B 242 -10.49 1.54 -22.54
CA LYS B 242 -11.33 0.98 -21.50
C LYS B 242 -12.09 -0.25 -22.00
N GLU B 243 -12.60 -0.18 -23.23
CA GLU B 243 -13.28 -1.33 -23.81
C GLU B 243 -12.33 -2.49 -24.03
N GLU B 244 -11.08 -2.20 -24.42
CA GLU B 244 -10.11 -3.27 -24.57
C GLU B 244 -9.74 -3.88 -23.23
N GLU B 245 -9.70 -3.07 -22.16
CA GLU B 245 -9.44 -3.63 -20.85
C GLU B 245 -10.52 -4.64 -20.46
N LYS B 246 -11.79 -4.29 -20.70
CA LYS B 246 -12.87 -5.23 -20.41
C LYS B 246 -12.73 -6.49 -21.25
N ARG B 247 -12.32 -6.33 -22.51
CA ARG B 247 -12.06 -7.49 -23.36
C ARG B 247 -10.81 -8.24 -22.90
N ALA B 248 -9.79 -7.51 -22.46
CA ALA B 248 -8.56 -8.14 -22.00
C ALA B 248 -8.83 -9.12 -20.87
N LEU B 249 -9.72 -8.77 -19.95
CA LEU B 249 -10.04 -9.73 -18.89
C LEU B 249 -10.88 -10.89 -19.41
N ARG B 250 -11.36 -10.83 -20.65
CA ARG B 250 -12.12 -11.94 -21.19
C ARG B 250 -11.24 -12.90 -21.98
N TYR B 251 -10.44 -12.37 -22.91
CA TYR B 251 -9.72 -13.22 -23.85
C TYR B 251 -8.22 -13.33 -23.54
N LEU B 252 -7.77 -12.65 -22.48
CA LEU B 252 -6.35 -12.79 -22.05
C LEU B 252 -6.35 -13.44 -20.65
N GLU B 253 -5.92 -14.70 -20.55
CA GLU B 253 -5.87 -15.40 -19.25
C GLU B 253 -5.36 -14.42 -18.18
N THR B 254 -6.25 -14.03 -17.24
CA THR B 254 -5.86 -13.05 -16.21
C THR B 254 -4.87 -13.68 -15.26
N ARG B 255 -4.89 -15.02 -15.12
CA ARG B 255 -3.98 -15.69 -14.16
C ARG B 255 -2.74 -16.19 -14.92
N ARG B 256 -2.57 -15.77 -16.18
CA ARG B 256 -1.43 -16.26 -16.99
C ARG B 256 -0.11 -15.82 -16.34
N GLU B 257 0.94 -16.63 -16.49
CA GLU B 257 2.26 -16.31 -15.89
C GLU B 257 2.91 -15.16 -16.67
N CYS B 258 2.17 -14.06 -16.89
CA CYS B 258 2.70 -12.90 -17.63
C CYS B 258 1.74 -11.71 -17.49
N ASN B 259 0.56 -11.94 -16.92
CA ASN B 259 -0.46 -10.87 -16.79
C ASN B 259 -0.66 -10.22 -18.15
N SER B 260 -0.86 -11.02 -19.20
CA SER B 260 -1.03 -10.49 -20.58
C SER B 260 -1.90 -9.23 -20.54
N VAL B 261 -2.97 -9.24 -19.73
CA VAL B 261 -3.90 -8.08 -19.69
C VAL B 261 -3.09 -6.80 -19.45
N GLU B 262 -2.20 -6.81 -18.45
CA GLU B 262 -1.39 -5.61 -18.13
C GLU B 262 -0.47 -5.29 -19.33
N ALA B 263 0.20 -6.30 -19.87
CA ALA B 263 1.09 -6.09 -21.04
C ALA B 263 0.28 -5.47 -22.18
N LEU B 264 -0.94 -5.97 -22.40
CA LEU B 264 -1.81 -5.43 -23.48
C LEU B 264 -2.10 -3.95 -23.18
N MET B 265 -2.57 -3.65 -21.96
CA MET B 265 -2.91 -2.27 -21.63
C MET B 265 -1.70 -1.35 -21.82
N GLU B 266 -0.50 -1.84 -21.52
CA GLU B 266 0.70 -1.04 -21.75
C GLU B 266 0.87 -0.72 -23.22
N CYS B 267 0.74 -1.72 -24.09
CA CYS B 267 0.91 -1.46 -25.52
C CYS B 267 -0.28 -0.69 -26.08
N CYS B 268 -1.47 -0.88 -25.51
CA CYS B 268 -2.65 -0.17 -26.01
C CYS B 268 -2.59 1.31 -25.66
N VAL B 269 -2.23 1.63 -24.41
CA VAL B 269 -2.13 3.02 -24.01
C VAL B 269 -0.95 3.69 -24.69
N ASN B 270 0.10 2.93 -24.96
CA ASN B 270 1.22 3.47 -25.72
C ASN B 270 0.83 3.68 -27.18
N ALA B 271 0.04 2.76 -27.74
CA ALA B 271 -0.44 2.95 -29.11
C ALA B 271 -1.40 4.13 -29.22
N LEU B 272 -2.27 4.31 -28.23
CA LEU B 272 -3.32 5.31 -28.33
C LEU B 272 -2.94 6.66 -27.74
N VAL B 273 -2.27 6.67 -26.58
CA VAL B 273 -2.01 7.89 -25.84
C VAL B 273 -0.56 8.35 -26.00
N THR B 274 0.40 7.47 -25.69
CA THR B 274 1.80 7.84 -25.77
C THR B 274 2.20 8.29 -27.16
N SER B 275 1.79 7.58 -28.21
CA SER B 275 2.07 8.02 -29.57
C SER B 275 1.47 9.39 -29.87
N PHE B 276 0.48 9.82 -29.08
CA PHE B 276 -0.11 11.15 -29.23
C PHE B 276 0.25 12.07 -28.07
N LYS B 277 1.09 11.62 -27.12
CA LYS B 277 1.27 12.36 -25.87
C LYS B 277 1.86 13.74 -26.13
N GLU B 278 2.80 13.85 -27.07
CA GLU B 278 3.43 15.13 -27.35
C GLU B 278 2.44 16.16 -27.87
N THR B 279 1.48 15.75 -28.70
CA THR B 279 0.40 16.62 -29.12
C THR B 279 -0.70 16.77 -28.07
N ILE B 280 -0.95 15.73 -27.28
CA ILE B 280 -1.86 15.85 -26.15
C ILE B 280 -1.35 16.91 -25.18
N LEU B 281 -0.05 16.87 -24.88
CA LEU B 281 0.56 17.94 -24.08
C LEU B 281 0.68 19.26 -24.84
N ALA B 282 1.00 19.23 -26.14
CA ALA B 282 1.11 20.48 -26.89
C ALA B 282 -0.15 21.31 -26.80
N GLU B 283 -1.32 20.68 -26.80
CA GLU B 283 -2.59 21.38 -26.69
C GLU B 283 -3.04 21.60 -25.25
N CYS B 284 -2.25 21.14 -24.27
CA CYS B 284 -2.53 21.50 -22.88
C CYS B 284 -2.31 23.00 -22.66
N GLN B 285 -1.22 23.54 -23.20
CA GLN B 285 -1.01 24.98 -23.12
C GLN B 285 -2.13 25.75 -23.81
N GLY B 286 -2.58 25.27 -24.96
CA GLY B 286 -3.71 25.90 -25.61
C GLY B 286 -4.98 25.80 -24.79
N MET B 287 -5.37 24.58 -24.40
CA MET B 287 -6.61 24.41 -23.66
C MET B 287 -6.57 25.14 -22.33
N ILE B 288 -5.42 25.10 -21.64
CA ILE B 288 -5.32 25.76 -20.34
C ILE B 288 -5.33 27.27 -20.51
N LYS B 289 -4.48 27.79 -21.40
CA LYS B 289 -4.40 29.23 -21.61
C LYS B 289 -5.75 29.79 -22.08
N ARG B 290 -6.46 29.03 -22.90
CA ARG B 290 -7.76 29.45 -23.41
C ARG B 290 -8.91 29.13 -22.46
N ASN B 291 -8.63 28.49 -21.32
CA ASN B 291 -9.66 28.13 -20.35
C ASN B 291 -10.75 27.28 -21.01
N GLU B 292 -10.31 26.28 -21.78
CA GLU B 292 -11.23 25.33 -22.42
C GLU B 292 -11.42 24.16 -21.47
N THR B 293 -12.28 24.37 -20.46
CA THR B 293 -12.43 23.42 -19.38
C THR B 293 -13.17 22.16 -19.82
N GLU B 294 -13.94 22.24 -20.90
CA GLU B 294 -14.56 21.03 -21.45
C GLU B 294 -13.54 20.15 -22.14
N LYS B 295 -12.59 20.75 -22.86
CA LYS B 295 -11.61 19.96 -23.60
C LYS B 295 -10.51 19.43 -22.68
N LEU B 296 -10.41 19.95 -21.46
CA LEU B 296 -9.49 19.40 -20.48
C LEU B 296 -10.09 18.24 -19.70
N HIS B 297 -11.33 17.84 -20.01
CA HIS B 297 -11.97 16.78 -19.23
C HIS B 297 -11.22 15.48 -19.39
N LEU B 298 -10.97 15.07 -20.64
CA LEU B 298 -10.21 13.86 -20.89
C LEU B 298 -8.72 14.10 -20.68
N MET B 299 -8.29 15.34 -20.89
CA MET B 299 -6.90 15.71 -20.64
C MET B 299 -6.49 15.35 -19.22
N PHE B 300 -7.34 15.70 -18.25
CA PHE B 300 -7.11 15.35 -16.86
C PHE B 300 -7.22 13.87 -16.62
N SER B 301 -8.25 13.22 -17.17
CA SER B 301 -8.45 11.81 -16.90
C SER B 301 -7.24 10.98 -17.34
N LEU B 302 -6.65 11.36 -18.47
CA LEU B 302 -5.51 10.58 -18.98
C LEU B 302 -4.20 11.10 -18.44
N MET B 303 -3.98 12.43 -18.46
CA MET B 303 -2.66 12.91 -18.10
C MET B 303 -2.38 12.81 -16.60
N ASP B 304 -3.40 12.83 -15.77
CA ASP B 304 -3.17 12.68 -14.34
C ASP B 304 -2.68 11.29 -13.99
N LYS B 305 -2.71 10.36 -14.93
CA LYS B 305 -2.27 9.00 -14.68
C LYS B 305 -0.78 8.82 -14.93
N VAL B 306 -0.13 9.77 -15.58
CA VAL B 306 1.24 9.63 -16.03
C VAL B 306 2.06 10.79 -15.47
N PRO B 307 3.04 10.55 -14.60
CA PRO B 307 3.81 11.67 -14.05
C PRO B 307 4.42 12.58 -15.10
N ASN B 308 4.76 12.04 -16.27
CA ASN B 308 5.40 12.81 -17.33
C ASN B 308 4.37 13.52 -18.21
N GLY B 309 3.09 13.41 -17.87
CA GLY B 309 2.06 14.21 -18.52
C GLY B 309 1.41 15.22 -17.59
N ILE B 310 1.21 14.85 -16.33
CA ILE B 310 0.57 15.73 -15.36
C ILE B 310 1.52 16.86 -14.97
N GLU B 311 2.80 16.54 -14.84
CA GLU B 311 3.76 17.58 -14.46
C GLU B 311 3.92 18.65 -15.51
N PRO B 312 4.18 18.34 -16.78
CA PRO B 312 4.09 19.37 -17.83
C PRO B 312 2.84 20.23 -17.74
N MET B 313 1.67 19.63 -17.51
CA MET B 313 0.45 20.42 -17.35
C MET B 313 0.53 21.33 -16.12
N LEU B 314 1.11 20.86 -15.02
CA LEU B 314 1.26 21.71 -13.85
C LEU B 314 2.17 22.90 -14.16
N LYS B 315 3.21 22.67 -14.96
CA LYS B 315 4.10 23.76 -15.34
C LYS B 315 3.47 24.63 -16.42
N ASP B 316 2.63 24.04 -17.27
CA ASP B 316 1.93 24.82 -18.29
C ASP B 316 0.90 25.74 -17.66
N LEU B 317 0.13 25.23 -16.69
CA LEU B 317 -0.76 26.10 -15.93
C LEU B 317 0.03 27.13 -15.13
N GLU B 318 1.12 26.69 -14.50
CA GLU B 318 1.94 27.60 -13.72
C GLU B 318 2.47 28.75 -14.58
N GLU B 319 3.01 28.42 -15.76
CA GLU B 319 3.61 29.47 -16.59
C GLU B 319 2.54 30.39 -17.17
N HIS B 320 1.40 29.84 -17.57
CA HIS B 320 0.36 30.67 -18.17
C HIS B 320 -0.27 31.60 -17.14
N ILE B 321 -0.38 31.13 -15.89
CA ILE B 321 -0.88 32.00 -14.83
C ILE B 321 0.10 33.14 -14.58
N ILE B 322 1.40 32.82 -14.57
CA ILE B 322 2.42 33.85 -14.36
C ILE B 322 2.36 34.90 -15.47
N SER B 323 2.28 34.46 -16.72
CA SER B 323 2.23 35.40 -17.83
C SER B 323 0.89 36.13 -17.88
N ALA B 324 -0.21 35.38 -17.81
CA ALA B 324 -1.52 35.99 -17.89
C ALA B 324 -1.82 36.82 -16.65
N GLY B 325 -1.37 36.36 -15.49
CA GLY B 325 -1.61 37.13 -14.28
C GLY B 325 -0.94 38.48 -14.30
N LEU B 326 0.38 38.49 -14.59
CA LEU B 326 1.13 39.73 -14.63
C LEU B 326 0.59 40.70 -15.69
N ALA B 327 0.08 40.17 -16.81
CA ALA B 327 -0.49 41.03 -17.83
C ALA B 327 -1.57 41.94 -17.26
N ASP B 328 -2.30 41.46 -16.25
CA ASP B 328 -3.34 42.26 -15.60
C ASP B 328 -2.86 42.87 -14.29
N MET B 329 -2.02 42.16 -13.53
CA MET B 329 -1.62 42.64 -12.21
C MET B 329 -0.57 43.72 -12.30
N VAL B 330 0.23 43.76 -13.36
CA VAL B 330 1.25 44.79 -13.50
C VAL B 330 0.59 46.16 -13.51
N ALA B 331 -0.66 46.23 -13.95
CA ALA B 331 -1.39 47.50 -13.86
C ALA B 331 -2.25 47.54 -12.60
N ALA B 332 -3.01 46.47 -12.35
CA ALA B 332 -4.00 46.48 -11.28
C ALA B 332 -3.36 46.74 -9.93
N ALA B 333 -2.22 46.09 -9.66
CA ALA B 333 -1.62 46.19 -8.33
C ALA B 333 -1.12 47.59 -8.03
N GLU B 334 -0.59 48.28 -9.04
CA GLU B 334 0.08 49.57 -8.84
C GLU B 334 -0.78 50.76 -9.23
N THR B 335 -1.83 50.56 -10.03
CA THR B 335 -2.70 51.67 -10.41
C THR B 335 -3.95 51.75 -9.54
N ILE B 336 -4.29 50.69 -8.81
CA ILE B 336 -5.46 50.73 -7.94
C ILE B 336 -5.05 51.14 -6.53
N THR B 337 -3.92 50.63 -6.05
CA THR B 337 -3.28 51.10 -4.84
C THR B 337 -4.16 50.98 -3.60
N THR B 338 -5.21 51.82 -3.51
CA THR B 338 -5.95 51.99 -2.27
C THR B 338 -7.38 51.48 -2.32
N ASP B 339 -7.94 51.21 -3.50
CA ASP B 339 -9.33 50.79 -3.62
C ASP B 339 -9.43 49.28 -3.43
N SER B 340 -9.77 48.87 -2.20
CA SER B 340 -9.68 47.46 -1.83
C SER B 340 -10.70 46.61 -2.56
N GLU B 341 -11.89 47.16 -2.82
CA GLU B 341 -12.92 46.40 -3.52
C GLU B 341 -12.57 46.22 -4.99
N LYS B 342 -12.07 47.26 -5.64
CA LYS B 342 -11.69 47.15 -7.04
C LYS B 342 -10.54 46.17 -7.22
N TYR B 343 -9.50 46.30 -6.40
CA TYR B 343 -8.33 45.43 -6.51
C TYR B 343 -8.71 43.97 -6.29
N VAL B 344 -9.37 43.68 -5.16
CA VAL B 344 -9.61 42.30 -4.78
C VAL B 344 -10.59 41.64 -5.75
N GLU B 345 -11.57 42.39 -6.23
CA GLU B 345 -12.48 41.86 -7.25
C GLU B 345 -11.76 41.58 -8.56
N GLN B 346 -10.79 42.43 -8.92
CA GLN B 346 -9.95 42.13 -10.09
C GLN B 346 -8.96 41.01 -9.78
N LEU B 347 -8.48 40.95 -8.53
CA LEU B 347 -7.66 39.81 -8.14
C LEU B 347 -8.48 38.54 -8.08
N LEU B 348 -9.73 38.63 -7.62
CA LEU B 348 -10.63 37.49 -7.68
C LEU B 348 -11.01 37.14 -9.12
N THR B 349 -11.07 38.15 -9.98
CA THR B 349 -11.29 37.88 -11.40
C THR B 349 -10.13 37.08 -11.98
N LEU B 350 -8.89 37.50 -11.71
CA LEU B 350 -7.73 36.69 -12.08
C LEU B 350 -7.76 35.34 -11.36
N PHE B 351 -7.99 35.38 -10.05
CA PHE B 351 -8.03 34.14 -9.27
C PHE B 351 -9.10 33.21 -9.81
N ASN B 352 -10.32 33.74 -10.03
CA ASN B 352 -11.42 32.89 -10.47
C ASN B 352 -11.23 32.43 -11.92
N ARG B 353 -10.59 33.27 -12.74
CA ARG B 353 -10.32 32.86 -14.12
C ARG B 353 -9.58 31.53 -14.16
N PHE B 354 -8.56 31.37 -13.31
CA PHE B 354 -7.82 30.11 -13.32
C PHE B 354 -8.30 29.16 -12.25
N SER B 355 -8.95 29.65 -11.20
CA SER B 355 -9.57 28.77 -10.22
C SER B 355 -10.82 28.12 -10.80
N LYS B 356 -11.61 28.87 -11.58
CA LYS B 356 -12.70 28.26 -12.33
C LYS B 356 -12.17 27.24 -13.32
N LEU B 357 -11.08 27.57 -14.01
CA LEU B 357 -10.42 26.60 -14.88
C LEU B 357 -10.14 25.30 -14.14
N VAL B 358 -9.50 25.40 -12.97
CA VAL B 358 -9.16 24.19 -12.21
C VAL B 358 -10.41 23.57 -11.61
N LYS B 359 -11.29 24.38 -11.04
CA LYS B 359 -12.48 23.84 -10.39
C LYS B 359 -13.37 23.12 -11.39
N GLU B 360 -13.38 23.57 -12.65
CA GLU B 360 -14.07 22.84 -13.70
C GLU B 360 -13.19 21.80 -14.38
N ALA B 361 -12.10 22.24 -15.02
CA ALA B 361 -11.33 21.33 -15.86
C ALA B 361 -10.76 20.16 -15.07
N PHE B 362 -10.33 20.40 -13.84
CA PHE B 362 -9.65 19.39 -13.03
C PHE B 362 -10.40 19.04 -11.75
N GLN B 363 -11.69 19.37 -11.68
CA GLN B 363 -12.51 19.08 -10.51
C GLN B 363 -11.84 19.59 -9.23
N ASP B 364 -11.44 20.86 -9.24
CA ASP B 364 -10.80 21.49 -8.09
C ASP B 364 -9.56 20.73 -7.65
N ASP B 365 -8.65 20.45 -8.58
CA ASP B 365 -7.61 19.47 -8.33
C ASP B 365 -6.60 20.01 -7.32
N PRO B 366 -6.07 19.18 -6.42
CA PRO B 366 -5.09 19.69 -5.44
C PRO B 366 -3.71 19.94 -6.01
N ARG B 367 -3.38 19.38 -7.18
CA ARG B 367 -2.06 19.61 -7.77
C ARG B 367 -2.07 20.81 -8.70
N PHE B 368 -3.15 21.00 -9.44
CA PHE B 368 -3.32 22.20 -10.26
C PHE B 368 -3.65 23.42 -9.42
N LEU B 369 -4.32 23.25 -8.28
CA LEU B 369 -4.40 24.34 -7.30
C LEU B 369 -3.01 24.68 -6.77
N THR B 370 -2.15 23.67 -6.58
CA THR B 370 -0.79 23.94 -6.14
C THR B 370 0.00 24.64 -7.23
N ALA B 371 -0.11 24.14 -8.47
CA ALA B 371 0.53 24.81 -9.59
C ALA B 371 -0.02 26.22 -9.76
N ARG B 372 -1.34 26.39 -9.59
CA ARG B 372 -1.93 27.72 -9.55
C ARG B 372 -1.35 28.55 -8.42
N ASP B 373 -1.28 27.98 -7.21
CA ASP B 373 -0.78 28.73 -6.06
C ASP B 373 0.67 29.10 -6.24
N LYS B 374 1.49 28.17 -6.75
CA LYS B 374 2.90 28.46 -6.98
C LYS B 374 3.06 29.54 -8.04
N ALA B 375 2.21 29.52 -9.08
CA ALA B 375 2.29 30.53 -10.12
C ALA B 375 2.02 31.93 -9.55
N TYR B 376 1.00 32.06 -8.71
CA TYR B 376 0.61 33.38 -8.21
C TYR B 376 1.68 33.96 -7.30
N LYS B 377 2.48 33.10 -6.67
CA LYS B 377 3.58 33.58 -5.84
C LYS B 377 4.56 34.39 -6.66
N ALA B 378 4.52 34.24 -8.00
CA ALA B 378 5.33 35.08 -8.87
C ALA B 378 4.58 36.30 -9.38
N VAL B 379 3.27 36.40 -9.12
CA VAL B 379 2.40 37.37 -9.77
C VAL B 379 1.86 38.39 -8.78
N VAL B 380 1.22 37.92 -7.71
CA VAL B 380 0.45 38.80 -6.85
C VAL B 380 1.35 39.78 -6.09
N ASN B 381 2.66 39.54 -6.06
CA ASN B 381 3.61 40.45 -5.43
C ASN B 381 4.06 41.57 -6.36
N ASP B 382 3.49 41.66 -7.56
CA ASP B 382 3.76 42.79 -8.44
C ASP B 382 2.73 43.89 -8.20
N LYS B 406 2.66 45.80 -5.18
CA LYS B 406 3.84 45.16 -4.59
C LYS B 406 3.43 43.99 -3.71
N CYS B 407 2.15 43.95 -3.35
CA CYS B 407 1.61 42.88 -2.52
C CYS B 407 0.09 43.03 -2.40
N PRO B 408 -0.66 41.95 -2.19
CA PRO B 408 -2.12 42.08 -2.03
C PRO B 408 -2.52 42.51 -0.63
N GLU B 409 -1.99 43.66 -0.19
CA GLU B 409 -2.36 44.20 1.11
C GLU B 409 -3.84 44.49 1.19
N LEU B 410 -4.50 44.73 0.06
CA LEU B 410 -5.90 45.13 0.06
C LEU B 410 -6.85 43.97 0.33
N LEU B 411 -6.32 42.74 0.42
CA LEU B 411 -7.14 41.63 0.90
C LEU B 411 -7.54 41.84 2.35
N ALA B 412 -6.66 42.46 3.14
CA ALA B 412 -6.98 42.68 4.55
C ALA B 412 -7.82 43.94 4.72
N ASN B 413 -7.59 44.95 3.86
CA ASN B 413 -8.48 46.10 3.83
C ASN B 413 -9.86 45.70 3.32
N TYR B 414 -9.90 44.77 2.36
CA TYR B 414 -11.18 44.25 1.91
C TYR B 414 -11.87 43.48 3.01
N CYS B 415 -11.12 42.66 3.76
CA CYS B 415 -11.69 41.98 4.91
C CYS B 415 -12.25 42.98 5.90
N ASP B 416 -11.49 44.04 6.19
CA ASP B 416 -11.98 45.03 7.14
C ASP B 416 -13.31 45.61 6.67
N MET B 417 -13.46 45.81 5.36
CA MET B 417 -14.76 46.22 4.83
C MET B 417 -15.82 45.17 5.14
N LEU B 418 -15.44 43.89 5.08
CA LEU B 418 -16.34 42.80 5.45
C LEU B 418 -16.49 42.66 6.97
N LEU B 419 -15.47 43.01 7.75
CA LEU B 419 -15.52 42.87 9.20
C LEU B 419 -15.95 44.13 9.93
N ARG B 420 -15.92 45.29 9.28
CA ARG B 420 -16.31 46.54 9.91
C ARG B 420 -17.63 47.02 9.32
N LYS B 421 -18.34 47.85 10.09
CA LYS B 421 -19.61 48.41 9.63
C LYS B 421 -19.39 49.36 8.47
N THR B 422 -19.18 48.80 7.29
CA THR B 422 -18.90 49.52 6.06
C THR B 422 -20.00 49.19 5.05
N PRO B 423 -20.15 50.01 4.01
CA PRO B 423 -21.14 49.68 2.97
C PRO B 423 -21.03 48.26 2.44
N LEU B 424 -19.83 47.70 2.37
CA LEU B 424 -19.68 46.33 1.89
C LEU B 424 -20.39 45.35 2.81
N SER B 425 -20.39 45.61 4.12
CA SER B 425 -21.09 44.75 5.05
C SER B 425 -22.55 45.18 5.26
N LYS B 426 -22.93 46.34 4.73
CA LYS B 426 -24.32 46.77 4.81
C LYS B 426 -25.12 46.33 3.59
N LYS B 427 -24.51 46.32 2.41
CA LYS B 427 -25.18 45.87 1.19
C LYS B 427 -25.16 44.36 1.02
N LEU B 428 -24.33 43.64 1.78
CA LEU B 428 -24.27 42.19 1.75
C LEU B 428 -24.94 41.61 2.98
N THR B 429 -25.47 40.40 2.83
CA THR B 429 -26.03 39.66 3.94
C THR B 429 -24.96 38.77 4.57
N SER B 430 -25.35 38.07 5.64
CA SER B 430 -24.37 37.31 6.43
C SER B 430 -23.72 36.22 5.59
N GLU B 431 -24.50 35.53 4.76
CA GLU B 431 -23.94 34.48 3.91
C GLU B 431 -23.00 35.08 2.87
N GLU B 432 -23.33 36.26 2.35
CA GLU B 432 -22.46 36.90 1.35
C GLU B 432 -21.17 37.40 1.99
N ILE B 433 -21.24 37.90 3.23
CA ILE B 433 -20.05 38.34 3.93
C ILE B 433 -19.13 37.15 4.21
N GLU B 434 -19.68 36.06 4.72
CA GLU B 434 -18.87 34.87 5.00
C GLU B 434 -18.36 34.26 3.70
N ALA B 435 -19.16 34.29 2.64
CA ALA B 435 -18.72 33.77 1.36
C ALA B 435 -17.55 34.58 0.81
N LYS B 436 -17.60 35.90 0.96
CA LYS B 436 -16.49 36.73 0.48
C LYS B 436 -15.24 36.51 1.33
N LEU B 437 -15.39 36.30 2.63
CA LEU B 437 -14.24 35.94 3.46
C LEU B 437 -13.67 34.58 3.07
N LYS B 438 -14.54 33.66 2.65
CA LYS B 438 -14.04 32.36 2.18
C LYS B 438 -13.29 32.51 0.87
N GLU B 439 -13.77 33.40 -0.01
CA GLU B 439 -13.05 33.67 -1.26
C GLU B 439 -11.68 34.28 -0.99
N VAL B 440 -11.60 35.18 -0.01
CA VAL B 440 -10.30 35.71 0.39
C VAL B 440 -9.42 34.60 0.95
N LEU B 441 -10.00 33.70 1.75
CA LEU B 441 -9.21 32.57 2.24
C LEU B 441 -8.60 31.78 1.09
N LEU B 442 -9.39 31.48 0.05
CA LEU B 442 -8.86 30.74 -1.09
C LEU B 442 -7.76 31.51 -1.78
N VAL B 443 -7.87 32.84 -1.78
CA VAL B 443 -6.79 33.68 -2.31
C VAL B 443 -5.60 33.66 -1.37
N LEU B 444 -5.84 33.91 -0.08
CA LEU B 444 -4.74 34.01 0.88
C LEU B 444 -3.95 32.72 0.99
N LYS B 445 -4.57 31.57 0.71
CA LYS B 445 -3.84 30.30 0.72
C LYS B 445 -2.64 30.30 -0.21
N TYR B 446 -2.67 31.06 -1.30
CA TYR B 446 -1.56 31.12 -2.25
C TYR B 446 -0.67 32.34 -2.07
N VAL B 447 -1.21 33.44 -1.53
CA VAL B 447 -0.47 34.70 -1.52
C VAL B 447 0.89 34.50 -0.89
N GLN B 448 1.94 34.96 -1.58
CA GLN B 448 3.29 34.82 -1.09
C GLN B 448 3.60 35.79 0.05
N ASN B 449 2.98 36.96 0.06
CA ASN B 449 3.21 37.97 1.10
C ASN B 449 1.97 37.99 1.99
N LYS B 450 2.05 37.28 3.10
CA LYS B 450 0.91 37.09 4.00
C LYS B 450 0.97 37.99 5.23
N ASP B 451 2.16 38.44 5.62
CA ASP B 451 2.28 39.35 6.75
C ASP B 451 1.71 40.74 6.48
N VAL B 452 1.59 41.13 5.21
CA VAL B 452 0.91 42.39 4.91
C VAL B 452 -0.60 42.26 5.10
N PHE B 453 -1.15 41.07 4.85
CA PHE B 453 -2.52 40.79 5.22
C PHE B 453 -2.73 40.90 6.73
N MET B 454 -1.86 40.24 7.51
CA MET B 454 -1.92 40.34 8.96
C MET B 454 -1.54 41.74 9.45
N ARG B 455 -0.55 42.39 8.83
CA ARG B 455 -0.21 43.75 9.19
C ARG B 455 -1.47 44.62 9.25
N TYR B 456 -2.25 44.61 8.17
CA TYR B 456 -3.49 45.38 8.13
C TYR B 456 -4.58 44.72 8.97
N HIS B 457 -4.74 43.40 8.84
CA HIS B 457 -5.85 42.73 9.51
C HIS B 457 -5.75 42.90 11.02
N LYS B 458 -4.56 42.72 11.58
CA LYS B 458 -4.39 42.84 13.02
C LYS B 458 -4.47 44.29 13.46
N ALA B 459 -3.96 45.23 12.65
CA ALA B 459 -4.20 46.64 12.97
C ALA B 459 -5.69 46.96 12.88
N HIS B 460 -6.38 46.37 11.92
CA HIS B 460 -7.81 46.61 11.76
C HIS B 460 -8.60 45.95 12.89
N LEU B 461 -8.27 44.72 13.24
CA LEU B 461 -8.94 44.07 14.37
C LEU B 461 -8.79 44.90 15.63
N THR B 462 -7.59 45.43 15.87
CA THR B 462 -7.38 46.27 17.06
C THR B 462 -8.28 47.50 17.03
N ARG B 463 -8.34 48.20 15.89
CA ARG B 463 -9.11 49.44 15.86
C ARG B 463 -10.60 49.16 15.84
N ARG B 464 -11.04 48.05 15.22
CA ARG B 464 -12.45 47.70 15.22
C ARG B 464 -12.95 47.43 16.64
N LEU B 465 -12.15 46.71 17.44
CA LEU B 465 -12.60 46.35 18.78
C LEU B 465 -12.63 47.54 19.73
N ILE B 466 -11.59 48.38 19.70
CA ILE B 466 -11.48 49.45 20.69
C ILE B 466 -12.51 50.54 20.41
N LEU B 467 -12.89 50.72 19.15
CA LEU B 467 -13.89 51.70 18.77
C LEU B 467 -15.31 51.14 18.79
N ASP B 468 -15.47 49.84 19.02
CA ASP B 468 -16.78 49.19 18.97
C ASP B 468 -17.49 49.48 17.64
N ILE B 469 -16.77 49.26 16.54
CA ILE B 469 -17.29 49.52 15.20
C ILE B 469 -17.30 48.23 14.37
N SER B 470 -17.18 47.08 15.02
CA SER B 470 -17.17 45.81 14.30
C SER B 470 -18.53 45.53 13.67
N ALA B 471 -18.51 44.86 12.51
CA ALA B 471 -19.75 44.51 11.84
C ALA B 471 -20.63 43.64 12.72
N ASP B 472 -20.02 42.75 13.49
CA ASP B 472 -20.77 41.90 14.42
C ASP B 472 -19.79 41.23 15.37
N SER B 473 -20.27 40.92 16.57
CA SER B 473 -19.46 40.15 17.51
C SER B 473 -19.20 38.74 16.99
N GLU B 474 -20.19 38.14 16.31
CA GLU B 474 -19.99 36.82 15.72
C GLU B 474 -19.02 36.87 14.54
N ILE B 475 -19.03 37.96 13.76
CA ILE B 475 -18.09 38.08 12.65
C ILE B 475 -16.67 38.16 13.18
N GLU B 476 -16.46 38.91 14.27
CA GLU B 476 -15.12 39.00 14.86
C GLU B 476 -14.68 37.64 15.38
N GLU B 477 -15.59 36.88 15.99
CA GLU B 477 -15.23 35.56 16.50
C GLU B 477 -14.99 34.57 15.36
N ASN B 478 -15.78 34.69 14.28
CA ASN B 478 -15.60 33.80 13.13
C ASN B 478 -14.20 33.90 12.54
N MET B 479 -13.55 35.04 12.68
CA MET B 479 -12.18 35.19 12.16
C MET B 479 -11.19 34.34 12.93
N VAL B 480 -11.54 33.88 14.14
CA VAL B 480 -10.66 32.99 14.88
C VAL B 480 -10.56 31.65 14.18
N GLU B 481 -11.71 31.08 13.80
CA GLU B 481 -11.70 29.86 13.00
C GLU B 481 -11.24 30.14 11.58
N TRP B 482 -11.58 31.30 11.05
CA TRP B 482 -11.13 31.65 9.70
C TRP B 482 -9.61 31.56 9.58
N LEU B 483 -8.90 32.16 10.56
CA LEU B 483 -7.45 32.11 10.53
C LEU B 483 -6.93 30.72 10.85
N ARG B 484 -7.68 29.94 11.63
CA ARG B 484 -7.27 28.56 11.87
C ARG B 484 -7.45 27.71 10.62
N GLU B 485 -8.49 28.00 9.83
CA GLU B 485 -8.63 27.36 8.52
C GLU B 485 -7.50 27.77 7.58
N VAL B 486 -7.07 29.03 7.68
CA VAL B 486 -5.88 29.46 6.92
C VAL B 486 -4.65 28.73 7.44
N GLY B 487 -4.49 28.63 8.76
CA GLY B 487 -3.36 27.96 9.34
C GLY B 487 -2.37 28.89 10.00
N MET B 488 -2.83 30.08 10.39
CA MET B 488 -1.94 31.06 10.99
C MET B 488 -1.61 30.68 12.44
N PRO B 489 -0.48 31.16 12.96
CA PRO B 489 -0.12 30.85 14.35
C PRO B 489 -1.11 31.44 15.34
N ALA B 490 -1.19 30.82 16.52
CA ALA B 490 -2.09 31.32 17.56
C ALA B 490 -1.81 32.77 17.92
N ASP B 491 -0.56 33.21 17.77
CA ASP B 491 -0.22 34.60 18.09
C ASP B 491 -1.12 35.58 17.35
N TYR B 492 -1.60 35.21 16.16
CA TYR B 492 -2.49 36.03 15.36
C TYR B 492 -3.94 35.55 15.41
N VAL B 493 -4.14 34.24 15.51
CA VAL B 493 -5.49 33.68 15.53
C VAL B 493 -6.27 34.24 16.71
N ASN B 494 -5.64 34.27 17.88
CA ASN B 494 -6.32 34.61 19.12
C ASN B 494 -6.24 36.10 19.47
N LYS B 495 -5.85 36.94 18.51
CA LYS B 495 -5.82 38.38 18.76
C LYS B 495 -7.19 38.89 19.18
N LEU B 496 -8.26 38.30 18.65
CA LEU B 496 -9.60 38.71 19.05
C LEU B 496 -9.83 38.48 20.54
N ALA B 497 -9.41 37.32 21.04
CA ALA B 497 -9.55 37.04 22.47
C ALA B 497 -8.75 38.03 23.31
N ARG B 498 -7.56 38.38 22.85
CA ARG B 498 -6.75 39.33 23.60
C ARG B 498 -7.41 40.71 23.63
N MET B 499 -7.97 41.15 22.50
CA MET B 499 -8.66 42.43 22.45
C MET B 499 -9.92 42.40 23.30
N PHE B 500 -10.66 41.29 23.26
CA PHE B 500 -11.84 41.17 24.12
C PHE B 500 -11.48 41.36 25.59
N GLN B 501 -10.41 40.71 26.05
CA GLN B 501 -10.00 40.88 27.45
C GLN B 501 -9.59 42.32 27.72
N ASP B 502 -8.94 42.96 26.74
CA ASP B 502 -8.48 44.34 26.93
C ASP B 502 -9.67 45.30 27.03
N ILE B 503 -10.76 45.01 26.34
CA ILE B 503 -11.97 45.84 26.46
C ILE B 503 -12.50 45.77 27.89
N LYS B 504 -12.49 44.58 28.49
CA LYS B 504 -12.91 44.47 29.88
C LYS B 504 -12.01 45.30 30.79
N VAL B 505 -10.70 45.27 30.54
CA VAL B 505 -9.77 46.04 31.35
C VAL B 505 -10.09 47.53 31.26
N SER B 506 -10.37 48.02 30.06
CA SER B 506 -10.71 49.43 29.88
C SER B 506 -11.96 49.79 30.68
N GLU B 507 -12.97 48.92 30.65
CA GLU B 507 -14.21 49.20 31.36
C GLU B 507 -13.98 49.19 32.86
N ASP B 508 -13.16 48.26 33.36
CA ASP B 508 -12.88 48.20 34.78
C ASP B 508 -12.06 49.40 35.24
N LEU B 509 -11.09 49.82 34.43
CA LEU B 509 -10.33 51.03 34.75
C LEU B 509 -11.19 52.28 34.65
N ASN B 510 -12.12 52.31 33.68
CA ASN B 510 -13.03 53.45 33.56
C ASN B 510 -13.85 53.61 34.83
N GLN B 511 -14.52 52.54 35.27
CA GLN B 511 -15.35 52.64 36.47
C GLN B 511 -14.51 52.94 37.70
N ALA B 512 -13.28 52.41 37.73
CA ALA B 512 -12.42 52.64 38.89
C ALA B 512 -12.23 54.14 39.13
N PHE B 513 -12.11 54.93 38.08
CA PHE B 513 -11.99 56.37 38.25
C PHE B 513 -13.36 57.00 38.50
N LYS B 514 -14.34 56.67 37.66
CA LYS B 514 -15.62 57.39 37.70
C LYS B 514 -16.29 57.23 39.07
N GLU B 515 -16.13 56.07 39.70
CA GLU B 515 -16.80 55.80 40.97
C GLU B 515 -16.03 56.34 42.17
N MET B 516 -14.86 56.96 41.95
CA MET B 516 -14.03 57.45 43.04
C MET B 516 -13.76 58.95 42.96
N HIS B 517 -13.50 59.47 41.77
CA HIS B 517 -13.03 60.85 41.58
C HIS B 517 -14.18 61.67 41.02
N LYS B 518 -14.57 62.71 41.74
CA LYS B 518 -15.65 63.59 41.31
C LYS B 518 -15.73 64.82 42.21
N ALA B 523 -12.09 70.45 37.65
CA ALA B 523 -12.11 69.72 36.39
C ALA B 523 -13.54 69.43 35.96
N LEU B 524 -13.71 69.04 34.70
CA LEU B 524 -15.02 68.65 34.18
C LEU B 524 -15.64 67.60 35.10
N PRO B 525 -16.88 67.79 35.55
CA PRO B 525 -17.47 66.84 36.51
C PRO B 525 -17.44 65.43 35.96
N ALA B 526 -17.20 64.46 36.86
CA ALA B 526 -17.06 63.07 36.44
C ALA B 526 -18.27 62.58 35.66
N ASP B 527 -19.44 63.13 35.93
CA ASP B 527 -20.65 62.73 35.20
C ASP B 527 -20.54 63.03 33.71
N SER B 528 -19.63 63.91 33.30
CA SER B 528 -19.42 64.23 31.89
C SER B 528 -18.14 63.60 31.35
N VAL B 529 -17.46 62.77 32.13
CA VAL B 529 -16.17 62.21 31.75
C VAL B 529 -16.33 60.69 31.59
N ASN B 530 -15.87 60.18 30.45
CA ASN B 530 -15.90 58.74 30.15
C ASN B 530 -14.50 58.31 29.73
N ILE B 531 -13.85 57.51 30.57
CA ILE B 531 -12.44 57.19 30.41
C ILE B 531 -12.32 55.87 29.66
N LYS B 532 -11.40 55.81 28.71
CA LYS B 532 -11.14 54.59 27.95
C LYS B 532 -9.64 54.33 27.91
N ILE B 533 -9.19 53.34 28.69
CA ILE B 533 -7.78 53.03 28.81
C ILE B 533 -7.54 51.68 28.13
N LEU B 534 -6.95 51.73 26.95
CA LEU B 534 -6.76 50.54 26.12
C LEU B 534 -5.30 50.12 26.12
N ASN B 535 -5.04 48.95 25.55
CA ASN B 535 -3.67 48.47 25.41
C ASN B 535 -2.84 49.46 24.60
N ALA B 536 -1.52 49.36 24.75
CA ALA B 536 -0.64 50.33 24.11
C ALA B 536 -0.88 50.41 22.61
N GLY B 537 -1.23 49.29 21.99
CA GLY B 537 -1.38 49.26 20.54
C GLY B 537 -2.66 49.86 20.02
N ALA B 538 -3.60 50.21 20.92
CA ALA B 538 -4.88 50.76 20.47
C ALA B 538 -4.71 52.09 19.76
N TRP B 539 -3.83 52.95 20.24
CA TRP B 539 -3.71 54.31 19.72
C TRP B 539 -2.31 54.65 19.23
N SER B 540 -1.31 53.85 19.57
CA SER B 540 0.08 54.14 19.22
C SER B 540 0.32 53.83 17.74
N ARG B 541 -0.28 54.66 16.88
CA ARG B 541 -0.28 54.45 15.44
C ARG B 541 0.52 55.51 14.69
N SER B 542 1.09 56.48 15.41
CA SER B 542 1.84 57.55 14.77
C SER B 542 2.90 58.07 15.73
N SER B 543 3.94 58.66 15.16
CA SER B 543 4.98 59.32 15.96
C SER B 543 4.65 60.76 16.29
N GLU B 544 3.60 61.33 15.70
CA GLU B 544 3.25 62.73 15.90
C GLU B 544 2.50 62.92 17.22
N LYS B 545 3.27 62.92 18.31
CA LYS B 545 2.71 62.99 19.66
C LYS B 545 2.31 64.44 19.94
N VAL B 546 1.25 64.87 19.27
CA VAL B 546 0.80 66.26 19.35
C VAL B 546 -0.23 66.37 20.47
N PHE B 547 -0.06 67.37 21.33
CA PHE B 547 -1.02 67.69 22.36
C PHE B 547 -1.47 69.15 22.22
N VAL B 548 -2.76 69.38 22.45
CA VAL B 548 -3.43 70.58 21.99
C VAL B 548 -3.91 71.38 23.20
N SER B 549 -4.00 72.69 23.01
CA SER B 549 -4.52 73.55 24.05
C SER B 549 -5.99 73.27 24.29
N LEU B 550 -6.40 73.36 25.55
CA LEU B 550 -7.75 73.04 25.96
C LEU B 550 -8.22 73.99 27.06
N PRO B 551 -9.53 74.13 27.24
CA PRO B 551 -10.03 74.94 28.37
C PRO B 551 -9.74 74.27 29.70
N THR B 552 -9.80 75.08 30.75
CA THR B 552 -9.46 74.58 32.08
C THR B 552 -10.21 73.29 32.41
N GLU B 553 -11.48 73.21 32.00
CA GLU B 553 -12.28 72.03 32.35
C GLU B 553 -11.63 70.73 31.90
N LEU B 554 -10.85 70.75 30.82
CA LEU B 554 -10.13 69.57 30.35
C LEU B 554 -8.65 69.58 30.71
N GLU B 555 -8.01 70.76 30.69
CA GLU B 555 -6.59 70.84 30.98
C GLU B 555 -6.25 70.32 32.37
N ASP B 556 -7.09 70.61 33.36
CA ASP B 556 -6.89 70.17 34.73
C ASP B 556 -7.61 68.87 35.05
N LEU B 557 -8.11 68.18 34.03
CA LEU B 557 -8.79 66.90 34.20
C LEU B 557 -7.86 65.71 34.01
N ILE B 558 -7.01 65.74 32.98
CA ILE B 558 -6.10 64.61 32.74
C ILE B 558 -5.14 64.41 33.89
N PRO B 559 -4.48 65.43 34.45
CA PRO B 559 -3.56 65.18 35.57
C PRO B 559 -4.19 64.37 36.69
N GLU B 560 -5.47 64.60 36.98
CA GLU B 560 -6.15 63.85 38.02
C GLU B 560 -6.36 62.39 37.62
N VAL B 561 -6.71 62.14 36.36
CA VAL B 561 -6.85 60.77 35.88
C VAL B 561 -5.50 60.07 35.90
N GLU B 562 -4.45 60.77 35.48
CA GLU B 562 -3.11 60.18 35.48
C GLU B 562 -2.67 59.83 36.89
N GLU B 563 -2.84 60.76 37.83
CA GLU B 563 -2.38 60.53 39.19
C GLU B 563 -3.17 59.40 39.85
N PHE B 564 -4.47 59.30 39.54
CA PHE B 564 -5.27 58.19 40.03
C PHE B 564 -4.66 56.85 39.64
N TYR B 565 -4.37 56.67 38.35
CA TYR B 565 -3.83 55.39 37.90
C TYR B 565 -2.41 55.17 38.37
N LYS B 566 -1.61 56.24 38.49
CA LYS B 566 -0.24 56.07 38.99
C LYS B 566 -0.22 55.42 40.36
N LYS B 567 -1.16 55.79 41.24
CA LYS B 567 -1.17 55.29 42.61
C LYS B 567 -2.18 54.18 42.85
N ASN B 568 -3.34 54.24 42.20
CA ASN B 568 -4.37 53.23 42.42
C ASN B 568 -4.14 51.97 41.60
N HIS B 569 -3.44 52.11 40.47
CA HIS B 569 -3.14 50.95 39.59
C HIS B 569 -1.66 51.00 39.20
N TYR B 570 -0.77 50.68 40.15
CA TYR B 570 0.70 50.75 39.89
C TYR B 570 1.07 49.92 38.68
N GLY B 571 2.02 50.41 37.87
CA GLY B 571 2.50 49.63 36.72
C GLY B 571 1.80 50.01 35.43
N ARG B 572 0.48 50.20 35.47
CA ARG B 572 -0.25 50.48 34.23
C ARG B 572 -0.06 51.96 33.90
N LYS B 573 0.92 52.25 33.04
CA LYS B 573 1.27 53.62 32.69
C LYS B 573 0.43 54.07 31.51
N LEU B 574 -0.23 55.22 31.65
CA LEU B 574 -1.07 55.75 30.59
C LEU B 574 -0.25 56.53 29.59
N HIS B 575 -0.79 56.67 28.38
CA HIS B 575 -0.29 57.61 27.38
C HIS B 575 -1.47 58.13 26.58
N TRP B 576 -1.57 59.46 26.48
CA TRP B 576 -2.78 60.10 25.98
C TRP B 576 -2.59 60.55 24.54
N HIS B 577 -3.70 60.54 23.79
CA HIS B 577 -3.73 60.96 22.39
C HIS B 577 -4.91 61.91 22.23
N HIS B 578 -4.62 63.19 21.97
CA HIS B 578 -5.69 64.16 21.77
C HIS B 578 -6.33 64.03 20.39
N LEU B 579 -5.80 63.16 19.53
CA LEU B 579 -6.50 62.81 18.30
C LEU B 579 -7.61 61.80 18.56
N MET B 580 -7.56 61.11 19.70
CA MET B 580 -8.49 60.02 19.98
C MET B 580 -9.56 60.40 21.00
N SER B 581 -9.21 61.13 22.05
CA SER B 581 -10.21 61.63 22.98
C SER B 581 -11.15 62.61 22.29
N ASN B 582 -12.39 62.65 22.78
CA ASN B 582 -13.46 63.39 22.12
C ASN B 582 -14.37 63.98 23.19
N GLY B 583 -15.34 64.77 22.75
CA GLY B 583 -16.28 65.36 23.68
C GLY B 583 -17.35 66.15 22.96
N ILE B 584 -18.21 66.77 23.76
CA ILE B 584 -19.41 67.44 23.29
C ILE B 584 -19.36 68.90 23.73
N ILE B 585 -19.58 69.82 22.80
CA ILE B 585 -19.75 71.23 23.12
C ILE B 585 -21.09 71.71 22.55
N THR B 586 -21.82 72.49 23.34
CA THR B 586 -23.11 73.02 22.93
C THR B 586 -22.92 74.35 22.23
N PHE B 587 -23.61 74.54 21.10
CA PHE B 587 -23.54 75.77 20.32
C PHE B 587 -24.95 76.28 20.06
N LYS B 588 -25.07 77.59 19.91
CA LYS B 588 -26.22 78.19 19.25
C LYS B 588 -25.76 79.09 18.11
N ASN B 589 -26.55 79.11 17.04
CA ASN B 589 -26.25 79.91 15.86
C ASN B 589 -27.52 80.60 15.38
N GLU B 590 -27.56 80.95 14.09
CA GLU B 590 -28.62 81.81 13.57
C GLU B 590 -29.84 81.04 13.12
N VAL B 591 -29.78 79.71 13.11
CA VAL B 591 -30.92 78.89 12.71
C VAL B 591 -31.43 78.00 13.84
N GLY B 592 -30.61 77.66 14.81
CA GLY B 592 -31.04 76.80 15.89
C GLY B 592 -29.88 76.43 16.78
N GLN B 593 -30.10 75.37 17.56
CA GLN B 593 -29.13 74.86 18.52
C GLN B 593 -28.60 73.51 18.05
N TYR B 594 -27.36 73.22 18.40
CA TYR B 594 -26.76 71.94 18.06
C TYR B 594 -25.64 71.63 19.05
N ASP B 595 -25.32 70.34 19.15
CA ASP B 595 -24.22 69.86 19.97
C ASP B 595 -23.23 69.12 19.07
N LEU B 596 -21.97 69.51 19.13
CA LEU B 596 -20.92 68.89 18.33
C LEU B 596 -20.20 67.84 19.18
N GLU B 597 -20.19 66.60 18.69
CA GLU B 597 -19.46 65.50 19.32
C GLU B 597 -18.20 65.26 18.48
N VAL B 598 -17.06 65.76 18.94
CA VAL B 598 -15.86 65.84 18.12
C VAL B 598 -14.64 65.44 18.95
N THR B 599 -13.52 65.25 18.25
CA THR B 599 -12.28 64.84 18.89
C THR B 599 -11.68 66.01 19.66
N THR B 600 -10.72 65.68 20.54
CA THR B 600 -10.13 66.71 21.40
C THR B 600 -9.39 67.75 20.57
N PHE B 601 -8.67 67.34 19.53
CA PHE B 601 -8.14 68.30 18.58
C PHE B 601 -9.23 69.24 18.07
N GLN B 602 -10.39 68.66 17.73
CA GLN B 602 -11.50 69.48 17.25
C GLN B 602 -12.06 70.34 18.37
N LEU B 603 -12.05 69.82 19.59
CA LEU B 603 -12.52 70.61 20.73
C LEU B 603 -11.65 71.84 20.92
N ALA B 604 -10.34 71.70 20.75
CA ALA B 604 -9.45 72.86 20.85
C ALA B 604 -9.68 73.83 19.71
N VAL B 605 -9.90 73.31 18.49
CA VAL B 605 -10.24 74.18 17.37
C VAL B 605 -11.58 74.87 17.64
N LEU B 606 -12.56 74.13 18.14
CA LEU B 606 -13.83 74.73 18.53
C LEU B 606 -13.65 75.75 19.64
N PHE B 607 -12.78 75.49 20.62
CA PHE B 607 -12.51 76.46 21.67
C PHE B 607 -12.17 77.81 21.08
N ALA B 608 -11.32 77.82 20.04
CA ALA B 608 -11.04 79.06 19.34
C ALA B 608 -12.30 79.65 18.74
N TRP B 609 -13.21 78.79 18.28
CA TRP B 609 -14.46 79.26 17.69
C TRP B 609 -15.52 79.58 18.74
N ASN B 610 -15.45 78.96 19.92
CA ASN B 610 -16.59 78.96 20.83
C ASN B 610 -17.06 80.38 21.15
N GLN B 611 -16.13 81.27 21.47
CA GLN B 611 -16.48 82.63 21.89
C GLN B 611 -16.50 83.61 20.72
N ARG B 612 -16.21 83.16 19.51
CA ARG B 612 -16.13 84.05 18.36
C ARG B 612 -16.46 83.28 17.07
N PRO B 613 -17.61 82.62 16.98
CA PRO B 613 -17.89 81.81 15.79
C PRO B 613 -18.05 82.61 14.52
N ARG B 614 -18.38 83.90 14.62
CA ARG B 614 -18.53 84.76 13.46
C ARG B 614 -17.26 85.55 13.12
N GLU B 615 -16.17 85.35 13.86
CA GLU B 615 -14.92 86.01 13.53
C GLU B 615 -14.05 85.07 12.69
N LYS B 616 -13.54 85.59 11.58
CA LYS B 616 -12.69 84.85 10.66
C LYS B 616 -11.33 84.66 11.31
N ILE B 617 -10.86 83.40 11.34
CA ILE B 617 -9.56 83.05 11.92
C ILE B 617 -8.73 82.39 10.84
N SER B 618 -7.48 82.82 10.70
CA SER B 618 -6.60 82.24 9.70
C SER B 618 -6.09 80.87 10.15
N PHE B 619 -5.65 80.08 9.18
CA PHE B 619 -5.02 78.80 9.49
C PHE B 619 -3.86 78.99 10.47
N GLU B 620 -3.02 80.00 10.23
CA GLU B 620 -1.92 80.28 11.15
C GLU B 620 -2.45 80.59 12.55
N ASN B 621 -3.52 81.39 12.62
CA ASN B 621 -4.06 81.81 13.94
C ASN B 621 -4.56 80.58 14.70
N VAL B 622 -5.28 79.68 14.02
CA VAL B 622 -5.74 78.42 14.69
C VAL B 622 -4.51 77.66 15.18
N LYS B 623 -3.48 77.53 14.32
CA LYS B 623 -2.23 76.84 14.71
C LYS B 623 -1.72 77.45 16.04
N LEU B 624 -1.81 78.77 16.18
CA LEU B 624 -1.32 79.43 17.39
C LEU B 624 -2.30 79.26 18.55
N ALA B 625 -3.60 79.34 18.27
CA ALA B 625 -4.60 79.17 19.32
C ALA B 625 -4.60 77.73 19.86
N THR B 626 -4.40 76.75 18.98
CA THR B 626 -4.48 75.36 19.38
C THR B 626 -3.11 74.70 19.60
N GLU B 627 -2.04 75.31 19.10
CA GLU B 627 -0.70 74.71 19.13
C GLU B 627 -0.67 73.38 18.37
N LEU B 628 -1.28 73.38 17.16
CA LEU B 628 -1.26 72.21 16.30
C LEU B 628 -0.32 72.42 15.12
N PRO B 629 0.41 71.38 14.69
CA PRO B 629 1.15 71.47 13.44
C PRO B 629 0.23 71.41 12.23
N ASP B 630 0.81 71.66 11.06
CA ASP B 630 0.03 71.66 9.83
C ASP B 630 -0.72 70.35 9.64
N ALA B 631 -0.06 69.22 9.93
CA ALA B 631 -0.64 67.92 9.62
C ALA B 631 -1.92 67.68 10.42
N GLU B 632 -1.91 67.98 11.71
CA GLU B 632 -3.06 67.66 12.56
C GLU B 632 -4.18 68.68 12.39
N LEU B 633 -3.82 69.95 12.16
CA LEU B 633 -4.84 70.97 11.94
C LEU B 633 -5.51 70.79 10.58
N ARG B 634 -4.73 70.39 9.57
CA ARG B 634 -5.32 70.09 8.27
C ARG B 634 -6.29 68.92 8.37
N ARG B 635 -5.87 67.85 9.06
CA ARG B 635 -6.78 66.72 9.27
C ARG B 635 -7.93 67.11 10.20
N THR B 636 -7.65 67.86 11.26
CA THR B 636 -8.69 68.25 12.20
C THR B 636 -9.75 69.10 11.52
N LEU B 637 -9.33 70.13 10.78
CA LEU B 637 -10.29 71.01 10.12
C LEU B 637 -11.07 70.28 9.04
N TRP B 638 -10.40 69.41 8.28
CA TRP B 638 -11.10 68.66 7.24
C TRP B 638 -12.36 68.01 7.78
N SER B 639 -12.29 67.42 8.97
CA SER B 639 -13.47 66.79 9.57
C SER B 639 -14.55 67.79 9.90
N LEU B 640 -14.24 69.08 9.94
CA LEU B 640 -15.24 70.11 10.20
C LEU B 640 -15.66 70.89 8.97
N VAL B 641 -14.80 71.00 7.97
CA VAL B 641 -15.11 71.78 6.76
C VAL B 641 -15.57 70.90 5.61
N ALA B 642 -15.17 69.63 5.56
CA ALA B 642 -15.47 68.73 4.46
C ALA B 642 -15.71 67.33 4.99
N PHE B 643 -16.63 67.22 5.95
CA PHE B 643 -16.94 65.90 6.52
C PHE B 643 -17.70 65.07 5.50
N PRO B 644 -17.37 63.79 5.33
CA PRO B 644 -18.09 62.98 4.33
C PRO B 644 -19.56 62.85 4.69
N LYS B 645 -20.39 62.80 3.65
CA LYS B 645 -21.81 62.46 3.78
C LYS B 645 -22.50 63.35 4.83
N LEU B 646 -22.17 64.64 4.82
CA LEU B 646 -22.76 65.60 5.73
C LEU B 646 -23.42 66.73 4.95
N LYS B 647 -24.71 66.96 5.23
CA LYS B 647 -25.46 67.94 4.47
C LYS B 647 -25.03 69.36 4.75
N ARG B 648 -24.65 69.65 5.99
CA ARG B 648 -24.19 70.98 6.39
C ARG B 648 -22.91 70.87 7.20
N GLN B 649 -21.88 71.60 6.77
CA GLN B 649 -20.58 71.55 7.41
C GLN B 649 -20.55 72.50 8.61
N VAL B 650 -19.62 72.23 9.54
CA VAL B 650 -19.52 73.04 10.74
C VAL B 650 -18.73 74.32 10.47
N LEU B 651 -17.56 74.19 9.84
CA LEU B 651 -16.70 75.32 9.51
C LEU B 651 -16.68 75.57 8.02
N LEU B 652 -16.56 76.84 7.66
CA LEU B 652 -16.50 77.30 6.28
C LEU B 652 -15.13 77.88 5.97
N TYR B 653 -14.76 77.83 4.69
CA TYR B 653 -13.52 78.41 4.22
C TYR B 653 -13.73 78.97 2.82
N GLU B 654 -12.89 79.95 2.47
CA GLU B 654 -13.07 80.71 1.24
C GLU B 654 -12.37 80.05 0.04
N PRO B 655 -11.13 79.58 0.19
CA PRO B 655 -10.43 78.98 -0.95
C PRO B 655 -11.05 77.67 -1.39
N GLN B 656 -10.77 77.31 -2.63
CA GLN B 656 -11.07 75.99 -3.15
C GLN B 656 -9.90 75.05 -2.88
N VAL B 657 -10.22 73.86 -2.36
CA VAL B 657 -9.22 72.86 -2.04
C VAL B 657 -9.61 71.54 -2.71
N ASN B 658 -8.62 70.65 -2.81
CA ASN B 658 -8.85 69.27 -3.21
C ASN B 658 -8.72 68.29 -2.05
N SER B 659 -7.95 68.64 -1.02
CA SER B 659 -7.66 67.73 0.08
C SER B 659 -7.08 68.55 1.22
N PRO B 660 -6.91 67.95 2.40
CA PRO B 660 -6.38 68.73 3.54
C PRO B 660 -5.07 69.44 3.25
N LYS B 661 -4.25 68.91 2.34
CA LYS B 661 -2.94 69.50 2.07
C LYS B 661 -3.04 70.92 1.55
N ASP B 662 -4.19 71.33 1.01
CA ASP B 662 -4.32 72.61 0.35
C ASP B 662 -4.72 73.74 1.29
N PHE B 663 -4.76 73.49 2.59
CA PHE B 663 -4.99 74.56 3.56
C PHE B 663 -3.69 75.26 3.89
N THR B 664 -3.63 76.56 3.60
CA THR B 664 -2.43 77.35 3.74
C THR B 664 -2.54 78.26 4.96
N GLU B 665 -1.40 78.82 5.37
CA GLU B 665 -1.38 79.64 6.58
C GLU B 665 -2.27 80.86 6.45
N GLY B 666 -2.48 81.35 5.23
CA GLY B 666 -3.37 82.45 4.98
C GLY B 666 -4.82 82.09 4.77
N THR B 667 -5.16 80.80 4.85
CA THR B 667 -6.54 80.39 4.63
C THR B 667 -7.42 80.83 5.80
N LEU B 668 -8.56 81.43 5.46
CA LEU B 668 -9.49 81.92 6.47
C LEU B 668 -10.62 80.91 6.68
N PHE B 669 -11.05 80.77 7.92
CA PHE B 669 -12.14 79.88 8.29
C PHE B 669 -13.16 80.66 9.11
N SER B 670 -14.39 80.17 9.12
CA SER B 670 -15.43 80.69 9.99
C SER B 670 -16.42 79.57 10.31
N VAL B 671 -17.28 79.81 11.29
CA VAL B 671 -18.28 78.83 11.68
C VAL B 671 -19.52 79.02 10.82
N ASN B 672 -20.11 77.91 10.38
CA ASN B 672 -21.33 77.95 9.58
C ASN B 672 -22.50 78.31 10.48
N GLN B 673 -23.08 79.49 10.27
CA GLN B 673 -24.16 79.97 11.13
C GLN B 673 -25.50 79.32 10.79
N GLU B 674 -25.58 78.52 9.73
CA GLU B 674 -26.78 77.77 9.39
C GLU B 674 -26.64 76.29 9.71
N PHE B 675 -25.59 75.87 10.41
CA PHE B 675 -25.38 74.46 10.68
C PHE B 675 -26.34 73.97 11.74
N SER B 676 -26.86 72.75 11.55
CA SER B 676 -27.51 72.00 12.62
C SER B 676 -27.67 70.56 12.16
N LEU B 677 -28.19 69.72 13.04
CA LEU B 677 -28.52 68.35 12.67
C LEU B 677 -29.56 68.35 11.57
N ILE B 678 -29.32 67.56 10.52
CA ILE B 678 -30.20 67.49 9.36
C ILE B 678 -30.86 66.12 9.33
N LYS B 679 -32.18 66.11 9.16
CA LYS B 679 -32.95 64.87 9.05
C LYS B 679 -33.78 64.93 7.78
N ASN B 680 -33.60 63.95 6.90
CA ASN B 680 -34.30 63.91 5.62
C ASN B 680 -34.09 65.20 4.84
N ALA B 681 -32.90 65.78 4.91
CA ALA B 681 -32.55 67.03 4.25
C ALA B 681 -33.37 68.20 4.80
N LYS B 682 -33.88 68.08 6.02
CA LYS B 682 -34.58 69.15 6.71
C LYS B 682 -33.74 69.64 7.88
N VAL B 683 -33.73 70.95 8.10
CA VAL B 683 -32.91 71.54 9.15
C VAL B 683 -33.63 71.41 10.48
N GLN B 684 -32.96 70.81 11.46
CA GLN B 684 -33.52 70.63 12.79
C GLN B 684 -33.11 71.77 13.70
N LYS B 685 -33.91 72.02 14.73
CA LYS B 685 -33.62 73.06 15.70
C LYS B 685 -32.76 72.56 16.86
N ARG B 686 -32.65 71.25 17.06
CA ARG B 686 -31.79 70.70 18.09
C ARG B 686 -31.35 69.30 17.67
N GLY B 687 -30.11 68.98 18.00
CA GLY B 687 -29.60 67.63 17.80
C GLY B 687 -28.11 67.58 18.00
N LYS B 688 -27.60 66.35 18.09
CA LYS B 688 -26.18 66.10 18.27
C LYS B 688 -25.59 65.51 16.99
N ILE B 689 -24.49 66.09 16.54
CA ILE B 689 -23.80 65.68 15.31
C ILE B 689 -22.41 65.19 15.70
N ASN B 690 -22.07 63.99 15.26
CA ASN B 690 -20.74 63.41 15.45
C ASN B 690 -19.93 63.67 14.18
N LEU B 691 -18.82 64.40 14.32
CA LEU B 691 -17.92 64.69 13.23
C LEU B 691 -16.52 64.15 13.50
N ILE B 692 -16.44 63.03 14.21
CA ILE B 692 -15.16 62.39 14.47
C ILE B 692 -14.72 61.65 13.21
N GLY B 693 -15.64 60.88 12.62
CA GLY B 693 -15.36 60.28 11.34
C GLY B 693 -14.16 59.36 11.40
N ARG B 694 -13.18 59.62 10.52
CA ARG B 694 -12.00 58.77 10.40
C ARG B 694 -10.84 59.22 11.29
N LEU B 695 -11.05 60.25 12.12
CA LEU B 695 -9.95 60.77 12.94
C LEU B 695 -9.47 59.73 13.95
N GLN B 696 -10.35 58.83 14.39
CA GLN B 696 -9.99 57.78 15.33
C GLN B 696 -9.54 56.51 14.61
N LEU B 697 -9.56 56.55 13.28
CA LEU B 697 -9.18 55.39 12.45
C LEU B 697 -7.89 55.71 11.69
N THR B 698 -7.69 55.06 10.54
CA THR B 698 -6.52 55.37 9.68
C THR B 698 -7.06 55.69 8.30
N THR B 699 -6.77 56.88 7.79
CA THR B 699 -7.33 57.31 6.49
C THR B 699 -6.56 56.67 5.35
N GLU B 700 -6.85 57.05 4.11
CA GLU B 700 -6.13 56.51 2.93
C GLU B 700 -4.62 56.66 3.17
N ARG B 701 -4.20 57.77 3.78
CA ARG B 701 -2.77 57.99 4.10
C ARG B 701 -2.16 56.66 4.62
N MET B 702 -2.96 55.84 5.31
CA MET B 702 -2.42 54.61 5.87
C MET B 702 -1.62 53.84 4.83
N ARG B 703 -2.12 53.78 3.59
CA ARG B 703 -1.38 53.05 2.57
C ARG B 703 -0.09 53.77 2.21
N GLU B 704 -0.14 55.10 2.13
CA GLU B 704 1.07 55.85 1.78
C GLU B 704 2.16 55.66 2.82
N GLU B 705 1.79 55.64 4.10
CA GLU B 705 2.80 55.45 5.14
C GLU B 705 3.20 53.99 5.27
N GLU B 706 2.25 53.08 5.07
CA GLU B 706 2.53 51.66 5.20
C GLU B 706 3.24 51.12 3.96
N ASN B 707 3.07 51.79 2.81
CA ASN B 707 3.72 51.29 1.60
C ASN B 707 5.21 51.11 1.82
N GLU B 708 5.83 52.02 2.59
CA GLU B 708 7.24 51.85 2.89
C GLU B 708 7.47 50.58 3.69
N GLY B 709 6.60 50.31 4.67
CA GLY B 709 6.73 49.09 5.43
C GLY B 709 6.46 47.87 4.58
N ILE B 710 5.53 47.99 3.62
CA ILE B 710 5.25 46.87 2.73
C ILE B 710 6.49 46.53 1.93
N VAL B 711 7.21 47.55 1.46
CA VAL B 711 8.44 47.29 0.74
C VAL B 711 9.47 46.66 1.67
N GLN B 712 9.57 47.19 2.90
CA GLN B 712 10.53 46.65 3.84
C GLN B 712 10.24 45.19 4.13
N LEU B 713 8.97 44.82 4.23
CA LEU B 713 8.63 43.44 4.56
C LEU B 713 9.06 42.50 3.45
N ARG B 714 9.17 43.01 2.22
CA ARG B 714 9.51 42.16 1.09
C ARG B 714 10.90 41.57 1.27
N ILE B 715 11.72 42.20 2.10
CA ILE B 715 13.03 41.63 2.42
C ILE B 715 13.06 41.22 3.88
N LEU B 716 12.44 42.01 4.76
CA LEU B 716 12.58 41.80 6.20
C LEU B 716 12.17 40.39 6.59
N ARG B 717 11.01 39.92 6.11
CA ARG B 717 10.44 38.69 6.64
C ARG B 717 11.26 37.49 6.22
N THR B 718 11.77 37.49 4.99
CA THR B 718 12.68 36.43 4.59
C THR B 718 13.93 36.42 5.46
N GLN B 719 14.52 37.60 5.68
CA GLN B 719 15.77 37.65 6.44
C GLN B 719 15.51 37.39 7.91
N GLU B 720 14.31 37.71 8.40
CA GLU B 720 13.93 37.29 9.74
C GLU B 720 13.98 35.77 9.83
N ALA B 721 13.37 35.08 8.86
CA ALA B 721 13.36 33.62 8.90
C ALA B 721 14.79 33.10 8.79
N ILE B 722 15.61 33.73 7.96
CA ILE B 722 16.97 33.25 7.76
C ILE B 722 17.75 33.35 9.06
N ILE B 723 17.69 34.52 9.71
CA ILE B 723 18.44 34.72 10.93
C ILE B 723 17.95 33.76 12.01
N GLN B 724 16.63 33.62 12.13
CA GLN B 724 16.10 32.68 13.12
C GLN B 724 16.50 31.26 12.77
N ILE B 725 16.46 30.91 11.49
CA ILE B 725 16.87 29.57 11.08
C ILE B 725 18.34 29.36 11.36
N MET B 726 19.17 30.35 11.00
CA MET B 726 20.60 30.23 11.22
C MET B 726 20.96 30.17 12.71
N LYS B 727 20.17 30.80 13.59
CA LYS B 727 20.46 30.66 15.02
C LYS B 727 20.37 29.19 15.41
N MET B 728 19.35 28.50 14.90
CA MET B 728 19.12 27.08 15.17
C MET B 728 19.73 26.17 14.11
N ARG B 729 20.31 26.73 13.05
CA ARG B 729 21.01 25.96 12.01
C ARG B 729 22.39 26.60 11.84
N LYS B 730 23.36 26.11 12.62
CA LYS B 730 24.64 26.80 12.74
C LYS B 730 25.40 26.85 11.42
N LYS B 731 25.30 25.81 10.60
CA LYS B 731 26.00 25.78 9.31
C LYS B 731 25.17 24.94 8.35
N ILE B 732 24.58 25.59 7.34
CA ILE B 732 23.76 24.87 6.36
C ILE B 732 23.95 25.46 4.97
N SER B 733 23.65 24.65 3.96
CA SER B 733 23.70 25.09 2.57
C SER B 733 22.52 25.99 2.25
N ASN B 734 22.63 26.71 1.13
CA ASN B 734 21.52 27.54 0.66
C ASN B 734 20.30 26.67 0.35
N ALA B 735 20.52 25.47 -0.17
CA ALA B 735 19.41 24.55 -0.42
C ALA B 735 18.75 24.12 0.89
N GLN B 736 19.54 23.89 1.94
CA GLN B 736 18.95 23.59 3.24
C GLN B 736 18.26 24.81 3.82
N LEU B 737 18.83 26.01 3.63
CA LEU B 737 18.20 27.23 4.11
C LEU B 737 16.86 27.44 3.42
N GLN B 738 16.83 27.33 2.09
CA GLN B 738 15.58 27.52 1.36
C GLN B 738 14.55 26.46 1.76
N THR B 739 15.00 25.23 2.02
CA THR B 739 14.10 24.20 2.51
C THR B 739 13.49 24.60 3.85
N GLU B 740 14.31 25.12 4.76
CA GLU B 740 13.79 25.58 6.04
C GLU B 740 12.89 26.80 5.87
N LEU B 741 13.24 27.68 4.93
CA LEU B 741 12.46 28.89 4.73
C LEU B 741 11.04 28.58 4.31
N VAL B 742 10.84 27.53 3.51
CA VAL B 742 9.50 27.18 3.05
C VAL B 742 8.60 26.92 4.25
N GLU B 743 9.11 26.22 5.26
CA GLU B 743 8.34 25.92 6.46
C GLU B 743 8.16 27.13 7.37
N ILE B 744 9.20 27.95 7.52
CA ILE B 744 9.10 29.09 8.43
C ILE B 744 8.27 30.20 7.81
N LEU B 745 8.46 30.47 6.52
CA LEU B 745 7.83 31.61 5.87
C LEU B 745 6.38 31.32 5.46
N LYS B 746 5.91 30.09 5.63
CA LYS B 746 4.60 29.70 5.12
C LYS B 746 3.47 30.59 5.64
N ASN B 747 3.62 31.17 6.83
CA ASN B 747 2.61 32.05 7.39
C ASN B 747 3.05 33.51 7.45
N MET B 748 4.06 33.89 6.67
CA MET B 748 4.56 35.27 6.69
C MET B 748 4.81 35.80 5.28
N PHE B 749 5.71 35.16 4.54
CA PHE B 749 6.25 35.77 3.32
C PHE B 749 7.10 34.75 2.57
N LEU B 750 6.50 34.02 1.63
CA LEU B 750 7.13 32.90 0.95
C LEU B 750 7.09 33.13 -0.55
N PRO B 751 7.96 33.98 -1.08
CA PRO B 751 8.01 34.21 -2.53
C PRO B 751 8.70 33.06 -3.26
N GLN B 752 8.72 33.17 -4.58
CA GLN B 752 9.52 32.27 -5.40
C GLN B 752 11.00 32.63 -5.27
N LYS B 753 11.85 31.70 -5.72
CA LYS B 753 13.29 31.86 -5.53
C LYS B 753 13.84 33.09 -6.26
N LYS B 754 13.08 33.63 -7.21
CA LYS B 754 13.53 34.83 -7.92
C LYS B 754 13.67 36.02 -7.00
N MET B 755 13.02 35.99 -5.83
CA MET B 755 13.26 36.97 -4.78
C MET B 755 14.16 36.45 -3.67
N ILE B 756 14.06 35.17 -3.33
CA ILE B 756 14.82 34.64 -2.20
C ILE B 756 16.31 34.69 -2.48
N LYS B 757 16.72 34.33 -3.70
CA LYS B 757 18.14 34.25 -4.00
C LYS B 757 18.86 35.51 -3.55
N GLU B 758 18.33 36.68 -3.91
CA GLU B 758 18.96 37.93 -3.51
C GLU B 758 18.84 38.16 -2.01
N GLN B 759 17.74 37.72 -1.41
CA GLN B 759 17.49 38.03 0.00
C GLN B 759 18.43 37.23 0.91
N ILE B 760 18.77 36.01 0.51
CA ILE B 760 19.72 35.21 1.27
C ILE B 760 21.14 35.73 1.06
N GLU B 761 21.41 36.25 -0.15
CA GLU B 761 22.75 36.76 -0.45
C GLU B 761 22.98 38.11 0.21
N TRP B 762 21.93 38.92 0.32
CA TRP B 762 22.09 40.27 0.85
C TRP B 762 22.57 40.23 2.30
N LEU B 763 22.21 39.16 3.03
CA LEU B 763 22.70 39.00 4.39
C LEU B 763 24.19 38.69 4.40
N ILE B 764 24.73 38.23 3.28
CA ILE B 764 26.18 38.10 3.18
C ILE B 764 26.84 39.44 2.85
N GLU B 765 26.31 40.17 1.86
CA GLU B 765 26.93 41.42 1.45
C GLU B 765 26.92 42.45 2.57
N HIS B 766 25.87 42.47 3.39
CA HIS B 766 25.76 43.43 4.49
C HIS B 766 26.27 42.89 5.81
N LYS B 767 27.00 41.77 5.79
CA LYS B 767 27.70 41.27 6.99
C LYS B 767 26.72 40.99 8.12
N TYR B 768 25.66 40.25 7.81
CA TYR B 768 24.80 39.68 8.83
C TYR B 768 25.05 38.20 9.06
N ILE B 769 25.22 37.44 7.96
CA ILE B 769 25.44 35.97 8.08
C ILE B 769 26.85 35.65 7.55
N LEU B 770 27.56 34.72 8.19
CA LEU B 770 28.89 34.30 7.69
C LEU B 770 28.69 33.17 6.67
N ARG B 771 29.69 32.91 5.81
CA ARG B 771 29.58 31.80 4.83
C ARG B 771 30.90 31.01 4.82
N ASP B 772 30.85 29.74 4.38
CA ASP B 772 32.06 28.87 4.40
C ASP B 772 33.14 29.46 3.48
N GLU B 773 34.38 29.56 3.99
CA GLU B 773 35.48 30.08 3.19
C GLU B 773 35.67 29.30 1.90
N SER B 774 35.27 28.04 1.89
CA SER B 774 35.43 27.18 0.72
C SER B 774 34.12 26.89 0.00
N ASP B 775 33.01 27.48 0.45
CA ASP B 775 31.71 27.19 -0.14
C ASP B 775 30.81 28.40 0.09
N ILE B 776 30.69 29.24 -0.93
CA ILE B 776 29.87 30.46 -0.82
C ILE B 776 28.38 30.15 -0.69
N ASN B 777 27.98 28.90 -0.89
CA ASN B 777 26.58 28.52 -0.81
C ASN B 777 26.23 27.85 0.51
N THR B 778 27.16 27.86 1.47
CA THR B 778 26.92 27.36 2.82
C THR B 778 27.07 28.50 3.81
N PHE B 779 26.03 28.73 4.61
CA PHE B 779 25.98 29.83 5.55
C PHE B 779 26.41 29.32 6.93
N ILE B 780 27.11 30.20 7.66
CA ILE B 780 27.62 29.92 8.99
C ILE B 780 27.08 31.00 9.93
N TYR B 781 26.58 30.56 11.09
CA TYR B 781 26.18 31.43 12.18
C TYR B 781 27.22 31.35 13.29
N MET B 782 27.48 32.48 13.94
CA MET B 782 28.42 32.56 15.04
C MET B 782 27.73 33.11 16.27
N ALA B 783 28.18 32.65 17.44
CA ALA B 783 27.64 33.09 18.71
C ALA B 783 26.23 32.56 18.93
N MET C 29 -19.41 80.91 26.07
CA MET C 29 -20.06 79.62 25.71
C MET C 29 -18.97 78.64 25.25
N PHE C 30 -17.85 78.58 25.96
CA PHE C 30 -16.71 77.68 25.58
C PHE C 30 -16.67 76.49 26.54
N SER C 31 -17.70 76.31 27.37
CA SER C 31 -17.74 75.21 28.37
C SER C 31 -17.95 73.85 27.68
N LEU C 32 -17.54 72.74 28.32
CA LEU C 32 -17.71 71.40 27.80
C LEU C 32 -18.95 70.75 28.39
N LYS C 33 -19.57 69.84 27.64
CA LYS C 33 -20.67 69.06 28.17
C LYS C 33 -20.26 67.61 28.41
N LYS C 34 -19.36 67.08 27.58
CA LYS C 34 -18.85 65.72 27.72
C LYS C 34 -17.41 65.62 27.22
N TRP C 35 -16.64 64.69 27.80
CA TRP C 35 -15.32 64.37 27.28
C TRP C 35 -15.02 62.90 27.47
N ASN C 36 -14.61 62.24 26.39
CA ASN C 36 -14.21 60.84 26.42
C ASN C 36 -12.69 60.81 26.61
N ALA C 37 -12.27 60.36 27.80
CA ALA C 37 -10.88 60.47 28.22
C ALA C 37 -10.11 59.26 27.70
N VAL C 38 -9.79 59.31 26.40
CA VAL C 38 -9.24 58.15 25.72
C VAL C 38 -7.73 58.13 25.90
N ALA C 39 -7.20 56.97 26.30
CA ALA C 39 -5.76 56.78 26.44
C ALA C 39 -5.45 55.30 26.33
N MET C 40 -4.15 55.00 26.20
CA MET C 40 -3.63 53.64 26.27
C MET C 40 -2.84 53.47 27.56
N TRP C 41 -2.68 52.21 27.98
CA TRP C 41 -1.80 51.84 29.07
C TRP C 41 -0.71 50.91 28.56
N SER C 42 0.43 50.92 29.25
CA SER C 42 1.51 50.00 28.98
C SER C 42 2.05 49.41 30.28
N TRP C 43 2.66 48.24 30.18
CA TRP C 43 3.21 47.56 31.34
C TRP C 43 4.47 48.25 31.84
N ASP C 44 4.61 48.33 33.15
CA ASP C 44 5.88 48.66 33.79
C ASP C 44 5.87 48.10 35.20
N VAL C 45 6.97 48.32 35.92
CA VAL C 45 7.07 47.85 37.30
C VAL C 45 6.37 48.80 38.26
N GLU C 46 6.61 50.11 38.15
CA GLU C 46 5.95 51.09 38.98
C GLU C 46 5.79 52.37 38.18
N CYS C 47 4.84 53.20 38.60
CA CYS C 47 4.49 54.43 37.89
C CYS C 47 5.15 55.65 38.52
N ASP C 48 6.02 55.46 39.51
CA ASP C 48 6.76 56.56 40.11
C ASP C 48 8.11 56.80 39.47
N THR C 49 8.71 55.79 38.85
CA THR C 49 10.01 55.90 38.23
C THR C 49 9.92 55.46 36.77
N CYS C 50 10.99 55.71 36.03
CA CYS C 50 11.06 55.41 34.61
C CYS C 50 12.46 54.94 34.26
N ALA C 51 12.58 53.73 33.73
CA ALA C 51 13.86 53.20 33.29
C ALA C 51 14.16 53.51 31.83
N ILE C 52 13.21 54.09 31.10
CA ILE C 52 13.37 54.32 29.66
C ILE C 52 13.20 55.79 29.30
N CYS C 53 13.20 56.67 30.30
CA CYS C 53 12.97 58.08 30.06
C CYS C 53 13.47 58.88 31.27
N ARG C 54 13.51 60.20 31.10
CA ARG C 54 13.85 61.12 32.18
C ARG C 54 12.72 62.12 32.41
N VAL C 55 11.50 61.79 31.98
CA VAL C 55 10.38 62.71 31.97
C VAL C 55 9.20 62.04 32.67
N GLN C 56 8.13 62.82 32.84
CA GLN C 56 6.90 62.28 33.41
C GLN C 56 6.53 60.97 32.72
N VAL C 57 6.16 59.96 33.52
CA VAL C 57 5.96 58.62 33.00
C VAL C 57 4.85 58.57 31.95
N MET C 58 4.00 59.59 31.90
CA MET C 58 2.88 59.63 30.97
C MET C 58 3.24 60.22 29.61
N ASP C 59 4.46 60.72 29.43
CA ASP C 59 4.91 61.28 28.17
C ASP C 59 5.60 60.21 27.32
N ALA C 60 6.06 60.61 26.13
CA ALA C 60 6.83 59.70 25.29
C ALA C 60 8.15 59.35 25.97
N CYS C 61 8.56 58.10 25.79
CA CYS C 61 9.81 57.62 26.36
C CYS C 61 10.99 58.32 25.70
N LEU C 62 11.93 58.77 26.53
CA LEU C 62 13.08 59.54 26.09
C LEU C 62 14.19 58.65 25.52
N ARG C 63 14.18 57.35 25.84
CA ARG C 63 15.21 56.45 25.34
C ARG C 63 15.29 56.50 23.81
N CYS C 64 14.16 56.69 23.13
CA CYS C 64 14.15 56.84 21.69
C CYS C 64 14.67 58.18 21.21
N GLN C 65 14.86 59.15 22.10
CA GLN C 65 15.35 60.47 21.75
C GLN C 65 16.74 60.74 22.33
N ALA C 66 16.83 60.90 23.66
CA ALA C 66 18.12 61.23 24.27
C ALA C 66 19.14 60.12 24.06
N GLU C 67 18.69 58.87 24.00
CA GLU C 67 19.57 57.72 23.84
C GLU C 67 19.61 57.19 22.42
N ASN C 68 19.09 57.96 21.46
CA ASN C 68 19.10 57.54 20.06
C ASN C 68 20.51 57.19 19.59
N ASP C 72 9.27 58.32 16.69
CA ASP C 72 9.19 58.65 18.11
C ASP C 72 8.75 57.43 18.92
N CYS C 73 8.58 57.60 20.23
CA CYS C 73 8.24 56.48 21.09
C CYS C 73 6.83 55.97 20.81
N VAL C 74 6.67 55.21 19.74
CA VAL C 74 5.40 54.60 19.39
C VAL C 74 5.35 53.21 20.03
N VAL C 75 4.46 53.04 21.00
CA VAL C 75 4.49 51.89 21.90
C VAL C 75 3.26 51.03 21.63
N VAL C 76 3.49 49.80 21.18
CA VAL C 76 2.46 48.95 20.62
C VAL C 76 2.44 47.63 21.40
N TRP C 77 1.25 47.06 21.52
CA TRP C 77 1.01 45.87 22.32
C TRP C 77 1.24 44.61 21.50
N GLY C 78 1.78 43.58 22.16
CA GLY C 78 2.00 42.29 21.55
C GLY C 78 1.28 41.19 22.32
N GLU C 79 1.50 39.96 21.86
CA GLU C 79 0.80 38.82 22.45
C GLU C 79 1.29 38.53 23.87
N CYS C 80 2.57 38.78 24.14
CA CYS C 80 3.14 38.52 25.46
C CYS C 80 2.67 39.52 26.51
N ASN C 81 1.80 40.47 26.15
CA ASN C 81 1.31 41.49 27.06
C ASN C 81 2.45 42.38 27.56
N HIS C 82 3.46 42.56 26.71
CA HIS C 82 4.50 43.56 26.92
C HIS C 82 4.73 44.35 25.64
N SER C 83 4.66 45.67 25.76
CA SER C 83 4.66 46.54 24.59
C SER C 83 6.06 46.66 24.02
N PHE C 84 6.13 47.18 22.79
CA PHE C 84 7.41 47.28 22.09
C PHE C 84 7.44 48.59 21.33
N HIS C 85 8.64 48.98 20.90
CA HIS C 85 8.84 50.22 20.17
C HIS C 85 8.72 49.95 18.67
N ASN C 86 7.65 50.49 18.07
CA ASN C 86 7.22 50.13 16.72
C ASN C 86 7.85 51.04 15.67
N CYS C 87 8.84 51.84 16.07
CA CYS C 87 9.63 52.59 15.09
C CYS C 87 11.01 51.95 14.90
N CYS C 88 11.26 50.84 15.59
CA CYS C 88 12.47 50.06 15.40
C CYS C 88 12.21 48.60 15.05
N MET C 89 11.19 47.98 15.63
CA MET C 89 10.88 46.60 15.28
C MET C 89 10.40 46.47 13.84
N SER C 90 9.81 47.52 13.28
CA SER C 90 9.29 47.46 11.92
C SER C 90 10.44 47.22 10.94
N LEU C 91 11.66 47.46 11.39
CA LEU C 91 12.86 47.21 10.60
C LEU C 91 13.78 46.16 11.18
N TRP C 92 13.95 46.12 12.50
CA TRP C 92 15.01 45.36 13.15
C TRP C 92 14.50 44.10 13.85
N VAL C 93 13.20 43.81 13.79
CA VAL C 93 12.67 42.59 14.38
C VAL C 93 13.31 41.35 13.76
N LYS C 94 13.80 41.46 12.53
CA LYS C 94 14.47 40.32 11.89
C LYS C 94 15.70 39.89 12.68
N GLN C 95 16.30 40.81 13.44
CA GLN C 95 17.49 40.51 14.22
C GLN C 95 17.28 40.63 15.72
N ASN C 96 16.35 41.48 16.18
CA ASN C 96 16.20 41.76 17.60
C ASN C 96 14.73 41.72 17.98
N ASN C 97 14.15 40.52 18.05
CA ASN C 97 12.71 40.35 18.26
C ASN C 97 12.37 40.44 19.75
N ARG C 98 12.62 41.62 20.30
CA ARG C 98 12.47 41.89 21.73
C ARG C 98 11.60 43.11 21.95
N CYS C 99 11.36 43.43 23.21
CA CYS C 99 10.66 44.65 23.60
C CYS C 99 11.69 45.59 24.24
N PRO C 100 12.32 46.48 23.45
CA PRO C 100 13.37 47.33 24.03
C PRO C 100 12.89 48.23 25.16
N LEU C 101 11.59 48.49 25.26
CA LEU C 101 11.05 49.38 26.29
C LEU C 101 10.48 48.63 27.49
N CYS C 102 10.62 47.31 27.53
CA CYS C 102 10.15 46.51 28.66
C CYS C 102 11.31 45.67 29.17
N GLN C 103 11.02 44.44 29.59
CA GLN C 103 12.02 43.49 30.05
C GLN C 103 11.87 42.12 29.42
N GLN C 104 11.17 42.00 28.29
CA GLN C 104 10.75 40.73 27.75
C GLN C 104 10.98 40.68 26.25
N ASP C 105 11.06 39.45 25.72
CA ASP C 105 11.05 39.24 24.29
C ASP C 105 9.68 39.53 23.71
N TRP C 106 9.65 39.86 22.41
CA TRP C 106 8.40 40.21 21.75
C TRP C 106 7.82 39.01 21.02
N VAL C 107 6.51 38.80 21.19
CA VAL C 107 5.75 37.82 20.43
C VAL C 107 4.93 38.57 19.41
N VAL C 108 5.21 38.36 18.13
CA VAL C 108 4.82 39.31 17.10
C VAL C 108 3.32 39.20 16.84
N GLN C 109 2.65 40.36 16.80
CA GLN C 109 1.28 40.46 16.31
C GLN C 109 1.13 41.53 15.23
N ARG C 110 1.63 42.74 15.48
CA ARG C 110 1.47 43.87 14.58
C ARG C 110 2.82 44.48 14.29
N ILE C 111 3.10 44.70 13.00
CA ILE C 111 4.37 45.26 12.56
C ILE C 111 4.21 46.61 11.88
N GLY C 112 3.00 47.14 11.80
CA GLY C 112 2.71 48.37 11.09
C GLY C 112 1.94 49.37 11.93
N LYS C 113 1.05 50.08 11.25
CA LYS C 113 0.29 51.15 11.88
C LYS C 113 -0.85 50.58 12.71
N ASP D 2 -1.71 -41.58 18.71
CA ASP D 2 -2.99 -42.33 18.78
C ASP D 2 -2.69 -43.84 18.73
N VAL D 3 -3.72 -44.69 18.86
CA VAL D 3 -3.55 -46.17 18.82
C VAL D 3 -4.59 -46.74 17.83
N PHE D 4 -4.18 -47.64 16.94
CA PHE D 4 -5.13 -48.28 16.00
C PHE D 4 -6.29 -48.86 16.81
N LEU D 5 -7.54 -48.64 16.40
CA LEU D 5 -8.72 -49.16 17.10
C LEU D 5 -9.82 -49.45 16.09
N MET D 6 -10.37 -50.67 16.14
CA MET D 6 -11.49 -51.01 15.28
C MET D 6 -12.80 -51.05 16.07
N ILE D 7 -13.86 -50.58 15.43
CA ILE D 7 -15.23 -50.73 15.88
C ILE D 7 -15.86 -51.85 15.09
N ARG D 8 -16.06 -53.01 15.72
CA ARG D 8 -16.37 -54.24 14.99
C ARG D 8 -17.64 -54.90 15.51
N ARG D 9 -18.39 -55.51 14.59
CA ARG D 9 -19.44 -56.44 14.95
C ARG D 9 -19.80 -57.24 13.70
N HIS D 10 -20.01 -58.54 13.88
CA HIS D 10 -20.32 -59.43 12.77
C HIS D 10 -19.37 -59.27 11.58
N LYS D 11 -19.86 -58.87 10.42
CA LYS D 11 -19.06 -58.82 9.20
C LYS D 11 -18.65 -57.39 8.84
N THR D 12 -18.82 -56.44 9.75
CA THR D 12 -18.45 -55.05 9.50
C THR D 12 -17.30 -54.65 10.44
N THR D 13 -16.21 -54.19 9.83
CA THR D 13 -15.01 -53.72 10.52
C THR D 13 -14.83 -52.26 10.20
N ILE D 14 -14.91 -51.40 11.21
CA ILE D 14 -14.75 -49.96 11.03
C ILE D 14 -13.43 -49.50 11.65
N PHE D 15 -12.61 -48.85 10.84
CA PHE D 15 -11.21 -48.59 11.13
C PHE D 15 -11.17 -47.24 11.82
N THR D 16 -10.89 -47.21 13.13
CA THR D 16 -10.81 -45.93 13.81
C THR D 16 -9.50 -45.85 14.62
N ASP D 17 -9.50 -44.99 15.64
CA ASP D 17 -8.36 -44.79 16.50
C ASP D 17 -8.80 -44.43 17.93
N ALA D 18 -7.80 -44.29 18.82
CA ALA D 18 -8.02 -43.81 20.18
C ALA D 18 -6.74 -43.10 20.64
N LYS D 19 -6.89 -42.22 21.63
CA LYS D 19 -5.80 -41.45 22.20
C LYS D 19 -5.31 -42.13 23.47
N GLU D 20 -3.98 -42.20 23.63
CA GLU D 20 -3.45 -42.96 24.76
C GLU D 20 -3.89 -42.36 26.09
N SER D 21 -3.99 -41.05 26.17
CA SER D 21 -4.21 -40.37 27.43
C SER D 21 -5.69 -40.20 27.76
N SER D 22 -6.57 -40.63 26.87
CA SER D 22 -7.99 -40.35 27.01
C SER D 22 -8.70 -41.46 27.77
N THR D 23 -9.72 -41.09 28.53
CA THR D 23 -10.62 -42.05 29.15
C THR D 23 -11.61 -42.62 28.12
N VAL D 24 -12.28 -43.70 28.51
CA VAL D 24 -13.23 -44.35 27.63
C VAL D 24 -14.35 -43.39 27.23
N PHE D 25 -14.74 -42.50 28.14
CA PHE D 25 -15.71 -41.47 27.78
C PHE D 25 -15.13 -40.50 26.76
N GLU D 26 -13.89 -40.04 26.97
CA GLU D 26 -13.23 -39.24 25.96
C GLU D 26 -13.08 -40.02 24.67
N LEU D 27 -12.78 -41.32 24.77
CA LEU D 27 -12.58 -42.12 23.57
C LEU D 27 -13.88 -42.29 22.80
N LYS D 28 -15.00 -42.27 23.52
CA LYS D 28 -16.31 -42.30 22.81
C LYS D 28 -16.39 -41.04 21.94
N ARG D 29 -15.81 -39.92 22.41
CA ARG D 29 -15.80 -38.70 21.61
C ARG D 29 -14.62 -38.68 20.63
N ILE D 30 -13.54 -39.38 20.93
CA ILE D 30 -12.45 -39.50 19.94
C ILE D 30 -12.92 -40.32 18.75
N VAL D 31 -13.56 -41.46 19.03
CA VAL D 31 -14.11 -42.28 17.95
C VAL D 31 -15.22 -41.54 17.21
N GLU D 32 -16.10 -40.86 17.96
CA GLU D 32 -17.11 -40.01 17.33
C GLU D 32 -16.46 -38.98 16.42
N GLY D 33 -15.36 -38.37 16.87
CA GLY D 33 -14.68 -37.38 16.05
C GLY D 33 -14.17 -37.97 14.74
N ILE D 34 -13.49 -39.11 14.80
CA ILE D 34 -12.90 -39.68 13.60
C ILE D 34 -13.96 -40.39 12.77
N LEU D 35 -14.95 -41.01 13.43
CA LEU D 35 -15.93 -41.82 12.74
C LEU D 35 -17.24 -41.09 12.46
N LYS D 36 -17.55 -40.03 13.20
CA LYS D 36 -18.84 -39.37 13.09
C LYS D 36 -19.97 -40.30 13.53
N ARG D 37 -19.71 -41.10 14.56
CA ARG D 37 -20.73 -41.93 15.19
C ARG D 37 -20.83 -41.60 16.68
N PRO D 38 -21.87 -40.90 17.12
CA PRO D 38 -21.96 -40.49 18.53
C PRO D 38 -22.23 -41.69 19.42
N PRO D 39 -21.87 -41.60 20.71
CA PRO D 39 -22.13 -42.73 21.63
C PRO D 39 -23.58 -42.86 22.05
N ASP D 40 -24.43 -43.27 21.10
CA ASP D 40 -25.88 -43.36 21.32
C ASP D 40 -26.10 -44.63 22.14
N GLU D 41 -25.90 -44.51 23.45
CA GLU D 41 -26.01 -45.70 24.35
C GLU D 41 -24.97 -46.74 23.89
N GLN D 42 -23.85 -46.27 23.33
CA GLN D 42 -22.78 -47.19 22.86
C GLN D 42 -21.55 -47.03 23.78
N ARG D 43 -21.04 -48.14 24.31
CA ARG D 43 -19.86 -48.09 25.21
C ARG D 43 -18.63 -48.62 24.45
N LEU D 44 -17.49 -47.94 24.61
CA LEU D 44 -16.23 -48.38 23.95
C LEU D 44 -15.59 -49.51 24.77
N TYR D 45 -14.94 -50.47 24.08
CA TYR D 45 -14.28 -51.61 24.78
C TYR D 45 -12.78 -51.52 24.58
N LYS D 46 -12.03 -52.40 25.26
CA LYS D 46 -10.55 -52.44 25.08
C LYS D 46 -10.14 -53.89 24.82
N ASP D 47 -10.10 -54.32 23.56
CA ASP D 47 -9.81 -55.75 23.27
C ASP D 47 -10.86 -56.58 24.02
N ASP D 48 -12.11 -56.10 24.05
CA ASP D 48 -13.25 -56.82 24.68
C ASP D 48 -13.30 -56.50 26.18
N GLN D 49 -12.28 -55.80 26.72
CA GLN D 49 -12.31 -55.36 28.14
C GLN D 49 -13.56 -54.50 28.33
N LEU D 50 -14.31 -54.69 29.42
CA LEU D 50 -15.61 -54.00 29.59
C LEU D 50 -15.46 -52.46 29.70
N LEU D 51 -14.47 -51.98 30.46
CA LEU D 51 -14.33 -50.54 30.70
C LEU D 51 -15.60 -49.96 31.33
N ASP D 52 -16.21 -50.73 32.24
CA ASP D 52 -17.48 -50.29 32.88
C ASP D 52 -18.48 -49.91 31.79
N ASP D 53 -19.30 -48.88 32.03
CA ASP D 53 -20.26 -48.41 30.99
C ASP D 53 -19.72 -47.09 30.42
N GLY D 54 -18.56 -46.65 30.90
CA GLY D 54 -17.97 -45.38 30.41
C GLY D 54 -17.40 -44.57 31.56
N LYS D 55 -16.74 -43.45 31.25
CA LYS D 55 -16.18 -42.58 32.29
C LYS D 55 -15.32 -43.36 33.28
N THR D 56 -14.47 -44.24 32.76
CA THR D 56 -13.50 -44.96 33.58
C THR D 56 -12.13 -44.91 32.93
N LEU D 57 -11.10 -45.08 33.77
CA LEU D 57 -9.70 -45.09 33.32
C LEU D 57 -8.96 -46.38 33.65
N GLY D 58 -9.28 -47.03 34.76
CA GLY D 58 -8.45 -48.09 35.28
C GLY D 58 -8.23 -49.25 34.32
N GLU D 59 -9.23 -49.58 33.49
CA GLU D 59 -9.11 -50.67 32.54
C GLU D 59 -8.70 -50.20 31.15
N CYS D 60 -8.57 -48.89 30.94
CA CYS D 60 -8.53 -48.36 29.58
C CYS D 60 -7.09 -48.37 29.10
N GLY D 61 -6.51 -49.57 28.97
CA GLY D 61 -5.12 -49.74 28.63
C GLY D 61 -4.81 -49.50 27.16
N PHE D 62 -5.22 -48.36 26.61
CA PHE D 62 -5.07 -48.07 25.18
C PHE D 62 -3.68 -47.50 24.91
N THR D 63 -2.68 -48.36 25.05
CA THR D 63 -1.33 -47.94 24.74
C THR D 63 -1.00 -48.32 23.30
N SER D 64 -0.44 -47.36 22.56
CA SER D 64 -0.20 -47.59 21.14
C SER D 64 0.70 -48.78 20.89
N GLN D 65 1.59 -49.08 21.84
CA GLN D 65 2.47 -50.24 21.72
C GLN D 65 1.70 -51.55 21.74
N THR D 66 0.47 -51.54 22.23
CA THR D 66 -0.37 -52.73 22.24
C THR D 66 -1.50 -52.64 21.24
N ALA D 67 -1.56 -51.54 20.46
CA ALA D 67 -2.62 -51.28 19.49
C ALA D 67 -2.05 -50.42 18.35
N ARG D 68 -0.96 -50.91 17.74
CA ARG D 68 -0.28 -50.27 16.61
C ARG D 68 -1.03 -50.48 15.30
N PRO D 69 -0.71 -49.68 14.26
CA PRO D 69 -1.37 -49.89 12.96
C PRO D 69 -1.26 -51.32 12.46
N GLN D 70 -0.26 -52.07 12.88
CA GLN D 70 -0.20 -53.46 12.48
C GLN D 70 -1.09 -54.35 13.33
N ALA D 71 -1.62 -53.82 14.43
CA ALA D 71 -2.35 -54.65 15.38
C ALA D 71 -3.48 -53.86 16.03
N PRO D 72 -4.68 -53.86 15.46
CA PRO D 72 -5.74 -52.99 15.97
C PRO D 72 -6.26 -53.46 17.31
N ALA D 73 -6.74 -52.50 18.10
CA ALA D 73 -7.57 -52.83 19.24
C ALA D 73 -8.96 -53.19 18.73
N THR D 74 -9.59 -54.14 19.39
CA THR D 74 -10.94 -54.56 19.03
C THR D 74 -11.94 -53.94 20.00
N VAL D 75 -12.98 -53.32 19.45
CA VAL D 75 -14.12 -52.84 20.23
C VAL D 75 -15.35 -53.50 19.67
N GLY D 76 -16.13 -54.14 20.54
CA GLY D 76 -17.35 -54.78 20.09
C GLY D 76 -18.45 -53.78 19.80
N LEU D 77 -18.21 -52.90 18.84
CA LEU D 77 -19.22 -51.87 18.47
C LEU D 77 -19.82 -51.27 19.74
N ALA D 87 -22.89 -59.36 25.30
CA ALA D 87 -22.72 -60.37 24.26
C ALA D 87 -22.19 -59.73 22.98
N LEU D 88 -20.94 -60.06 22.64
CA LEU D 88 -20.31 -59.57 21.43
C LEU D 88 -20.18 -60.71 20.42
N CYS D 89 -20.18 -60.35 19.14
CA CYS D 89 -20.04 -61.33 18.07
C CYS D 89 -19.35 -60.67 16.90
N ILE D 90 -18.10 -61.05 16.66
CA ILE D 90 -17.29 -60.44 15.62
C ILE D 90 -16.74 -61.55 14.75
N GLU D 91 -16.86 -61.39 13.46
CA GLU D 91 -16.30 -62.39 12.58
C GLU D 91 -14.79 -62.22 12.54
N PRO D 92 -14.02 -63.27 12.82
CA PRO D 92 -12.57 -63.12 12.78
C PRO D 92 -12.07 -63.10 11.35
N PHE D 93 -10.82 -62.71 11.20
CA PHE D 93 -10.16 -62.81 9.91
C PHE D 93 -9.45 -64.15 9.77
N SER D 94 -9.89 -64.92 8.78
CA SER D 94 -9.38 -66.27 8.59
C SER D 94 -7.99 -66.23 7.96
N SER D 95 -7.27 -67.33 8.07
CA SER D 95 -6.00 -67.45 7.37
C SER D 95 -6.24 -67.75 5.89
N PRO D 96 -5.27 -67.44 5.04
CA PRO D 96 -5.41 -67.78 3.62
C PRO D 96 -5.54 -69.28 3.44
N PRO D 97 -6.58 -69.74 2.76
CA PRO D 97 -6.72 -71.19 2.57
C PRO D 97 -5.83 -71.69 1.44
N GLU D 98 -4.54 -71.49 1.60
CA GLU D 98 -3.57 -71.75 0.54
C GLU D 98 -2.77 -72.99 0.88
N LEU D 99 -2.32 -73.68 -0.15
CA LEU D 99 -1.48 -74.85 -0.03
C LEU D 99 -0.03 -74.48 -0.29
N PRO D 100 0.93 -75.29 0.16
CA PRO D 100 2.33 -74.98 -0.14
C PRO D 100 2.53 -74.73 -1.61
N ASP D 101 1.81 -75.46 -2.46
CA ASP D 101 1.86 -75.30 -3.91
C ASP D 101 3.30 -75.22 -4.43
N VAL D 102 4.14 -76.14 -3.96
CA VAL D 102 5.54 -76.30 -4.37
C VAL D 102 6.39 -75.11 -3.95
N MET D 103 6.07 -73.94 -4.47
CA MET D 103 6.98 -72.82 -4.43
C MET D 103 6.93 -72.06 -3.12
N LYS D 104 5.96 -72.37 -2.25
CA LYS D 104 5.80 -71.68 -0.99
C LYS D 104 5.64 -72.73 0.11
N PRO D 105 6.72 -73.43 0.48
CA PRO D 105 6.61 -74.44 1.54
C PRO D 105 6.02 -73.86 2.80
N GLN D 106 5.24 -74.68 3.48
CA GLN D 106 4.59 -74.30 4.73
C GLN D 106 5.10 -75.16 5.88
N MET E 1 -18.52 -40.75 5.72
CA MET E 1 -17.28 -40.10 5.23
C MET E 1 -16.21 -41.12 4.87
N TYR E 2 -16.38 -42.35 5.36
CA TYR E 2 -15.52 -43.46 4.99
C TYR E 2 -15.89 -44.04 3.64
N VAL E 3 -14.91 -44.68 3.01
CA VAL E 3 -15.11 -45.47 1.81
C VAL E 3 -15.22 -46.93 2.23
N LYS E 4 -16.25 -47.60 1.75
CA LYS E 4 -16.48 -49.01 2.04
C LYS E 4 -15.69 -49.87 1.06
N LEU E 5 -14.82 -50.72 1.58
CA LEU E 5 -14.00 -51.60 0.75
C LEU E 5 -14.55 -53.02 0.84
N ILE E 6 -15.08 -53.52 -0.26
CA ILE E 6 -15.79 -54.79 -0.30
C ILE E 6 -14.80 -55.89 -0.66
N SER E 7 -14.70 -56.90 0.19
CA SER E 7 -13.85 -58.06 -0.09
C SER E 7 -14.63 -59.12 -0.87
N SER E 8 -13.90 -60.00 -1.55
CA SER E 8 -14.54 -61.09 -2.26
C SER E 8 -15.21 -62.10 -1.33
N ASP E 9 -14.91 -62.06 -0.03
CA ASP E 9 -15.55 -62.95 0.93
C ASP E 9 -16.83 -62.37 1.52
N GLY E 10 -17.23 -61.18 1.11
CA GLY E 10 -18.45 -60.62 1.61
C GLY E 10 -18.26 -59.79 2.85
N HIS E 11 -17.02 -59.65 3.31
CA HIS E 11 -16.70 -58.85 4.48
C HIS E 11 -16.57 -57.38 4.09
N GLU E 12 -17.11 -56.50 4.93
CA GLU E 12 -17.08 -55.06 4.67
C GLU E 12 -16.13 -54.31 5.59
N PHE E 13 -15.15 -53.63 4.99
CA PHE E 13 -14.11 -52.87 5.67
C PHE E 13 -14.40 -51.38 5.46
N ILE E 14 -14.58 -50.64 6.55
CA ILE E 14 -14.99 -49.24 6.49
C ILE E 14 -13.78 -48.37 6.81
N VAL E 15 -13.25 -47.68 5.80
CA VAL E 15 -12.00 -46.92 5.92
C VAL E 15 -12.26 -45.46 5.54
N LYS E 16 -11.79 -44.54 6.38
CA LYS E 16 -12.05 -43.12 6.15
C LYS E 16 -11.42 -42.66 4.84
N ARG E 17 -12.09 -41.74 4.14
CA ARG E 17 -11.52 -41.15 2.94
C ARG E 17 -10.13 -40.59 3.18
N GLU E 18 -9.88 -39.99 4.33
CA GLU E 18 -8.53 -39.55 4.65
C GLU E 18 -7.60 -40.73 4.77
N HIS E 19 -8.11 -41.82 5.32
CA HIS E 19 -7.33 -43.03 5.54
C HIS E 19 -7.08 -43.78 4.24
N ALA E 20 -8.04 -43.76 3.32
CA ALA E 20 -7.88 -44.48 2.06
C ALA E 20 -7.10 -43.66 1.05
N LEU E 21 -7.41 -42.37 0.94
CA LEU E 21 -6.88 -41.50 -0.11
C LEU E 21 -5.43 -41.12 0.22
N THR E 22 -4.57 -42.12 0.18
CA THR E 22 -3.19 -41.98 0.62
C THR E 22 -2.26 -42.43 -0.49
N SER E 23 -2.84 -42.79 -1.63
CA SER E 23 -2.13 -43.32 -2.78
C SER E 23 -2.85 -42.86 -4.04
N GLY E 24 -2.29 -43.23 -5.19
CA GLY E 24 -2.70 -42.59 -6.42
C GLY E 24 -4.05 -43.08 -6.91
N THR E 25 -4.10 -44.32 -7.37
CA THR E 25 -5.32 -44.83 -8.00
C THR E 25 -6.52 -44.67 -7.08
N ILE E 26 -6.34 -44.90 -5.78
CA ILE E 26 -7.48 -44.72 -4.88
C ILE E 26 -7.94 -43.27 -4.90
N LYS E 27 -7.02 -42.33 -5.12
CA LYS E 27 -7.44 -40.95 -5.33
C LYS E 27 -8.00 -40.76 -6.73
N ALA E 28 -7.45 -41.47 -7.72
CA ALA E 28 -7.92 -41.34 -9.08
C ALA E 28 -9.35 -41.84 -9.23
N MET E 29 -9.69 -42.93 -8.55
CA MET E 29 -11.06 -43.41 -8.60
C MET E 29 -11.91 -42.57 -7.65
N LEU E 30 -13.22 -42.64 -7.84
CA LEU E 30 -14.17 -41.99 -6.95
C LEU E 30 -14.14 -40.47 -7.13
N SER E 31 -12.94 -39.90 -7.29
CA SER E 31 -12.77 -38.45 -7.50
C SER E 31 -13.25 -38.08 -8.90
N GLY E 32 -14.55 -38.22 -9.09
CA GLY E 32 -15.17 -38.05 -10.37
C GLY E 32 -16.41 -38.91 -10.44
N PRO E 33 -16.79 -39.37 -11.63
CA PRO E 33 -18.02 -40.17 -11.74
C PRO E 33 -17.88 -41.58 -11.20
N ASN E 42 -17.91 -43.43 0.24
CA ASN E 42 -17.68 -44.06 -1.05
C ASN E 42 -17.74 -45.57 -0.90
N GLU E 43 -17.55 -46.26 -2.02
CA GLU E 43 -17.55 -47.71 -2.08
C GLU E 43 -16.47 -48.12 -3.06
N VAL E 44 -15.65 -49.10 -2.70
CA VAL E 44 -14.74 -49.71 -3.66
C VAL E 44 -14.84 -51.23 -3.56
N ASN E 45 -15.01 -51.90 -4.71
CA ASN E 45 -15.22 -53.34 -4.76
C ASN E 45 -13.94 -54.03 -5.21
N PHE E 46 -13.51 -55.04 -4.47
CA PHE E 46 -12.31 -55.80 -4.78
C PHE E 46 -12.74 -57.24 -5.00
N ARG E 47 -13.33 -57.51 -6.16
CA ARG E 47 -13.96 -58.80 -6.38
C ARG E 47 -12.94 -59.94 -6.41
N GLU E 48 -11.66 -59.61 -6.58
CA GLU E 48 -10.59 -60.60 -6.69
C GLU E 48 -9.79 -60.73 -5.40
N ILE E 49 -10.10 -59.93 -4.39
CA ILE E 49 -9.24 -59.83 -3.20
C ILE E 49 -10.01 -60.40 -2.02
N PRO E 50 -9.58 -61.52 -1.43
CA PRO E 50 -10.30 -62.07 -0.28
C PRO E 50 -10.16 -61.14 0.92
N SER E 51 -10.99 -61.41 1.93
CA SER E 51 -11.01 -60.55 3.11
C SER E 51 -9.72 -60.66 3.91
N HIS E 52 -9.08 -61.83 3.86
CA HIS E 52 -7.80 -62.01 4.52
C HIS E 52 -6.66 -61.33 3.77
N VAL E 53 -6.93 -60.75 2.60
CA VAL E 53 -5.96 -59.90 1.93
C VAL E 53 -6.36 -58.43 2.09
N LEU E 54 -7.65 -58.16 1.89
CA LEU E 54 -8.14 -56.79 1.93
C LEU E 54 -8.07 -56.21 3.34
N SER E 55 -8.08 -57.08 4.35
CA SER E 55 -7.88 -56.58 5.71
C SER E 55 -6.53 -55.87 5.86
N LYS E 56 -5.47 -56.49 5.35
CA LYS E 56 -4.16 -55.88 5.40
C LYS E 56 -4.08 -54.65 4.50
N VAL E 57 -4.80 -54.66 3.38
CA VAL E 57 -4.90 -53.45 2.57
C VAL E 57 -5.53 -52.32 3.38
N CYS E 58 -6.65 -52.60 4.06
CA CYS E 58 -7.34 -51.54 4.78
C CYS E 58 -6.53 -51.10 6.00
N MET E 59 -5.90 -52.06 6.68
CA MET E 59 -5.06 -51.68 7.79
C MET E 59 -3.83 -50.91 7.31
N TYR E 60 -3.34 -51.22 6.10
CA TYR E 60 -2.23 -50.44 5.58
C TYR E 60 -2.68 -49.02 5.25
N PHE E 61 -3.88 -48.87 4.74
CA PHE E 61 -4.40 -47.53 4.50
C PHE E 61 -4.42 -46.73 5.79
N THR E 62 -4.93 -47.32 6.87
CA THR E 62 -4.96 -46.60 8.13
C THR E 62 -3.53 -46.28 8.60
N TYR E 63 -2.63 -47.24 8.46
CA TYR E 63 -1.21 -47.00 8.75
C TYR E 63 -0.65 -45.85 7.93
N LYS E 64 -0.95 -45.80 6.63
CA LYS E 64 -0.35 -44.77 5.79
C LYS E 64 -0.76 -43.38 6.24
N VAL E 65 -2.04 -43.19 6.55
CA VAL E 65 -2.52 -41.85 6.83
C VAL E 65 -2.06 -41.41 8.21
N ARG E 66 -2.10 -42.34 9.17
CA ARG E 66 -1.70 -42.01 10.54
C ARG E 66 -0.22 -41.62 10.63
N TYR E 67 0.63 -42.16 9.75
CA TYR E 67 2.03 -41.77 9.67
C TYR E 67 2.36 -40.88 8.48
N THR E 68 1.37 -40.26 7.84
CA THR E 68 1.68 -39.37 6.72
C THR E 68 2.41 -38.12 7.18
N ASN E 69 2.28 -37.77 8.45
CA ASN E 69 2.94 -36.63 9.06
C ASN E 69 3.97 -37.04 10.11
N SER E 70 4.80 -38.03 9.80
CA SER E 70 5.69 -38.59 10.80
C SER E 70 6.94 -37.73 10.93
N SER E 71 7.80 -38.11 11.87
CA SER E 71 9.04 -37.36 12.06
C SER E 71 10.19 -37.94 11.26
N THR E 72 10.87 -38.95 11.78
CA THR E 72 12.05 -39.51 11.15
C THR E 72 11.90 -40.97 10.72
N GLU E 73 11.50 -41.85 11.62
CA GLU E 73 11.49 -43.28 11.35
C GLU E 73 10.08 -43.70 10.96
N ILE E 74 9.98 -44.74 10.15
CA ILE E 74 8.68 -45.30 9.80
C ILE E 74 8.68 -46.80 10.09
N PRO E 75 7.79 -47.30 10.95
CA PRO E 75 7.82 -48.72 11.31
C PRO E 75 7.59 -49.60 10.09
N GLU E 76 8.05 -50.84 10.21
CA GLU E 76 7.77 -51.87 9.23
C GLU E 76 6.35 -52.37 9.40
N PHE E 77 5.75 -52.86 8.30
CA PHE E 77 4.37 -53.34 8.31
C PHE E 77 4.35 -54.79 7.85
N PRO E 78 4.46 -55.76 8.76
CA PRO E 78 4.61 -57.15 8.33
C PRO E 78 3.43 -57.67 7.52
N ILE E 79 3.76 -58.49 6.51
CA ILE E 79 2.78 -59.09 5.60
C ILE E 79 2.99 -60.60 5.66
N ALA E 80 1.90 -61.35 5.73
CA ALA E 80 2.00 -62.81 5.69
C ALA E 80 2.47 -63.27 4.29
N PRO E 81 3.38 -64.24 4.22
CA PRO E 81 3.84 -64.71 2.90
C PRO E 81 2.73 -65.19 1.98
N GLU E 82 1.57 -65.61 2.49
CA GLU E 82 0.56 -66.18 1.60
C GLU E 82 -0.36 -65.13 0.99
N ILE E 83 -0.25 -63.86 1.38
CA ILE E 83 -1.13 -62.82 0.89
C ILE E 83 -0.40 -61.74 0.09
N ALA E 84 0.94 -61.71 0.13
CA ALA E 84 1.68 -60.65 -0.55
C ALA E 84 1.43 -60.67 -2.04
N LEU E 85 1.25 -61.85 -2.63
CA LEU E 85 1.02 -61.92 -4.06
C LEU E 85 -0.28 -61.20 -4.42
N GLU E 86 -1.30 -61.39 -3.59
CA GLU E 86 -2.58 -60.76 -3.88
C GLU E 86 -2.60 -59.32 -3.42
N LEU E 87 -1.78 -58.98 -2.43
CA LEU E 87 -1.64 -57.56 -2.10
C LEU E 87 -0.99 -56.78 -3.23
N LEU E 88 -0.03 -57.37 -3.93
CA LEU E 88 0.55 -56.67 -5.07
C LEU E 88 -0.50 -56.46 -6.15
N MET E 89 -1.29 -57.49 -6.43
CA MET E 89 -2.40 -57.30 -7.35
C MET E 89 -3.41 -56.27 -6.83
N ALA E 90 -3.73 -56.29 -5.54
CA ALA E 90 -4.53 -55.22 -4.96
C ALA E 90 -3.84 -53.87 -5.08
N ALA E 91 -2.52 -53.84 -4.91
CA ALA E 91 -1.78 -52.59 -5.05
C ALA E 91 -1.95 -51.99 -6.43
N ASN E 92 -1.97 -52.83 -7.47
CA ASN E 92 -2.18 -52.29 -8.80
C ASN E 92 -3.58 -51.75 -9.00
N PHE E 93 -4.48 -51.91 -8.02
CA PHE E 93 -5.79 -51.27 -8.09
C PHE E 93 -5.91 -50.10 -7.15
N LEU E 94 -4.84 -49.76 -6.43
CA LEU E 94 -4.92 -48.75 -5.38
C LEU E 94 -3.76 -47.77 -5.40
N ASP E 95 -2.55 -48.24 -5.68
CA ASP E 95 -1.37 -47.41 -5.55
C ASP E 95 -1.42 -46.19 -6.47
#